data_8JVC
# 
_entry.id   8JVC 
# 
_audit_conform.dict_name       mmcif_pdbx.dic 
_audit_conform.dict_version    5.392 
_audit_conform.dict_location   http://mmcif.pdb.org/dictionaries/ascii/mmcif_pdbx.dic 
# 
loop_
_database_2.database_id 
_database_2.database_code 
_database_2.pdbx_database_accession 
_database_2.pdbx_DOI 
PDB   8JVC         pdb_00008jvc 10.2210/pdb8jvc/pdb 
WWPDB D_1300039010 ?            ?                   
# 
_pdbx_audit_revision_history.ordinal             1 
_pdbx_audit_revision_history.data_content_type   'Structure model' 
_pdbx_audit_revision_history.major_revision      1 
_pdbx_audit_revision_history.minor_revision      0 
_pdbx_audit_revision_history.revision_date       2024-06-19 
# 
_pdbx_audit_revision_details.ordinal             1 
_pdbx_audit_revision_details.revision_ordinal    1 
_pdbx_audit_revision_details.data_content_type   'Structure model' 
_pdbx_audit_revision_details.provider            repository 
_pdbx_audit_revision_details.type                'Initial release' 
_pdbx_audit_revision_details.description         ? 
_pdbx_audit_revision_details.details             ? 
# 
_pdbx_database_status.status_code                     REL 
_pdbx_database_status.status_code_sf                  REL 
_pdbx_database_status.status_code_mr                  ? 
_pdbx_database_status.entry_id                        8JVC 
_pdbx_database_status.recvd_initial_deposition_date   2023-06-28 
_pdbx_database_status.SG_entry                        N 
_pdbx_database_status.deposit_site                    PDBJ 
_pdbx_database_status.process_site                    PDBJ 
_pdbx_database_status.status_code_cs                  ? 
_pdbx_database_status.status_code_nmr_data            ? 
_pdbx_database_status.methods_development_category    ? 
_pdbx_database_status.pdb_format_compatible           Y 
# 
_pdbx_contact_author.id                 2 
_pdbx_contact_author.email              kita.akiko.4u@kyoto-u.ac.jp 
_pdbx_contact_author.name_first         Akiko 
_pdbx_contact_author.name_last          Kita 
_pdbx_contact_author.name_mi            ? 
_pdbx_contact_author.role               'principal investigator/group leader' 
_pdbx_contact_author.identifier_ORCID   0000-0002-5174-6238 
# 
loop_
_audit_author.name 
_audit_author.pdbx_ordinal 
_audit_author.identifier_ORCID 
'Kita, A.'      1 ? 
'Ishida, Y.'    2 ? 
'Shimosaka, T.' 3 ? 
'Michimori, Y.' 4 ? 
'Makarova, K.'  5 ? 
'Koonin, E.'    6 ? 
'Atomi, H.'     7 ? 
'Miki, K.'      8 ? 
# 
_citation.abstract                  ? 
_citation.abstract_id_CAS           ? 
_citation.book_id_ISBN              ? 
_citation.book_publisher            ? 
_citation.book_publisher_city       ? 
_citation.book_title                ? 
_citation.coordinate_linkage        ? 
_citation.country                   US 
_citation.database_id_Medline       ? 
_citation.details                   ? 
_citation.id                        primary 
_citation.journal_abbrev            Proteins 
_citation.journal_id_ASTM           PSFGEY 
_citation.journal_id_CSD            0867 
_citation.journal_id_ISSN           1097-0134 
_citation.journal_full              ? 
_citation.journal_issue             ? 
_citation.journal_volume            92 
_citation.language                  ? 
_citation.page_first                768 
_citation.page_last                 775 
_citation.title                     
'Crystal structure of GTP-dependent dephospho-coenzyme A kinase from the hyperthermophilic archaeon, Thermococcus kodakarensis.' 
_citation.year                      2024 
_citation.database_id_CSD           ? 
_citation.pdbx_database_id_DOI      10.1002/prot.26666 
_citation.pdbx_database_id_PubMed   38235908 
_citation.pdbx_database_id_patent   ? 
_citation.unpublished_flag          ? 
# 
loop_
_citation_author.citation_id 
_citation_author.name 
_citation_author.ordinal 
_citation_author.identifier_ORCID 
primary 'Kita, A.'      1 ? 
primary 'Ishida, Y.'    2 ? 
primary 'Shimosaka, T.' 3 ? 
primary 'Michimori, Y.' 4 ? 
primary 'Makarova, K.'  5 ? 
primary 'Koonin, E.'    6 ? 
primary 'Atomi, H.'     7 ? 
primary 'Miki, K.'      8 ? 
# 
loop_
_entity.id 
_entity.type 
_entity.src_method 
_entity.pdbx_description 
_entity.formula_weight 
_entity.pdbx_number_of_molecules 
_entity.pdbx_ec 
_entity.pdbx_mutation 
_entity.pdbx_fragment 
_entity.details 
1 polymer man 'GTP-dependent dephospho-CoA kinase' 19686.150 1  2.7.1.237 ? ? ? 
2 water   nat water                                18.015    49 ?         ? ? ? 
# 
_entity_name_com.entity_id   1 
_entity_name_com.name        'Dephospho-coenzyme A kinase,DPCK' 
# 
_entity_poly.entity_id                      1 
_entity_poly.type                           'polypeptide(L)' 
_entity_poly.nstd_linkage                   no 
_entity_poly.nstd_monomer                   no 
_entity_poly.pdbx_seq_one_letter_code       
;MKMFFRLTRELRDELKRPLGELVRGPIPEPYLKVRGELEKHPVVTVGDVVTENVLKIGVKPIIALYDLKTKRKEYSPEIE
DTAVFLTVTNPPGTITKALLDTVRKAFGLAERGRNVHILVSGEEDLAAIPAVLYAPLGTLVLYGQPDEGVVLIKVTPECK
RRCAKILASMEVVRDGD
;
_entity_poly.pdbx_seq_one_letter_code_can   
;MKMFFRLTRELRDELKRPLGELVRGPIPEPYLKVRGELEKHPVVTVGDVVTENVLKIGVKPIIALYDLKTKRKEYSPEIE
DTAVFLTVTNPPGTITKALLDTVRKAFGLAERGRNVHILVSGEEDLAAIPAVLYAPLGTLVLYGQPDEGVVLIKVTPECK
RRCAKILASMEVVRDGD
;
_entity_poly.pdbx_strand_id                 A 
_entity_poly.pdbx_target_identifier         ? 
# 
_pdbx_entity_nonpoly.entity_id   2 
_pdbx_entity_nonpoly.name        water 
_pdbx_entity_nonpoly.comp_id     HOH 
# 
loop_
_entity_poly_seq.entity_id 
_entity_poly_seq.num 
_entity_poly_seq.mon_id 
_entity_poly_seq.hetero 
1 1   MET n 
1 2   LYS n 
1 3   MET n 
1 4   PHE n 
1 5   PHE n 
1 6   ARG n 
1 7   LEU n 
1 8   THR n 
1 9   ARG n 
1 10  GLU n 
1 11  LEU n 
1 12  ARG n 
1 13  ASP n 
1 14  GLU n 
1 15  LEU n 
1 16  LYS n 
1 17  ARG n 
1 18  PRO n 
1 19  LEU n 
1 20  GLY n 
1 21  GLU n 
1 22  LEU n 
1 23  VAL n 
1 24  ARG n 
1 25  GLY n 
1 26  PRO n 
1 27  ILE n 
1 28  PRO n 
1 29  GLU n 
1 30  PRO n 
1 31  TYR n 
1 32  LEU n 
1 33  LYS n 
1 34  VAL n 
1 35  ARG n 
1 36  GLY n 
1 37  GLU n 
1 38  LEU n 
1 39  GLU n 
1 40  LYS n 
1 41  HIS n 
1 42  PRO n 
1 43  VAL n 
1 44  VAL n 
1 45  THR n 
1 46  VAL n 
1 47  GLY n 
1 48  ASP n 
1 49  VAL n 
1 50  VAL n 
1 51  THR n 
1 52  GLU n 
1 53  ASN n 
1 54  VAL n 
1 55  LEU n 
1 56  LYS n 
1 57  ILE n 
1 58  GLY n 
1 59  VAL n 
1 60  LYS n 
1 61  PRO n 
1 62  ILE n 
1 63  ILE n 
1 64  ALA n 
1 65  LEU n 
1 66  TYR n 
1 67  ASP n 
1 68  LEU n 
1 69  LYS n 
1 70  THR n 
1 71  LYS n 
1 72  ARG n 
1 73  LYS n 
1 74  GLU n 
1 75  TYR n 
1 76  SER n 
1 77  PRO n 
1 78  GLU n 
1 79  ILE n 
1 80  GLU n 
1 81  ASP n 
1 82  THR n 
1 83  ALA n 
1 84  VAL n 
1 85  PHE n 
1 86  LEU n 
1 87  THR n 
1 88  VAL n 
1 89  THR n 
1 90  ASN n 
1 91  PRO n 
1 92  PRO n 
1 93  GLY n 
1 94  THR n 
1 95  ILE n 
1 96  THR n 
1 97  LYS n 
1 98  ALA n 
1 99  LEU n 
1 100 LEU n 
1 101 ASP n 
1 102 THR n 
1 103 VAL n 
1 104 ARG n 
1 105 LYS n 
1 106 ALA n 
1 107 PHE n 
1 108 GLY n 
1 109 LEU n 
1 110 ALA n 
1 111 GLU n 
1 112 ARG n 
1 113 GLY n 
1 114 ARG n 
1 115 ASN n 
1 116 VAL n 
1 117 HIS n 
1 118 ILE n 
1 119 LEU n 
1 120 VAL n 
1 121 SER n 
1 122 GLY n 
1 123 GLU n 
1 124 GLU n 
1 125 ASP n 
1 126 LEU n 
1 127 ALA n 
1 128 ALA n 
1 129 ILE n 
1 130 PRO n 
1 131 ALA n 
1 132 VAL n 
1 133 LEU n 
1 134 TYR n 
1 135 ALA n 
1 136 PRO n 
1 137 LEU n 
1 138 GLY n 
1 139 THR n 
1 140 LEU n 
1 141 VAL n 
1 142 LEU n 
1 143 TYR n 
1 144 GLY n 
1 145 GLN n 
1 146 PRO n 
1 147 ASP n 
1 148 GLU n 
1 149 GLY n 
1 150 VAL n 
1 151 VAL n 
1 152 LEU n 
1 153 ILE n 
1 154 LYS n 
1 155 VAL n 
1 156 THR n 
1 157 PRO n 
1 158 GLU n 
1 159 CYS n 
1 160 LYS n 
1 161 ARG n 
1 162 ARG n 
1 163 CYS n 
1 164 ALA n 
1 165 LYS n 
1 166 ILE n 
1 167 LEU n 
1 168 ALA n 
1 169 SER n 
1 170 MET n 
1 171 GLU n 
1 172 VAL n 
1 173 VAL n 
1 174 ARG n 
1 175 ASP n 
1 176 GLY n 
1 177 ASP n 
# 
_entity_src_gen.entity_id                          1 
_entity_src_gen.pdbx_src_id                        1 
_entity_src_gen.pdbx_alt_source_flag               sample 
_entity_src_gen.pdbx_seq_type                      'Biological sequence' 
_entity_src_gen.pdbx_beg_seq_num                   1 
_entity_src_gen.pdbx_end_seq_num                   177 
_entity_src_gen.gene_src_common_name               ? 
_entity_src_gen.gene_src_genus                     ? 
_entity_src_gen.pdbx_gene_src_gene                 TK1697 
_entity_src_gen.gene_src_species                   ? 
_entity_src_gen.gene_src_strain                    ? 
_entity_src_gen.gene_src_tissue                    ? 
_entity_src_gen.gene_src_tissue_fraction           ? 
_entity_src_gen.gene_src_details                   ? 
_entity_src_gen.pdbx_gene_src_fragment             ? 
_entity_src_gen.pdbx_gene_src_scientific_name      'Thermococcus kodakarensis' 
_entity_src_gen.pdbx_gene_src_ncbi_taxonomy_id     311400 
_entity_src_gen.pdbx_gene_src_variant              ? 
_entity_src_gen.pdbx_gene_src_cell_line            ? 
_entity_src_gen.pdbx_gene_src_atcc                 ? 
_entity_src_gen.pdbx_gene_src_organ                ? 
_entity_src_gen.pdbx_gene_src_organelle            ? 
_entity_src_gen.pdbx_gene_src_cell                 ? 
_entity_src_gen.pdbx_gene_src_cellular_location    ? 
_entity_src_gen.host_org_common_name               ? 
_entity_src_gen.pdbx_host_org_scientific_name      'Escherichia coli' 
_entity_src_gen.pdbx_host_org_ncbi_taxonomy_id     562 
_entity_src_gen.host_org_genus                     ? 
_entity_src_gen.pdbx_host_org_gene                 ? 
_entity_src_gen.pdbx_host_org_organ                ? 
_entity_src_gen.host_org_species                   ? 
_entity_src_gen.pdbx_host_org_tissue               ? 
_entity_src_gen.pdbx_host_org_tissue_fraction      ? 
_entity_src_gen.pdbx_host_org_strain               ? 
_entity_src_gen.pdbx_host_org_variant              ? 
_entity_src_gen.pdbx_host_org_cell_line            ? 
_entity_src_gen.pdbx_host_org_atcc                 ? 
_entity_src_gen.pdbx_host_org_culture_collection   ? 
_entity_src_gen.pdbx_host_org_cell                 ? 
_entity_src_gen.pdbx_host_org_organelle            ? 
_entity_src_gen.pdbx_host_org_cellular_location    ? 
_entity_src_gen.pdbx_host_org_vector_type          ? 
_entity_src_gen.pdbx_host_org_vector               ? 
_entity_src_gen.host_org_details                   ? 
_entity_src_gen.expression_system_id               ? 
_entity_src_gen.plasmid_name                       ? 
_entity_src_gen.plasmid_details                    ? 
_entity_src_gen.pdbx_description                   ? 
# 
loop_
_chem_comp.id 
_chem_comp.type 
_chem_comp.mon_nstd_flag 
_chem_comp.name 
_chem_comp.pdbx_synonyms 
_chem_comp.formula 
_chem_comp.formula_weight 
ALA 'L-peptide linking' y ALANINE         ? 'C3 H7 N O2'     89.093  
ARG 'L-peptide linking' y ARGININE        ? 'C6 H15 N4 O2 1' 175.209 
ASN 'L-peptide linking' y ASPARAGINE      ? 'C4 H8 N2 O3'    132.118 
ASP 'L-peptide linking' y 'ASPARTIC ACID' ? 'C4 H7 N O4'     133.103 
CYS 'L-peptide linking' y CYSTEINE        ? 'C3 H7 N O2 S'   121.158 
GLN 'L-peptide linking' y GLUTAMINE       ? 'C5 H10 N2 O3'   146.144 
GLU 'L-peptide linking' y 'GLUTAMIC ACID' ? 'C5 H9 N O4'     147.129 
GLY 'peptide linking'   y GLYCINE         ? 'C2 H5 N O2'     75.067  
HIS 'L-peptide linking' y HISTIDINE       ? 'C6 H10 N3 O2 1' 156.162 
HOH non-polymer         . WATER           ? 'H2 O'           18.015  
ILE 'L-peptide linking' y ISOLEUCINE      ? 'C6 H13 N O2'    131.173 
LEU 'L-peptide linking' y LEUCINE         ? 'C6 H13 N O2'    131.173 
LYS 'L-peptide linking' y LYSINE          ? 'C6 H15 N2 O2 1' 147.195 
MET 'L-peptide linking' y METHIONINE      ? 'C5 H11 N O2 S'  149.211 
PHE 'L-peptide linking' y PHENYLALANINE   ? 'C9 H11 N O2'    165.189 
PRO 'L-peptide linking' y PROLINE         ? 'C5 H9 N O2'     115.130 
SER 'L-peptide linking' y SERINE          ? 'C3 H7 N O3'     105.093 
THR 'L-peptide linking' y THREONINE       ? 'C4 H9 N O3'     119.119 
TYR 'L-peptide linking' y TYROSINE        ? 'C9 H11 N O3'    181.189 
VAL 'L-peptide linking' y VALINE          ? 'C5 H11 N O2'    117.146 
# 
loop_
_pdbx_poly_seq_scheme.asym_id 
_pdbx_poly_seq_scheme.entity_id 
_pdbx_poly_seq_scheme.seq_id 
_pdbx_poly_seq_scheme.mon_id 
_pdbx_poly_seq_scheme.ndb_seq_num 
_pdbx_poly_seq_scheme.pdb_seq_num 
_pdbx_poly_seq_scheme.auth_seq_num 
_pdbx_poly_seq_scheme.pdb_mon_id 
_pdbx_poly_seq_scheme.auth_mon_id 
_pdbx_poly_seq_scheme.pdb_strand_id 
_pdbx_poly_seq_scheme.pdb_ins_code 
_pdbx_poly_seq_scheme.hetero 
A 1 1   MET 1   1   ?   ?   ?   A . n 
A 1 2   LYS 2   2   ?   ?   ?   A . n 
A 1 3   MET 3   3   3   MET MET A . n 
A 1 4   PHE 4   4   4   PHE PHE A . n 
A 1 5   PHE 5   5   5   PHE PHE A . n 
A 1 6   ARG 6   6   6   ARG ARG A . n 
A 1 7   LEU 7   7   7   LEU LEU A . n 
A 1 8   THR 8   8   8   THR THR A . n 
A 1 9   ARG 9   9   9   ARG ARG A . n 
A 1 10  GLU 10  10  10  GLU GLU A . n 
A 1 11  LEU 11  11  11  LEU LEU A . n 
A 1 12  ARG 12  12  12  ARG ARG A . n 
A 1 13  ASP 13  13  13  ASP ASP A . n 
A 1 14  GLU 14  14  14  GLU GLU A . n 
A 1 15  LEU 15  15  15  LEU LEU A . n 
A 1 16  LYS 16  16  16  LYS LYS A . n 
A 1 17  ARG 17  17  17  ARG ARG A . n 
A 1 18  PRO 18  18  18  PRO PRO A . n 
A 1 19  LEU 19  19  19  LEU LEU A . n 
A 1 20  GLY 20  20  20  GLY GLY A . n 
A 1 21  GLU 21  21  21  GLU GLU A . n 
A 1 22  LEU 22  22  22  LEU LEU A . n 
A 1 23  VAL 23  23  23  VAL VAL A . n 
A 1 24  ARG 24  24  24  ARG ALA A . n 
A 1 25  GLY 25  25  25  GLY GLY A . n 
A 1 26  PRO 26  26  26  PRO PRO A . n 
A 1 27  ILE 27  27  27  ILE ILE A . n 
A 1 28  PRO 28  28  28  PRO PRO A . n 
A 1 29  GLU 29  29  29  GLU GLU A . n 
A 1 30  PRO 30  30  30  PRO PRO A . n 
A 1 31  TYR 31  31  31  TYR TYR A . n 
A 1 32  LEU 32  32  32  LEU LEU A . n 
A 1 33  LYS 33  33  33  LYS LYS A . n 
A 1 34  VAL 34  34  34  VAL VAL A . n 
A 1 35  ARG 35  35  35  ARG ARG A . n 
A 1 36  GLY 36  36  36  GLY GLY A . n 
A 1 37  GLU 37  37  37  GLU GLU A . n 
A 1 38  LEU 38  38  38  LEU LEU A . n 
A 1 39  GLU 39  39  39  GLU GLU A . n 
A 1 40  LYS 40  40  40  LYS ALA A . n 
A 1 41  HIS 41  41  41  HIS HIS A . n 
A 1 42  PRO 42  42  42  PRO PRO A . n 
A 1 43  VAL 43  43  43  VAL VAL A . n 
A 1 44  VAL 44  44  44  VAL VAL A . n 
A 1 45  THR 45  45  45  THR THR A . n 
A 1 46  VAL 46  46  46  VAL VAL A . n 
A 1 47  GLY 47  47  47  GLY GLY A . n 
A 1 48  ASP 48  48  48  ASP ASP A . n 
A 1 49  VAL 49  49  49  VAL VAL A . n 
A 1 50  VAL 50  50  50  VAL VAL A . n 
A 1 51  THR 51  51  51  THR THR A . n 
A 1 52  GLU 52  52  52  GLU GLU A . n 
A 1 53  ASN 53  53  53  ASN ASN A . n 
A 1 54  VAL 54  54  54  VAL VAL A . n 
A 1 55  LEU 55  55  55  LEU LEU A . n 
A 1 56  LYS 56  56  56  LYS LYS A . n 
A 1 57  ILE 57  57  57  ILE ILE A . n 
A 1 58  GLY 58  58  58  GLY GLY A . n 
A 1 59  VAL 59  59  59  VAL VAL A . n 
A 1 60  LYS 60  60  60  LYS LYS A . n 
A 1 61  PRO 61  61  61  PRO PRO A . n 
A 1 62  ILE 62  62  62  ILE ILE A . n 
A 1 63  ILE 63  63  63  ILE ILE A . n 
A 1 64  ALA 64  64  64  ALA ALA A . n 
A 1 65  LEU 65  65  65  LEU LEU A . n 
A 1 66  TYR 66  66  66  TYR TYR A . n 
A 1 67  ASP 67  67  67  ASP ASP A . n 
A 1 68  LEU 68  68  68  LEU LEU A . n 
A 1 69  LYS 69  69  69  LYS LYS A . n 
A 1 70  THR 70  70  70  THR THR A . n 
A 1 71  LYS 71  71  71  LYS LYS A . n 
A 1 72  ARG 72  72  72  ARG ARG A . n 
A 1 73  LYS 73  73  73  LYS LYS A . n 
A 1 74  GLU 74  74  74  GLU GLU A . n 
A 1 75  TYR 75  75  75  TYR TYR A . n 
A 1 76  SER 76  76  76  SER SER A . n 
A 1 77  PRO 77  77  77  PRO PRO A . n 
A 1 78  GLU 78  78  78  GLU ALA A . n 
A 1 79  ILE 79  79  79  ILE ILE A . n 
A 1 80  GLU 80  80  80  GLU GLU A . n 
A 1 81  ASP 81  81  81  ASP ASP A . n 
A 1 82  THR 82  82  82  THR THR A . n 
A 1 83  ALA 83  83  83  ALA ALA A . n 
A 1 84  VAL 84  84  84  VAL VAL A . n 
A 1 85  PHE 85  85  85  PHE PHE A . n 
A 1 86  LEU 86  86  86  LEU LEU A . n 
A 1 87  THR 87  87  87  THR THR A . n 
A 1 88  VAL 88  88  88  VAL VAL A . n 
A 1 89  THR 89  89  89  THR THR A . n 
A 1 90  ASN 90  90  90  ASN ASN A . n 
A 1 91  PRO 91  91  91  PRO PRO A . n 
A 1 92  PRO 92  92  92  PRO PRO A . n 
A 1 93  GLY 93  93  93  GLY GLY A . n 
A 1 94  THR 94  94  94  THR THR A . n 
A 1 95  ILE 95  95  95  ILE ILE A . n 
A 1 96  THR 96  96  96  THR THR A . n 
A 1 97  LYS 97  97  97  LYS LYS A . n 
A 1 98  ALA 98  98  98  ALA ALA A . n 
A 1 99  LEU 99  99  99  LEU LEU A . n 
A 1 100 LEU 100 100 100 LEU LEU A . n 
A 1 101 ASP 101 101 101 ASP ASP A . n 
A 1 102 THR 102 102 102 THR THR A . n 
A 1 103 VAL 103 103 103 VAL VAL A . n 
A 1 104 ARG 104 104 104 ARG ARG A . n 
A 1 105 LYS 105 105 105 LYS LYS A . n 
A 1 106 ALA 106 106 106 ALA ALA A . n 
A 1 107 PHE 107 107 107 PHE PHE A . n 
A 1 108 GLY 108 108 108 GLY GLY A . n 
A 1 109 LEU 109 109 109 LEU LEU A . n 
A 1 110 ALA 110 110 110 ALA ALA A . n 
A 1 111 GLU 111 111 111 GLU GLU A . n 
A 1 112 ARG 112 112 112 ARG ARG A . n 
A 1 113 GLY 113 113 113 GLY GLY A . n 
A 1 114 ARG 114 114 114 ARG ARG A . n 
A 1 115 ASN 115 115 115 ASN ASN A . n 
A 1 116 VAL 116 116 116 VAL VAL A . n 
A 1 117 HIS 117 117 117 HIS HIS A . n 
A 1 118 ILE 118 118 118 ILE ILE A . n 
A 1 119 LEU 119 119 119 LEU LEU A . n 
A 1 120 VAL 120 120 120 VAL VAL A . n 
A 1 121 SER 121 121 121 SER SER A . n 
A 1 122 GLY 122 122 122 GLY GLY A . n 
A 1 123 GLU 123 123 123 GLU GLU A . n 
A 1 124 GLU 124 124 124 GLU GLU A . n 
A 1 125 ASP 125 125 125 ASP ASP A . n 
A 1 126 LEU 126 126 126 LEU LEU A . n 
A 1 127 ALA 127 127 127 ALA ALA A . n 
A 1 128 ALA 128 128 128 ALA ALA A . n 
A 1 129 ILE 129 129 129 ILE ILE A . n 
A 1 130 PRO 130 130 130 PRO PRO A . n 
A 1 131 ALA 131 131 131 ALA ALA A . n 
A 1 132 VAL 132 132 132 VAL VAL A . n 
A 1 133 LEU 133 133 133 LEU LEU A . n 
A 1 134 TYR 134 134 134 TYR TYR A . n 
A 1 135 ALA 135 135 135 ALA ALA A . n 
A 1 136 PRO 136 136 136 PRO PRO A . n 
A 1 137 LEU 137 137 137 LEU LEU A . n 
A 1 138 GLY 138 138 138 GLY GLY A . n 
A 1 139 THR 139 139 139 THR THR A . n 
A 1 140 LEU 140 140 140 LEU LEU A . n 
A 1 141 VAL 141 141 141 VAL VAL A . n 
A 1 142 LEU 142 142 142 LEU LEU A . n 
A 1 143 TYR 143 143 143 TYR TYR A . n 
A 1 144 GLY 144 144 144 GLY GLY A . n 
A 1 145 GLN 145 145 145 GLN GLN A . n 
A 1 146 PRO 146 146 146 PRO PRO A . n 
A 1 147 ASP 147 147 147 ASP ASP A . n 
A 1 148 GLU 148 148 148 GLU GLU A . n 
A 1 149 GLY 149 149 149 GLY GLY A . n 
A 1 150 VAL 150 150 150 VAL VAL A . n 
A 1 151 VAL 151 151 151 VAL VAL A . n 
A 1 152 LEU 152 152 152 LEU LEU A . n 
A 1 153 ILE 153 153 153 ILE ILE A . n 
A 1 154 LYS 154 154 154 LYS ALA A . n 
A 1 155 VAL 155 155 155 VAL VAL A . n 
A 1 156 THR 156 156 156 THR THR A . n 
A 1 157 PRO 157 157 157 PRO PRO A . n 
A 1 158 GLU 158 158 158 GLU GLU A . n 
A 1 159 CYS 159 159 159 CYS CYS A . n 
A 1 160 LYS 160 160 160 LYS LYS A . n 
A 1 161 ARG 161 161 161 ARG ARG A . n 
A 1 162 ARG 162 162 162 ARG ARG A . n 
A 1 163 CYS 163 163 163 CYS CYS A . n 
A 1 164 ALA 164 164 164 ALA ALA A . n 
A 1 165 LYS 165 165 165 LYS LYS A . n 
A 1 166 ILE 166 166 166 ILE ILE A . n 
A 1 167 LEU 167 167 167 LEU LEU A . n 
A 1 168 ALA 168 168 168 ALA ALA A . n 
A 1 169 SER 169 169 169 SER SER A . n 
A 1 170 MET 170 170 170 MET MET A . n 
A 1 171 GLU 171 171 171 GLU GLU A . n 
A 1 172 VAL 172 172 172 VAL VAL A . n 
A 1 173 VAL 173 173 173 VAL VAL A . n 
A 1 174 ARG 174 174 174 ARG ARG A . n 
A 1 175 ASP 175 175 ?   ?   ?   A . n 
A 1 176 GLY 176 176 ?   ?   ?   A . n 
A 1 177 ASP 177 177 ?   ?   ?   A . n 
# 
loop_
_pdbx_nonpoly_scheme.asym_id 
_pdbx_nonpoly_scheme.entity_id 
_pdbx_nonpoly_scheme.mon_id 
_pdbx_nonpoly_scheme.ndb_seq_num 
_pdbx_nonpoly_scheme.pdb_seq_num 
_pdbx_nonpoly_scheme.auth_seq_num 
_pdbx_nonpoly_scheme.pdb_mon_id 
_pdbx_nonpoly_scheme.auth_mon_id 
_pdbx_nonpoly_scheme.pdb_strand_id 
_pdbx_nonpoly_scheme.pdb_ins_code 
B 2 HOH 1  201 12 HOH HOH A . 
B 2 HOH 2  202 5  HOH HOH A . 
B 2 HOH 3  203 32 HOH HOH A . 
B 2 HOH 4  204 11 HOH HOH A . 
B 2 HOH 5  205 8  HOH HOH A . 
B 2 HOH 6  206 16 HOH HOH A . 
B 2 HOH 7  207 17 HOH HOH A . 
B 2 HOH 8  208 34 HOH HOH A . 
B 2 HOH 9  209 16 HOH HOH A . 
B 2 HOH 10 210 43 HOH HOH A . 
B 2 HOH 11 211 4  HOH HOH A . 
B 2 HOH 12 212 25 HOH HOH A . 
B 2 HOH 13 213 70 HOH HOH A . 
B 2 HOH 14 214 42 HOH HOH A . 
B 2 HOH 15 215 13 HOH HOH A . 
B 2 HOH 16 216 19 HOH HOH A . 
B 2 HOH 17 217 24 HOH HOH A . 
B 2 HOH 18 218 24 HOH HOH A . 
B 2 HOH 19 219 55 HOH HOH A . 
B 2 HOH 20 220 5  HOH HOH A . 
B 2 HOH 21 221 22 HOH HOH A . 
B 2 HOH 22 222 73 HOH HOH A . 
B 2 HOH 23 223 19 HOH HOH A . 
B 2 HOH 24 224 14 HOH HOH A . 
B 2 HOH 25 225 40 HOH HOH A . 
B 2 HOH 26 226 30 HOH HOH A . 
B 2 HOH 27 227 10 HOH HOH A . 
B 2 HOH 28 228 15 HOH HOH A . 
B 2 HOH 29 229 7  HOH HOH A . 
B 2 HOH 30 230 2  HOH HOH A . 
B 2 HOH 31 231 41 HOH HOH A . 
B 2 HOH 32 232 6  HOH HOH A . 
B 2 HOH 33 233 56 HOH HOH A . 
B 2 HOH 34 234 2  HOH HOH A . 
B 2 HOH 35 235 38 HOH HOH A . 
B 2 HOH 36 236 3  HOH HOH A . 
B 2 HOH 37 237 26 HOH HOH A . 
B 2 HOH 38 238 5  HOH HOH A . 
B 2 HOH 39 239 41 HOH HOH A . 
B 2 HOH 40 240 27 HOH HOH A . 
B 2 HOH 41 241 53 HOH HOH A . 
B 2 HOH 42 242 1  HOH HOH A . 
B 2 HOH 43 243 35 HOH HOH A . 
B 2 HOH 44 244 57 HOH HOH A . 
B 2 HOH 45 245 22 HOH HOH A . 
B 2 HOH 46 246 6  HOH HOH A . 
B 2 HOH 47 247 15 HOH HOH A . 
B 2 HOH 48 248 26 HOH HOH A . 
B 2 HOH 49 249 54 HOH HOH A . 
# 
loop_
_pdbx_unobs_or_zero_occ_atoms.id 
_pdbx_unobs_or_zero_occ_atoms.PDB_model_num 
_pdbx_unobs_or_zero_occ_atoms.polymer_flag 
_pdbx_unobs_or_zero_occ_atoms.occupancy_flag 
_pdbx_unobs_or_zero_occ_atoms.auth_asym_id 
_pdbx_unobs_or_zero_occ_atoms.auth_comp_id 
_pdbx_unobs_or_zero_occ_atoms.auth_seq_id 
_pdbx_unobs_or_zero_occ_atoms.PDB_ins_code 
_pdbx_unobs_or_zero_occ_atoms.auth_atom_id 
_pdbx_unobs_or_zero_occ_atoms.label_alt_id 
_pdbx_unobs_or_zero_occ_atoms.label_asym_id 
_pdbx_unobs_or_zero_occ_atoms.label_comp_id 
_pdbx_unobs_or_zero_occ_atoms.label_seq_id 
_pdbx_unobs_or_zero_occ_atoms.label_atom_id 
1  1 Y 1 A ARG 24  ? CG  ? A ARG 24  CG  
2  1 Y 1 A ARG 24  ? CD  ? A ARG 24  CD  
3  1 Y 1 A ARG 24  ? NE  ? A ARG 24  NE  
4  1 Y 1 A ARG 24  ? CZ  ? A ARG 24  CZ  
5  1 Y 1 A ARG 24  ? NH1 ? A ARG 24  NH1 
6  1 Y 1 A ARG 24  ? NH2 ? A ARG 24  NH2 
7  1 Y 1 A LYS 40  ? CG  ? A LYS 40  CG  
8  1 Y 1 A LYS 40  ? CD  ? A LYS 40  CD  
9  1 Y 1 A LYS 40  ? CE  ? A LYS 40  CE  
10 1 Y 1 A LYS 40  ? NZ  ? A LYS 40  NZ  
11 1 Y 1 A GLU 78  ? CG  ? A GLU 78  CG  
12 1 Y 1 A GLU 78  ? CD  ? A GLU 78  CD  
13 1 Y 1 A GLU 78  ? OE1 ? A GLU 78  OE1 
14 1 Y 1 A GLU 78  ? OE2 ? A GLU 78  OE2 
15 1 Y 1 A LYS 154 ? CG  ? A LYS 154 CG  
16 1 Y 1 A LYS 154 ? CD  ? A LYS 154 CD  
17 1 Y 1 A LYS 154 ? CE  ? A LYS 154 CE  
18 1 Y 1 A LYS 154 ? NZ  ? A LYS 154 NZ  
# 
loop_
_software.citation_id 
_software.classification 
_software.compiler_name 
_software.compiler_version 
_software.contact_author 
_software.contact_author_email 
_software.date 
_software.description 
_software.dependencies 
_software.hardware 
_software.language 
_software.location 
_software.mods 
_software.name 
_software.os 
_software.os_version 
_software.type 
_software.version 
_software.pdbx_ordinal 
? refinement       ? ? ? ? ? ? ? ? ? ? ? REFMAC ? ? ? 5.8.0411 1 
? 'data reduction' ? ? ? ? ? ? ? ? ? ? ? XDS    ? ? ? .        2 
? 'data scaling'   ? ? ? ? ? ? ? ? ? ? ? XDS    ? ? ? .        3 
? phasing          ? ? ? ? ? ? ? ? ? ? ? SHARP  ? ? ? .        4 
# 
_cell.angle_alpha                  90.000 
_cell.angle_alpha_esd              ? 
_cell.angle_beta                   90.000 
_cell.angle_beta_esd               ? 
_cell.angle_gamma                  90.000 
_cell.angle_gamma_esd              ? 
_cell.entry_id                     8JVC 
_cell.details                      ? 
_cell.formula_units_Z              ? 
_cell.length_a                     58.246 
_cell.length_a_esd                 ? 
_cell.length_b                     58.246 
_cell.length_b_esd                 ? 
_cell.length_c                     105.137 
_cell.length_c_esd                 ? 
_cell.volume                       ? 
_cell.volume_esd                   ? 
_cell.Z_PDB                        8 
_cell.reciprocal_angle_alpha       ? 
_cell.reciprocal_angle_beta        ? 
_cell.reciprocal_angle_gamma       ? 
_cell.reciprocal_angle_alpha_esd   ? 
_cell.reciprocal_angle_beta_esd    ? 
_cell.reciprocal_angle_gamma_esd   ? 
_cell.reciprocal_length_a          ? 
_cell.reciprocal_length_b          ? 
_cell.reciprocal_length_c          ? 
_cell.reciprocal_length_a_esd      ? 
_cell.reciprocal_length_b_esd      ? 
_cell.reciprocal_length_c_esd      ? 
_cell.pdbx_unique_axis             ? 
_cell.pdbx_esd_method              ? 
# 
_symmetry.entry_id                         8JVC 
_symmetry.cell_setting                     ? 
_symmetry.Int_Tables_number                96 
_symmetry.space_group_name_Hall            ? 
_symmetry.space_group_name_H-M             'P 43 21 2' 
_symmetry.pdbx_full_space_group_name_H-M   ? 
# 
_exptl.absorpt_coefficient_mu     ? 
_exptl.absorpt_correction_T_max   ? 
_exptl.absorpt_correction_T_min   ? 
_exptl.absorpt_correction_type    ? 
_exptl.absorpt_process_details    ? 
_exptl.entry_id                   8JVC 
_exptl.crystals_number            1 
_exptl.details                    ? 
_exptl.method                     'X-RAY DIFFRACTION' 
_exptl.method_details             ? 
# 
_exptl_crystal.colour                       ? 
_exptl_crystal.density_diffrn               ? 
_exptl_crystal.density_Matthews             2.26 
_exptl_crystal.density_method               ? 
_exptl_crystal.density_percent_sol          45.69 
_exptl_crystal.description                  ? 
_exptl_crystal.F_000                        ? 
_exptl_crystal.id                           1 
_exptl_crystal.preparation                  ? 
_exptl_crystal.size_max                     ? 
_exptl_crystal.size_mid                     ? 
_exptl_crystal.size_min                     ? 
_exptl_crystal.size_rad                     ? 
_exptl_crystal.colour_lustre                ? 
_exptl_crystal.colour_modifier              ? 
_exptl_crystal.colour_primary               ? 
_exptl_crystal.density_meas                 ? 
_exptl_crystal.density_meas_esd             ? 
_exptl_crystal.density_meas_gt              ? 
_exptl_crystal.density_meas_lt              ? 
_exptl_crystal.density_meas_temp            ? 
_exptl_crystal.density_meas_temp_esd        ? 
_exptl_crystal.density_meas_temp_gt         ? 
_exptl_crystal.density_meas_temp_lt         ? 
_exptl_crystal.pdbx_crystal_image_url       ? 
_exptl_crystal.pdbx_crystal_image_format    ? 
_exptl_crystal.pdbx_mosaicity               ? 
_exptl_crystal.pdbx_mosaicity_esd           ? 
_exptl_crystal.pdbx_mosaic_method           ? 
_exptl_crystal.pdbx_mosaic_block_size       ? 
_exptl_crystal.pdbx_mosaic_block_size_esd   ? 
# 
_exptl_crystal_grow.apparatus       ? 
_exptl_crystal_grow.atmosphere      ? 
_exptl_crystal_grow.crystal_id      1 
_exptl_crystal_grow.details         ? 
_exptl_crystal_grow.method          'VAPOR DIFFUSION, SITTING DROP' 
_exptl_crystal_grow.method_ref      ? 
_exptl_crystal_grow.pH              6.5 
_exptl_crystal_grow.pressure        ? 
_exptl_crystal_grow.pressure_esd    ? 
_exptl_crystal_grow.seeding         ? 
_exptl_crystal_grow.seeding_ref     ? 
_exptl_crystal_grow.temp_details    ? 
_exptl_crystal_grow.temp_esd        ? 
_exptl_crystal_grow.time            ? 
_exptl_crystal_grow.pdbx_details    'PEG 3350, Bis-Tris (pH 6.5)' 
_exptl_crystal_grow.pdbx_pH_range   ? 
_exptl_crystal_grow.temp            293 
# 
_diffrn.ambient_environment              ? 
_diffrn.ambient_temp                     100 
_diffrn.ambient_temp_details             ? 
_diffrn.ambient_temp_esd                 ? 
_diffrn.crystal_id                       1 
_diffrn.crystal_support                  ? 
_diffrn.crystal_treatment                ? 
_diffrn.details                          ? 
_diffrn.id                               1 
_diffrn.ambient_pressure                 ? 
_diffrn.ambient_pressure_esd             ? 
_diffrn.ambient_pressure_gt              ? 
_diffrn.ambient_pressure_lt              ? 
_diffrn.ambient_temp_gt                  ? 
_diffrn.ambient_temp_lt                  ? 
_diffrn.pdbx_serial_crystal_experiment   N 
# 
_diffrn_detector.details                      ? 
_diffrn_detector.detector                     PIXEL 
_diffrn_detector.diffrn_id                    1 
_diffrn_detector.type                         'DECTRIS PILATUS 6M' 
_diffrn_detector.area_resol_mean              ? 
_diffrn_detector.dtime                        ? 
_diffrn_detector.pdbx_frames_total            ? 
_diffrn_detector.pdbx_collection_time_total   ? 
_diffrn_detector.pdbx_collection_date         2020-06-10 
_diffrn_detector.pdbx_frequency               ? 
_diffrn_detector.id                           ? 
_diffrn_detector.number_of_axes               ? 
# 
_diffrn_radiation.collimation                      ? 
_diffrn_radiation.diffrn_id                        1 
_diffrn_radiation.filter_edge                      ? 
_diffrn_radiation.inhomogeneity                    ? 
_diffrn_radiation.monochromator                    ? 
_diffrn_radiation.polarisn_norm                    ? 
_diffrn_radiation.polarisn_ratio                   ? 
_diffrn_radiation.probe                            ? 
_diffrn_radiation.type                             ? 
_diffrn_radiation.xray_symbol                      ? 
_diffrn_radiation.wavelength_id                    1 
_diffrn_radiation.pdbx_monochromatic_or_laue_m_l   M 
_diffrn_radiation.pdbx_wavelength_list             ? 
_diffrn_radiation.pdbx_wavelength                  ? 
_diffrn_radiation.pdbx_diffrn_protocol             'SINGLE WAVELENGTH' 
_diffrn_radiation.pdbx_analyzer                    ? 
_diffrn_radiation.pdbx_scattering_type             x-ray 
# 
_diffrn_radiation_wavelength.id           1 
_diffrn_radiation_wavelength.wavelength   1.0000 
_diffrn_radiation_wavelength.wt           1.0 
# 
_diffrn_source.current                     ? 
_diffrn_source.details                     ? 
_diffrn_source.diffrn_id                   1 
_diffrn_source.power                       ? 
_diffrn_source.size                        ? 
_diffrn_source.source                      SYNCHROTRON 
_diffrn_source.target                      ? 
_diffrn_source.type                        'SPRING-8 BEAMLINE BL45XU' 
_diffrn_source.voltage                     ? 
_diffrn_source.take-off_angle              ? 
_diffrn_source.pdbx_wavelength_list        1.0000 
_diffrn_source.pdbx_wavelength             ? 
_diffrn_source.pdbx_synchrotron_beamline   BL45XU 
_diffrn_source.pdbx_synchrotron_site       SPring-8 
# 
_reflns.B_iso_Wilson_estimate                          ? 
_reflns.entry_id                                       8JVC 
_reflns.data_reduction_details                         ? 
_reflns.data_reduction_method                          ? 
_reflns.d_resolution_high                              2.15 
_reflns.d_resolution_low                               41.220 
_reflns.details                                        ? 
_reflns.limit_h_max                                    ? 
_reflns.limit_h_min                                    ? 
_reflns.limit_k_max                                    ? 
_reflns.limit_k_min                                    ? 
_reflns.limit_l_max                                    ? 
_reflns.limit_l_min                                    ? 
_reflns.number_all                                     ? 
_reflns.number_obs                                     10444 
_reflns.observed_criterion                             ? 
_reflns.observed_criterion_F_max                       ? 
_reflns.observed_criterion_F_min                       ? 
_reflns.observed_criterion_I_max                       ? 
_reflns.observed_criterion_I_min                       ? 
_reflns.observed_criterion_sigma_F                     ? 
_reflns.observed_criterion_sigma_I                     ? 
_reflns.percent_possible_obs                           100 
_reflns.R_free_details                                 ? 
_reflns.Rmerge_F_all                                   ? 
_reflns.Rmerge_F_obs                                   ? 
_reflns.Friedel_coverage                               ? 
_reflns.number_gt                                      ? 
_reflns.threshold_expression                           ? 
_reflns.pdbx_redundancy                                25.1 
_reflns.pdbx_netI_over_av_sigmaI                       ? 
_reflns.pdbx_netI_over_sigmaI                          24.9 
_reflns.pdbx_res_netI_over_av_sigmaI_2                 ? 
_reflns.pdbx_res_netI_over_sigmaI_2                    ? 
_reflns.pdbx_chi_squared                               ? 
_reflns.pdbx_scaling_rejects                           ? 
_reflns.pdbx_d_res_high_opt                            ? 
_reflns.pdbx_d_res_low_opt                             ? 
_reflns.pdbx_d_res_opt_method                          ? 
_reflns.phase_calculation_details                      ? 
_reflns.pdbx_Rrim_I_all                                0.110 
_reflns.pdbx_Rpim_I_all                                0.022 
_reflns.pdbx_d_opt                                     ? 
_reflns.pdbx_number_measured_all                       ? 
_reflns.pdbx_diffrn_id                                 1 
_reflns.pdbx_ordinal                                   1 
_reflns.pdbx_CC_half                                   ? 
_reflns.pdbx_CC_star                                   ? 
_reflns.pdbx_R_split                                   ? 
_reflns.pdbx_Rmerge_I_obs                              0.107 
_reflns.pdbx_Rmerge_I_all                              ? 
_reflns.pdbx_Rsym_value                                ? 
_reflns.pdbx_CC_split_method                           ? 
_reflns.pdbx_aniso_diffraction_limit_axis_1_ortho[1]   ? 
_reflns.pdbx_aniso_diffraction_limit_axis_1_ortho[2]   ? 
_reflns.pdbx_aniso_diffraction_limit_axis_1_ortho[3]   ? 
_reflns.pdbx_aniso_diffraction_limit_axis_2_ortho[1]   ? 
_reflns.pdbx_aniso_diffraction_limit_axis_2_ortho[2]   ? 
_reflns.pdbx_aniso_diffraction_limit_axis_2_ortho[3]   ? 
_reflns.pdbx_aniso_diffraction_limit_axis_3_ortho[1]   ? 
_reflns.pdbx_aniso_diffraction_limit_axis_3_ortho[2]   ? 
_reflns.pdbx_aniso_diffraction_limit_axis_3_ortho[3]   ? 
_reflns.pdbx_aniso_diffraction_limit_1                 ? 
_reflns.pdbx_aniso_diffraction_limit_2                 ? 
_reflns.pdbx_aniso_diffraction_limit_3                 ? 
_reflns.pdbx_aniso_B_tensor_eigenvector_1_ortho[1]     ? 
_reflns.pdbx_aniso_B_tensor_eigenvector_1_ortho[2]     ? 
_reflns.pdbx_aniso_B_tensor_eigenvector_1_ortho[3]     ? 
_reflns.pdbx_aniso_B_tensor_eigenvector_2_ortho[1]     ? 
_reflns.pdbx_aniso_B_tensor_eigenvector_2_ortho[2]     ? 
_reflns.pdbx_aniso_B_tensor_eigenvector_2_ortho[3]     ? 
_reflns.pdbx_aniso_B_tensor_eigenvector_3_ortho[1]     ? 
_reflns.pdbx_aniso_B_tensor_eigenvector_3_ortho[2]     ? 
_reflns.pdbx_aniso_B_tensor_eigenvector_3_ortho[3]     ? 
_reflns.pdbx_aniso_B_tensor_eigenvalue_1               ? 
_reflns.pdbx_aniso_B_tensor_eigenvalue_2               ? 
_reflns.pdbx_aniso_B_tensor_eigenvalue_3               ? 
_reflns.pdbx_orthogonalization_convention              ? 
_reflns.pdbx_percent_possible_ellipsoidal              ? 
_reflns.pdbx_percent_possible_spherical                ? 
_reflns.pdbx_percent_possible_ellipsoidal_anomalous    ? 
_reflns.pdbx_percent_possible_spherical_anomalous      ? 
_reflns.pdbx_redundancy_anomalous                      ? 
_reflns.pdbx_CC_half_anomalous                         ? 
_reflns.pdbx_absDiff_over_sigma_anomalous              ? 
_reflns.pdbx_percent_possible_anomalous                ? 
_reflns.pdbx_observed_signal_threshold                 ? 
_reflns.pdbx_signal_type                               ? 
_reflns.pdbx_signal_details                            ? 
_reflns.pdbx_signal_software_id                        ? 
# 
_reflns_shell.d_res_high                                    2.15 
_reflns_shell.d_res_low                                     2.22 
_reflns_shell.meanI_over_sigI_all                           ? 
_reflns_shell.meanI_over_sigI_obs                           11.3 
_reflns_shell.number_measured_all                           ? 
_reflns_shell.number_measured_obs                           ? 
_reflns_shell.number_possible                               ? 
_reflns_shell.number_unique_all                             ? 
_reflns_shell.number_unique_obs                             873 
_reflns_shell.percent_possible_obs                          ? 
_reflns_shell.Rmerge_F_all                                  ? 
_reflns_shell.Rmerge_F_obs                                  ? 
_reflns_shell.meanI_over_sigI_gt                            ? 
_reflns_shell.meanI_over_uI_all                             ? 
_reflns_shell.meanI_over_uI_gt                              ? 
_reflns_shell.number_measured_gt                            ? 
_reflns_shell.number_unique_gt                              ? 
_reflns_shell.percent_possible_gt                           ? 
_reflns_shell.Rmerge_F_gt                                   ? 
_reflns_shell.Rmerge_I_gt                                   ? 
_reflns_shell.pdbx_redundancy                               ? 
_reflns_shell.pdbx_chi_squared                              ? 
_reflns_shell.pdbx_netI_over_sigmaI_all                     ? 
_reflns_shell.pdbx_netI_over_sigmaI_obs                     ? 
_reflns_shell.pdbx_Rrim_I_all                               0.380 
_reflns_shell.pdbx_Rpim_I_all                               0.075 
_reflns_shell.pdbx_rejects                                  ? 
_reflns_shell.pdbx_ordinal                                  1 
_reflns_shell.pdbx_diffrn_id                                1 
_reflns_shell.pdbx_CC_half                                  ? 
_reflns_shell.pdbx_CC_star                                  ? 
_reflns_shell.pdbx_R_split                                  ? 
_reflns_shell.percent_possible_all                          ? 
_reflns_shell.Rmerge_I_all                                  ? 
_reflns_shell.Rmerge_I_obs                                  0.372 
_reflns_shell.pdbx_Rsym_value                               ? 
_reflns_shell.pdbx_percent_possible_ellipsoidal             ? 
_reflns_shell.pdbx_percent_possible_spherical               ? 
_reflns_shell.pdbx_percent_possible_ellipsoidal_anomalous   ? 
_reflns_shell.pdbx_percent_possible_spherical_anomalous     ? 
_reflns_shell.pdbx_redundancy_anomalous                     ? 
_reflns_shell.pdbx_CC_half_anomalous                        ? 
_reflns_shell.pdbx_absDiff_over_sigma_anomalous             ? 
_reflns_shell.pdbx_percent_possible_anomalous               ? 
# 
_refine.aniso_B[1][1]                            -0.267 
_refine.aniso_B[1][2]                            0.000 
_refine.aniso_B[1][3]                            -0.000 
_refine.aniso_B[2][2]                            -0.267 
_refine.aniso_B[2][3]                            -0.000 
_refine.aniso_B[3][3]                            0.535 
_refine.B_iso_max                                ? 
_refine.B_iso_mean                               36.619 
_refine.B_iso_min                                ? 
_refine.correlation_coeff_Fo_to_Fc               0.950 
_refine.correlation_coeff_Fo_to_Fc_free          0.935 
_refine.details                                  'Hydrogens have been added in their riding positions' 
_refine.diff_density_max                         ? 
_refine.diff_density_max_esd                     ? 
_refine.diff_density_min                         ? 
_refine.diff_density_min_esd                     ? 
_refine.diff_density_rms                         ? 
_refine.diff_density_rms_esd                     ? 
_refine.entry_id                                 8JVC 
_refine.pdbx_refine_id                           'X-RAY DIFFRACTION' 
_refine.ls_abs_structure_details                 ? 
_refine.ls_abs_structure_Flack                   ? 
_refine.ls_abs_structure_Flack_esd               ? 
_refine.ls_abs_structure_Rogers                  ? 
_refine.ls_abs_structure_Rogers_esd              ? 
_refine.ls_d_res_high                            2.150 
_refine.ls_d_res_low                             41.220 
_refine.ls_extinction_coef                       ? 
_refine.ls_extinction_coef_esd                   ? 
_refine.ls_extinction_expression                 ? 
_refine.ls_extinction_method                     ? 
_refine.ls_goodness_of_fit_all                   ? 
_refine.ls_goodness_of_fit_all_esd               ? 
_refine.ls_goodness_of_fit_obs                   ? 
_refine.ls_goodness_of_fit_obs_esd               ? 
_refine.ls_hydrogen_treatment                    ? 
_refine.ls_matrix_type                           ? 
_refine.ls_number_constraints                    ? 
_refine.ls_number_parameters                     ? 
_refine.ls_number_reflns_all                     ? 
_refine.ls_number_reflns_obs                     10393 
_refine.ls_number_reflns_R_free                  487 
_refine.ls_number_reflns_R_work                  9906 
_refine.ls_number_restraints                     ? 
_refine.ls_percent_reflns_obs                    99.952 
_refine.ls_percent_reflns_R_free                 4.686 
_refine.ls_R_factor_all                          0.199 
_refine.ls_R_factor_obs                          ? 
_refine.ls_R_factor_R_free                       0.2333 
_refine.ls_R_factor_R_free_error                 ? 
_refine.ls_R_factor_R_free_error_details         ? 
_refine.ls_R_factor_R_work                       0.1970 
_refine.ls_R_Fsqd_factor_obs                     ? 
_refine.ls_R_I_factor_obs                        ? 
_refine.ls_redundancy_reflns_all                 ? 
_refine.ls_redundancy_reflns_obs                 ? 
_refine.ls_restrained_S_all                      ? 
_refine.ls_restrained_S_obs                      ? 
_refine.ls_shift_over_esd_max                    ? 
_refine.ls_shift_over_esd_mean                   ? 
_refine.ls_structure_factor_coef                 ? 
_refine.ls_weighting_details                     ? 
_refine.ls_weighting_scheme                      ? 
_refine.ls_wR_factor_all                         ? 
_refine.ls_wR_factor_obs                         ? 
_refine.ls_wR_factor_R_free                      0.267 
_refine.ls_wR_factor_R_work                      0.213 
_refine.occupancy_max                            ? 
_refine.occupancy_min                            ? 
_refine.solvent_model_details                    'MASK BULK SOLVENT' 
_refine.solvent_model_param_bsol                 ? 
_refine.solvent_model_param_ksol                 ? 
_refine.pdbx_R_complete                          ? 
_refine.ls_R_factor_gt                           ? 
_refine.ls_goodness_of_fit_gt                    ? 
_refine.ls_goodness_of_fit_ref                   ? 
_refine.ls_shift_over_su_max                     ? 
_refine.ls_shift_over_su_max_lt                  ? 
_refine.ls_shift_over_su_mean                    ? 
_refine.ls_shift_over_su_mean_lt                 ? 
_refine.pdbx_ls_sigma_I                          ? 
_refine.pdbx_ls_sigma_F                          ? 
_refine.pdbx_ls_sigma_Fsqd                       ? 
_refine.pdbx_data_cutoff_high_absF               ? 
_refine.pdbx_data_cutoff_high_rms_absF           ? 
_refine.pdbx_data_cutoff_low_absF                ? 
_refine.pdbx_isotropic_thermal_model             ? 
_refine.pdbx_ls_cross_valid_method               'FREE R-VALUE' 
_refine.pdbx_method_to_determine_struct          SAD 
_refine.pdbx_starting_model                      ? 
_refine.pdbx_stereochemistry_target_values       ? 
_refine.pdbx_R_Free_selection_details            1 
_refine.pdbx_stereochem_target_val_spec_case     ? 
_refine.pdbx_overall_ESU_R                       0.241 
_refine.pdbx_overall_ESU_R_Free                  0.190 
_refine.pdbx_solvent_vdw_probe_radii             1.200 
_refine.pdbx_solvent_ion_probe_radii             0.800 
_refine.pdbx_solvent_shrinkage_radii             0.800 
_refine.pdbx_real_space_R                        ? 
_refine.pdbx_density_correlation                 ? 
_refine.pdbx_pd_number_of_powder_patterns        ? 
_refine.pdbx_pd_number_of_points                 ? 
_refine.pdbx_pd_meas_number_of_points            ? 
_refine.pdbx_pd_proc_ls_prof_R_factor            ? 
_refine.pdbx_pd_proc_ls_prof_wR_factor           ? 
_refine.pdbx_pd_Marquardt_correlation_coeff      ? 
_refine.pdbx_pd_Fsqrd_R_factor                   ? 
_refine.pdbx_pd_ls_matrix_band_width             ? 
_refine.pdbx_overall_phase_error                 ? 
_refine.pdbx_overall_SU_R_free_Cruickshank_DPI   ? 
_refine.pdbx_overall_SU_R_free_Blow_DPI          ? 
_refine.pdbx_overall_SU_R_Blow_DPI               ? 
_refine.pdbx_TLS_residual_ADP_flag               ? 
_refine.pdbx_diffrn_id                           1 
_refine.overall_SU_B                             5.753 
_refine.overall_SU_ML                            0.148 
_refine.overall_SU_R_Cruickshank_DPI             ? 
_refine.overall_SU_R_free                        ? 
_refine.overall_FOM_free_R_set                   ? 
_refine.overall_FOM_work_R_set                   ? 
_refine.pdbx_average_fsc_overall                 ? 
_refine.pdbx_average_fsc_work                    0.9730 
_refine.pdbx_average_fsc_free                    0.9575 
# 
_refine_hist.pdbx_refine_id                   'X-RAY DIFFRACTION' 
_refine_hist.cycle_id                         LAST 
_refine_hist.details                          ? 
_refine_hist.d_res_high                       2.150 
_refine_hist.d_res_low                        41.220 
_refine_hist.number_atoms_solvent             49 
_refine_hist.number_atoms_total               1375 
_refine_hist.number_reflns_all                ? 
_refine_hist.number_reflns_obs                ? 
_refine_hist.number_reflns_R_free             ? 
_refine_hist.number_reflns_R_work             ? 
_refine_hist.R_factor_all                     ? 
_refine_hist.R_factor_obs                     ? 
_refine_hist.R_factor_R_free                  ? 
_refine_hist.R_factor_R_work                  ? 
_refine_hist.pdbx_number_residues_total       ? 
_refine_hist.pdbx_B_iso_mean_ligand           ? 
_refine_hist.pdbx_B_iso_mean_solvent          ? 
_refine_hist.pdbx_number_atoms_protein        1326 
_refine_hist.pdbx_number_atoms_nucleic_acid   0 
_refine_hist.pdbx_number_atoms_ligand         0 
_refine_hist.pdbx_number_atoms_lipid          ? 
_refine_hist.pdbx_number_atoms_carb           ? 
_refine_hist.pdbx_pseudo_atom_details         ? 
# 
loop_
_refine_ls_restr.pdbx_refine_id 
_refine_ls_restr.criterion 
_refine_ls_restr.dev_ideal 
_refine_ls_restr.dev_ideal_target 
_refine_ls_restr.number 
_refine_ls_restr.rejects 
_refine_ls_restr.type 
_refine_ls_restr.weight 
_refine_ls_restr.pdbx_restraint_function 
'X-RAY DIFFRACTION' ? 0.003  0.012  1349 ? r_bond_refined_d               ? ? 
'X-RAY DIFFRACTION' ? 0.000  0.016  1385 ? r_bond_other_d                 ? ? 
'X-RAY DIFFRACTION' ? 0.621  1.655  1835 ? r_angle_refined_deg            ? ? 
'X-RAY DIFFRACTION' ? 0.203  1.561  3192 ? r_angle_other_deg              ? ? 
'X-RAY DIFFRACTION' ? 8.109  5.000  171  ? r_dihedral_angle_1_deg         ? ? 
'X-RAY DIFFRACTION' ? 5.709  5.000  12   ? r_dihedral_angle_2_deg         ? ? 
'X-RAY DIFFRACTION' ? 16.253 10.000 241  ? r_dihedral_angle_3_deg         ? ? 
'X-RAY DIFFRACTION' ? 18.401 10.000 49   ? r_dihedral_angle_6_deg         ? ? 
'X-RAY DIFFRACTION' ? 0.032  0.200  225  ? r_chiral_restr                 ? ? 
'X-RAY DIFFRACTION' ? 0.005  0.020  1531 ? r_gen_planes_refined           ? ? 
'X-RAY DIFFRACTION' ? 0.001  0.020  269  ? r_gen_planes_other             ? ? 
'X-RAY DIFFRACTION' ? 0.217  0.200  269  ? r_nbd_refined                  ? ? 
'X-RAY DIFFRACTION' ? 0.228  0.200  1185 ? r_symmetry_nbd_other           ? ? 
'X-RAY DIFFRACTION' ? 0.173  0.200  658  ? r_nbtor_refined                ? ? 
'X-RAY DIFFRACTION' ? 0.080  0.200  714  ? r_symmetry_nbtor_other         ? ? 
'X-RAY DIFFRACTION' ? 0.151  0.200  49   ? r_xyhbond_nbd_refined          ? ? 
'X-RAY DIFFRACTION' ? 0.071  0.200  1    ? r_symmetry_xyhbond_nbd_other   ? ? 
'X-RAY DIFFRACTION' ? 0.122  0.200  7    ? r_symmetry_nbd_refined         ? ? 
'X-RAY DIFFRACTION' ? 0.220  0.200  37   ? r_nbd_other                    ? ? 
'X-RAY DIFFRACTION' ? 0.258  0.200  6    ? r_symmetry_xyhbond_nbd_refined ? ? 
'X-RAY DIFFRACTION' ? 3.146  3.466  687  ? r_mcbond_it                    ? ? 
'X-RAY DIFFRACTION' ? 3.144  3.465  687  ? r_mcbond_other                 ? ? 
'X-RAY DIFFRACTION' ? 4.602  6.208  857  ? r_mcangle_it                   ? ? 
'X-RAY DIFFRACTION' ? 4.600  6.215  858  ? r_mcangle_other                ? ? 
'X-RAY DIFFRACTION' ? 3.711  4.057  662  ? r_scbond_it                    ? ? 
'X-RAY DIFFRACTION' ? 3.708  4.065  663  ? r_scbond_other                 ? ? 
'X-RAY DIFFRACTION' ? 5.790  7.195  978  ? r_scangle_it                   ? ? 
'X-RAY DIFFRACTION' ? 5.787  7.202  979  ? r_scangle_other                ? ? 
'X-RAY DIFFRACTION' ? 7.658  36.127 1442 ? r_lrange_it                    ? ? 
'X-RAY DIFFRACTION' ? 7.658  36.147 1442 ? r_lrange_other                 ? ? 
# 
loop_
_refine_ls_shell.pdbx_refine_id 
_refine_ls_shell.d_res_high 
_refine_ls_shell.d_res_low 
_refine_ls_shell.number_reflns_all 
_refine_ls_shell.number_reflns_obs 
_refine_ls_shell.number_reflns_R_free 
_refine_ls_shell.number_reflns_R_work 
_refine_ls_shell.percent_reflns_obs 
_refine_ls_shell.percent_reflns_R_free 
_refine_ls_shell.R_factor_all 
_refine_ls_shell.R_factor_obs 
_refine_ls_shell.R_factor_R_free_error 
_refine_ls_shell.R_factor_R_work 
_refine_ls_shell.redundancy_reflns_all 
_refine_ls_shell.redundancy_reflns_obs 
_refine_ls_shell.wR_factor_all 
_refine_ls_shell.wR_factor_obs 
_refine_ls_shell.wR_factor_R_free 
_refine_ls_shell.wR_factor_R_work 
_refine_ls_shell.pdbx_R_complete 
_refine_ls_shell.pdbx_total_number_of_bins_used 
_refine_ls_shell.pdbx_phase_error 
_refine_ls_shell.pdbx_fsc_work 
_refine_ls_shell.pdbx_fsc_free 
_refine_ls_shell.R_factor_R_free 
'X-RAY DIFFRACTION' 2.150 2.206  728 . 29 698 99.8626  . 0.236 . . 0.234 . . . . . 0.210 . 20 . 0.964 0.943 0.284 
'X-RAY DIFFRACTION' 2.206 2.266  739 . 27 712 100.0000 . 0.232 . . 0.229 . . . . . 0.209 . 20 . 0.967 0.945 0.290 
'X-RAY DIFFRACTION' 2.266 2.331  709 . 36 672 99.8590  . 0.213 . . 0.208 . . . . . 0.191 . 20 . 0.971 0.926 0.304 
'X-RAY DIFFRACTION' 2.331 2.403  686 . 40 645 99.8542  . 0.214 . . 0.209 . . . . . 0.196 . 20 . 0.972 0.942 0.299 
'X-RAY DIFFRACTION' 2.403 2.481  660 . 25 635 100.0000 . 0.231 . . 0.230 . . . . . 0.218 . 20 . 0.968 0.954 0.262 
'X-RAY DIFFRACTION' 2.481 2.568  659 . 25 634 100.0000 . 0.207 . . 0.204 . . . . . 0.194 . 20 . 0.973 0.953 0.277 
'X-RAY DIFFRACTION' 2.568 2.665  634 . 31 603 100.0000 . 0.204 . . 0.202 . . . . . 0.197 . 20 . 0.975 0.964 0.244 
'X-RAY DIFFRACTION' 2.665 2.773  599 . 37 561 99.8331  . 0.211 . . 0.209 . . . . . 0.206 . 20 . 0.974 0.973 0.237 
'X-RAY DIFFRACTION' 2.773 2.896  582 . 26 556 100.0000 . 0.210 . . 0.209 . . . . . 0.213 . 20 . 0.973 0.963 0.225 
'X-RAY DIFFRACTION' 2.896 3.036  565 . 20 545 100.0000 . 0.210 . . 0.206 . . . . . 0.213 . 20 . 0.973 0.943 0.350 
'X-RAY DIFFRACTION' 3.036 3.200  533 . 24 509 100.0000 . 0.220 . . 0.217 . . . . . 0.227 . 20 . 0.970 0.947 0.269 
'X-RAY DIFFRACTION' 3.200 3.393  506 . 30 476 100.0000 . 0.218 . . 0.218 . . . . . 0.233 . 20 . 0.971 0.975 0.208 
'X-RAY DIFFRACTION' 3.393 3.625  489 . 22 467 100.0000 . 0.218 . . 0.215 . . . . . 0.237 . 20 . 0.973 0.951 0.291 
'X-RAY DIFFRACTION' 3.625 3.913  456 . 25 431 100.0000 . 0.188 . . 0.186 . . . . . 0.209 . 20 . 0.979 0.983 0.215 
'X-RAY DIFFRACTION' 3.913 4.283  416 . 20 396 100.0000 . 0.170 . . 0.167 . . . . . 0.197 . 20 . 0.984 0.975 0.231 
'X-RAY DIFFRACTION' 4.283 4.782  386 . 15 371 100.0000 . 0.139 . . 0.137 . . . . . 0.167 . 20 . 0.988 0.983 0.180 
'X-RAY DIFFRACTION' 4.782 5.509  343 . 13 330 100.0000 . 0.185 . . 0.187 . . . . . 0.226 . 20 . 0.982 0.987 0.156 
'X-RAY DIFFRACTION' 5.509 6.717  301 . 19 282 100.0000 . 0.242 . . 0.238 . . . . . 0.279 . 20 . 0.968 0.933 0.307 
'X-RAY DIFFRACTION' 6.717 9.376  246 . 16 230 100.0000 . 0.156 . . 0.156 . . . . . 0.203 . 20 . 0.986 0.986 0.149 
'X-RAY DIFFRACTION' 9.376 41.220 160 . 7  153 100.0000 . 0.200 . . 0.202 . . . . . 0.251 . 20 . 0.967 0.990 0.141 
# 
_struct.entry_id                     8JVC 
_struct.title                        'Crystal structure of dephospho-coenzyme A kinase' 
_struct.pdbx_model_details           ? 
_struct.pdbx_formula_weight          ? 
_struct.pdbx_formula_weight_method   ? 
_struct.pdbx_model_type_details      ? 
_struct.pdbx_CASP_flag               N 
# 
_struct_keywords.entry_id        8JVC 
_struct_keywords.text            'Apo enzyme, TRANSFERASE' 
_struct_keywords.pdbx_keywords   TRANSFERASE 
# 
loop_
_struct_asym.id 
_struct_asym.pdbx_blank_PDB_chainid_flag 
_struct_asym.pdbx_modified 
_struct_asym.entity_id 
_struct_asym.details 
A N N 1 ? 
B N N 2 ? 
# 
_struct_ref.id                         1 
_struct_ref.db_name                    UNP 
_struct_ref.db_code                    DPCKG_THEKO 
_struct_ref.pdbx_db_accession          Q5JIY7 
_struct_ref.pdbx_db_isoform            ? 
_struct_ref.entity_id                  1 
_struct_ref.pdbx_seq_one_letter_code   
;MKMFFRLTRELRDELKRPLGELVRGPIPEPYLKVRGELEKHPVVTVGDVVTENVLKIGVKPIIALYDLKTKRKEYSPEIE
DTAVFLTVTNPPGTITKALLDTVRKAFGLAERGRNVHILVSGEEDLAAIPAVLYAPLGTLVLYGQPDEGVVLIKVTPECK
RRCAKILASMEVVRDGD
;
_struct_ref.pdbx_align_begin           1 
# 
_struct_ref_seq.align_id                      1 
_struct_ref_seq.ref_id                        1 
_struct_ref_seq.pdbx_PDB_id_code              8JVC 
_struct_ref_seq.pdbx_strand_id                A 
_struct_ref_seq.seq_align_beg                 1 
_struct_ref_seq.pdbx_seq_align_beg_ins_code   ? 
_struct_ref_seq.seq_align_end                 177 
_struct_ref_seq.pdbx_seq_align_end_ins_code   ? 
_struct_ref_seq.pdbx_db_accession             Q5JIY7 
_struct_ref_seq.db_align_beg                  1 
_struct_ref_seq.pdbx_db_align_beg_ins_code    ? 
_struct_ref_seq.db_align_end                  177 
_struct_ref_seq.pdbx_db_align_end_ins_code    ? 
_struct_ref_seq.pdbx_auth_seq_align_beg       1 
_struct_ref_seq.pdbx_auth_seq_align_end       177 
# 
_pdbx_struct_assembly.id                   1 
_pdbx_struct_assembly.details              author_defined_assembly 
_pdbx_struct_assembly.method_details       ? 
_pdbx_struct_assembly.oligomeric_details   monomeric 
_pdbx_struct_assembly.oligomeric_count     1 
# 
_pdbx_struct_assembly_gen.assembly_id       1 
_pdbx_struct_assembly_gen.oper_expression   1 
_pdbx_struct_assembly_gen.asym_id_list      A,B 
# 
_pdbx_struct_assembly_auth_evidence.id                     1 
_pdbx_struct_assembly_auth_evidence.assembly_id            1 
_pdbx_struct_assembly_auth_evidence.experimental_support   'gel filtration' 
_pdbx_struct_assembly_auth_evidence.details                ? 
# 
_pdbx_struct_oper_list.id                   1 
_pdbx_struct_oper_list.type                 'identity operation' 
_pdbx_struct_oper_list.name                 1_555 
_pdbx_struct_oper_list.symmetry_operation   x,y,z 
_pdbx_struct_oper_list.matrix[1][1]         1.0000000000 
_pdbx_struct_oper_list.matrix[1][2]         0.0000000000 
_pdbx_struct_oper_list.matrix[1][3]         0.0000000000 
_pdbx_struct_oper_list.vector[1]            0.0000000000 
_pdbx_struct_oper_list.matrix[2][1]         0.0000000000 
_pdbx_struct_oper_list.matrix[2][2]         1.0000000000 
_pdbx_struct_oper_list.matrix[2][3]         0.0000000000 
_pdbx_struct_oper_list.vector[2]            0.0000000000 
_pdbx_struct_oper_list.matrix[3][1]         0.0000000000 
_pdbx_struct_oper_list.matrix[3][2]         0.0000000000 
_pdbx_struct_oper_list.matrix[3][3]         1.0000000000 
_pdbx_struct_oper_list.vector[3]            0.0000000000 
# 
loop_
_struct_conf.conf_type_id 
_struct_conf.id 
_struct_conf.pdbx_PDB_helix_id 
_struct_conf.beg_label_comp_id 
_struct_conf.beg_label_asym_id 
_struct_conf.beg_label_seq_id 
_struct_conf.pdbx_beg_PDB_ins_code 
_struct_conf.end_label_comp_id 
_struct_conf.end_label_asym_id 
_struct_conf.end_label_seq_id 
_struct_conf.pdbx_end_PDB_ins_code 
_struct_conf.beg_auth_comp_id 
_struct_conf.beg_auth_asym_id 
_struct_conf.beg_auth_seq_id 
_struct_conf.end_auth_comp_id 
_struct_conf.end_auth_asym_id 
_struct_conf.end_auth_seq_id 
_struct_conf.pdbx_PDB_helix_class 
_struct_conf.details 
_struct_conf.pdbx_PDB_helix_length 
HELX_P HELX_P1 AA1 THR A 8   ? LEU A 15  ? THR A 8   LEU A 15  1 ? 8  
HELX_P HELX_P2 AA2 PRO A 28  ? HIS A 41  ? PRO A 28  HIS A 41  1 ? 14 
HELX_P HELX_P3 AA3 GLY A 47  ? ILE A 57  ? GLY A 47  ILE A 57  1 ? 11 
HELX_P HELX_P4 AA4 SER A 76  ? ALA A 83  ? SER A 76  ALA A 83  1 ? 8  
HELX_P HELX_P5 AA5 LYS A 97  ? ARG A 112 ? LYS A 97  ARG A 112 1 ? 16 
HELX_P HELX_P6 AA6 GLU A 124 ? LEU A 126 ? GLU A 124 LEU A 126 5 ? 3  
HELX_P HELX_P7 AA7 ALA A 127 ? ALA A 135 ? ALA A 127 ALA A 135 1 ? 9  
HELX_P HELX_P8 AA8 THR A 156 ? SER A 169 ? THR A 156 SER A 169 1 ? 14 
# 
_struct_conf_type.id          HELX_P 
_struct_conf_type.criteria    ? 
_struct_conf_type.reference   ? 
# 
_struct_mon_prot_cis.pdbx_id                1 
_struct_mon_prot_cis.label_comp_id          ILE 
_struct_mon_prot_cis.label_seq_id           27 
_struct_mon_prot_cis.label_asym_id          A 
_struct_mon_prot_cis.label_alt_id           . 
_struct_mon_prot_cis.pdbx_PDB_ins_code      ? 
_struct_mon_prot_cis.auth_comp_id           ILE 
_struct_mon_prot_cis.auth_seq_id            27 
_struct_mon_prot_cis.auth_asym_id           A 
_struct_mon_prot_cis.pdbx_label_comp_id_2   PRO 
_struct_mon_prot_cis.pdbx_label_seq_id_2    28 
_struct_mon_prot_cis.pdbx_label_asym_id_2   A 
_struct_mon_prot_cis.pdbx_PDB_ins_code_2    ? 
_struct_mon_prot_cis.pdbx_auth_comp_id_2    PRO 
_struct_mon_prot_cis.pdbx_auth_seq_id_2     28 
_struct_mon_prot_cis.pdbx_auth_asym_id_2    A 
_struct_mon_prot_cis.pdbx_PDB_model_num     1 
_struct_mon_prot_cis.pdbx_omega_angle       2.65 
# 
loop_
_struct_sheet.id 
_struct_sheet.type 
_struct_sheet.number_strands 
_struct_sheet.details 
AA1 ? 3 ? 
AA2 ? 7 ? 
# 
loop_
_struct_sheet_order.sheet_id 
_struct_sheet_order.range_id_1 
_struct_sheet_order.range_id_2 
_struct_sheet_order.offset 
_struct_sheet_order.sense 
AA1 1 2 ? anti-parallel 
AA1 2 3 ? anti-parallel 
AA2 1 2 ? anti-parallel 
AA2 2 3 ? anti-parallel 
AA2 3 4 ? parallel      
AA2 4 5 ? parallel      
AA2 5 6 ? parallel      
AA2 6 7 ? parallel      
# 
loop_
_struct_sheet_range.sheet_id 
_struct_sheet_range.id 
_struct_sheet_range.beg_label_comp_id 
_struct_sheet_range.beg_label_asym_id 
_struct_sheet_range.beg_label_seq_id 
_struct_sheet_range.pdbx_beg_PDB_ins_code 
_struct_sheet_range.end_label_comp_id 
_struct_sheet_range.end_label_asym_id 
_struct_sheet_range.end_label_seq_id 
_struct_sheet_range.pdbx_end_PDB_ins_code 
_struct_sheet_range.beg_auth_comp_id 
_struct_sheet_range.beg_auth_asym_id 
_struct_sheet_range.beg_auth_seq_id 
_struct_sheet_range.end_auth_comp_id 
_struct_sheet_range.end_auth_asym_id 
_struct_sheet_range.end_auth_seq_id 
AA1 1 THR A 94  ? THR A 96  ? THR A 94  THR A 96  
AA1 2 PHE A 4   ? ARG A 6   ? PHE A 4   ARG A 6   
AA1 3 GLU A 171 ? VAL A 173 ? GLU A 171 VAL A 173 
AA2 1 GLU A 21  ? VAL A 23  ? GLU A 21  VAL A 23  
AA2 2 GLY A 149 ? LYS A 154 ? GLY A 149 LYS A 154 
AA2 3 LEU A 140 ? GLN A 145 ? LEU A 140 GLN A 145 
AA2 4 VAL A 43  ? VAL A 46  ? VAL A 43  VAL A 46  
AA2 5 ILE A 63  ? ASP A 67  ? ILE A 63  ASP A 67  
AA2 6 VAL A 116 ? GLY A 122 ? VAL A 116 GLY A 122 
AA2 7 VAL A 84  ? ASN A 90  ? VAL A 84  ASN A 90  
# 
loop_
_pdbx_struct_sheet_hbond.sheet_id 
_pdbx_struct_sheet_hbond.range_id_1 
_pdbx_struct_sheet_hbond.range_id_2 
_pdbx_struct_sheet_hbond.range_1_label_atom_id 
_pdbx_struct_sheet_hbond.range_1_label_comp_id 
_pdbx_struct_sheet_hbond.range_1_label_asym_id 
_pdbx_struct_sheet_hbond.range_1_label_seq_id 
_pdbx_struct_sheet_hbond.range_1_PDB_ins_code 
_pdbx_struct_sheet_hbond.range_1_auth_atom_id 
_pdbx_struct_sheet_hbond.range_1_auth_comp_id 
_pdbx_struct_sheet_hbond.range_1_auth_asym_id 
_pdbx_struct_sheet_hbond.range_1_auth_seq_id 
_pdbx_struct_sheet_hbond.range_2_label_atom_id 
_pdbx_struct_sheet_hbond.range_2_label_comp_id 
_pdbx_struct_sheet_hbond.range_2_label_asym_id 
_pdbx_struct_sheet_hbond.range_2_label_seq_id 
_pdbx_struct_sheet_hbond.range_2_PDB_ins_code 
_pdbx_struct_sheet_hbond.range_2_auth_atom_id 
_pdbx_struct_sheet_hbond.range_2_auth_comp_id 
_pdbx_struct_sheet_hbond.range_2_auth_asym_id 
_pdbx_struct_sheet_hbond.range_2_auth_seq_id 
AA1 1 2 O ILE A 95  ? O ILE A 95  N PHE A 5   ? N PHE A 5   
AA1 2 3 N ARG A 6   ? N ARG A 6   O GLU A 171 ? O GLU A 171 
AA2 1 2 N VAL A 23  ? N VAL A 23  O VAL A 150 ? O VAL A 150 
AA2 2 3 O GLY A 149 ? O GLY A 149 N GLN A 145 ? N GLN A 145 
AA2 3 4 O LEU A 140 ? O LEU A 140 N VAL A 44  ? N VAL A 44  
AA2 4 5 N THR A 45  ? N THR A 45  O LEU A 65  ? O LEU A 65  
AA2 5 6 N ALA A 64  ? N ALA A 64  O ILE A 118 ? O ILE A 118 
AA2 6 7 O HIS A 117 ? O HIS A 117 N VAL A 84  ? N VAL A 84  
# 
_pdbx_validate_torsion.id              1 
_pdbx_validate_torsion.PDB_model_num   1 
_pdbx_validate_torsion.auth_comp_id    GLU 
_pdbx_validate_torsion.auth_asym_id    A 
_pdbx_validate_torsion.auth_seq_id     148 
_pdbx_validate_torsion.PDB_ins_code    ? 
_pdbx_validate_torsion.label_alt_id    ? 
_pdbx_validate_torsion.phi             -150.42 
_pdbx_validate_torsion.psi             -49.01 
# 
_pdbx_struct_special_symmetry.id              1 
_pdbx_struct_special_symmetry.PDB_model_num   1 
_pdbx_struct_special_symmetry.auth_asym_id    A 
_pdbx_struct_special_symmetry.auth_comp_id    HOH 
_pdbx_struct_special_symmetry.auth_seq_id     203 
_pdbx_struct_special_symmetry.PDB_ins_code    ? 
_pdbx_struct_special_symmetry.label_asym_id   B 
_pdbx_struct_special_symmetry.label_comp_id   HOH 
_pdbx_struct_special_symmetry.label_seq_id    . 
# 
loop_
_pdbx_unobs_or_zero_occ_residues.id 
_pdbx_unobs_or_zero_occ_residues.PDB_model_num 
_pdbx_unobs_or_zero_occ_residues.polymer_flag 
_pdbx_unobs_or_zero_occ_residues.occupancy_flag 
_pdbx_unobs_or_zero_occ_residues.auth_asym_id 
_pdbx_unobs_or_zero_occ_residues.auth_comp_id 
_pdbx_unobs_or_zero_occ_residues.auth_seq_id 
_pdbx_unobs_or_zero_occ_residues.PDB_ins_code 
_pdbx_unobs_or_zero_occ_residues.label_asym_id 
_pdbx_unobs_or_zero_occ_residues.label_comp_id 
_pdbx_unobs_or_zero_occ_residues.label_seq_id 
1 1 Y 1 A MET 1   ? A MET 1   
2 1 Y 1 A LYS 2   ? A LYS 2   
3 1 Y 1 A ASP 175 ? A ASP 175 
4 1 Y 1 A GLY 176 ? A GLY 176 
5 1 Y 1 A ASP 177 ? A ASP 177 
# 
loop_
_chem_comp_atom.comp_id 
_chem_comp_atom.atom_id 
_chem_comp_atom.type_symbol 
_chem_comp_atom.pdbx_aromatic_flag 
_chem_comp_atom.pdbx_stereo_config 
_chem_comp_atom.pdbx_ordinal 
ALA N    N N N 1   
ALA CA   C N S 2   
ALA C    C N N 3   
ALA O    O N N 4   
ALA CB   C N N 5   
ALA OXT  O N N 6   
ALA H    H N N 7   
ALA H2   H N N 8   
ALA HA   H N N 9   
ALA HB1  H N N 10  
ALA HB2  H N N 11  
ALA HB3  H N N 12  
ALA HXT  H N N 13  
ARG N    N N N 14  
ARG CA   C N S 15  
ARG C    C N N 16  
ARG O    O N N 17  
ARG CB   C N N 18  
ARG CG   C N N 19  
ARG CD   C N N 20  
ARG NE   N N N 21  
ARG CZ   C N N 22  
ARG NH1  N N N 23  
ARG NH2  N N N 24  
ARG OXT  O N N 25  
ARG H    H N N 26  
ARG H2   H N N 27  
ARG HA   H N N 28  
ARG HB2  H N N 29  
ARG HB3  H N N 30  
ARG HG2  H N N 31  
ARG HG3  H N N 32  
ARG HD2  H N N 33  
ARG HD3  H N N 34  
ARG HE   H N N 35  
ARG HH11 H N N 36  
ARG HH12 H N N 37  
ARG HH21 H N N 38  
ARG HH22 H N N 39  
ARG HXT  H N N 40  
ASN N    N N N 41  
ASN CA   C N S 42  
ASN C    C N N 43  
ASN O    O N N 44  
ASN CB   C N N 45  
ASN CG   C N N 46  
ASN OD1  O N N 47  
ASN ND2  N N N 48  
ASN OXT  O N N 49  
ASN H    H N N 50  
ASN H2   H N N 51  
ASN HA   H N N 52  
ASN HB2  H N N 53  
ASN HB3  H N N 54  
ASN HD21 H N N 55  
ASN HD22 H N N 56  
ASN HXT  H N N 57  
ASP N    N N N 58  
ASP CA   C N S 59  
ASP C    C N N 60  
ASP O    O N N 61  
ASP CB   C N N 62  
ASP CG   C N N 63  
ASP OD1  O N N 64  
ASP OD2  O N N 65  
ASP OXT  O N N 66  
ASP H    H N N 67  
ASP H2   H N N 68  
ASP HA   H N N 69  
ASP HB2  H N N 70  
ASP HB3  H N N 71  
ASP HD2  H N N 72  
ASP HXT  H N N 73  
CYS N    N N N 74  
CYS CA   C N R 75  
CYS C    C N N 76  
CYS O    O N N 77  
CYS CB   C N N 78  
CYS SG   S N N 79  
CYS OXT  O N N 80  
CYS H    H N N 81  
CYS H2   H N N 82  
CYS HA   H N N 83  
CYS HB2  H N N 84  
CYS HB3  H N N 85  
CYS HG   H N N 86  
CYS HXT  H N N 87  
GLN N    N N N 88  
GLN CA   C N S 89  
GLN C    C N N 90  
GLN O    O N N 91  
GLN CB   C N N 92  
GLN CG   C N N 93  
GLN CD   C N N 94  
GLN OE1  O N N 95  
GLN NE2  N N N 96  
GLN OXT  O N N 97  
GLN H    H N N 98  
GLN H2   H N N 99  
GLN HA   H N N 100 
GLN HB2  H N N 101 
GLN HB3  H N N 102 
GLN HG2  H N N 103 
GLN HG3  H N N 104 
GLN HE21 H N N 105 
GLN HE22 H N N 106 
GLN HXT  H N N 107 
GLU N    N N N 108 
GLU CA   C N S 109 
GLU C    C N N 110 
GLU O    O N N 111 
GLU CB   C N N 112 
GLU CG   C N N 113 
GLU CD   C N N 114 
GLU OE1  O N N 115 
GLU OE2  O N N 116 
GLU OXT  O N N 117 
GLU H    H N N 118 
GLU H2   H N N 119 
GLU HA   H N N 120 
GLU HB2  H N N 121 
GLU HB3  H N N 122 
GLU HG2  H N N 123 
GLU HG3  H N N 124 
GLU HE2  H N N 125 
GLU HXT  H N N 126 
GLY N    N N N 127 
GLY CA   C N N 128 
GLY C    C N N 129 
GLY O    O N N 130 
GLY OXT  O N N 131 
GLY H    H N N 132 
GLY H2   H N N 133 
GLY HA2  H N N 134 
GLY HA3  H N N 135 
GLY HXT  H N N 136 
HIS N    N N N 137 
HIS CA   C N S 138 
HIS C    C N N 139 
HIS O    O N N 140 
HIS CB   C N N 141 
HIS CG   C Y N 142 
HIS ND1  N Y N 143 
HIS CD2  C Y N 144 
HIS CE1  C Y N 145 
HIS NE2  N Y N 146 
HIS OXT  O N N 147 
HIS H    H N N 148 
HIS H2   H N N 149 
HIS HA   H N N 150 
HIS HB2  H N N 151 
HIS HB3  H N N 152 
HIS HD1  H N N 153 
HIS HD2  H N N 154 
HIS HE1  H N N 155 
HIS HE2  H N N 156 
HIS HXT  H N N 157 
HOH O    O N N 158 
HOH H1   H N N 159 
HOH H2   H N N 160 
ILE N    N N N 161 
ILE CA   C N S 162 
ILE C    C N N 163 
ILE O    O N N 164 
ILE CB   C N S 165 
ILE CG1  C N N 166 
ILE CG2  C N N 167 
ILE CD1  C N N 168 
ILE OXT  O N N 169 
ILE H    H N N 170 
ILE H2   H N N 171 
ILE HA   H N N 172 
ILE HB   H N N 173 
ILE HG12 H N N 174 
ILE HG13 H N N 175 
ILE HG21 H N N 176 
ILE HG22 H N N 177 
ILE HG23 H N N 178 
ILE HD11 H N N 179 
ILE HD12 H N N 180 
ILE HD13 H N N 181 
ILE HXT  H N N 182 
LEU N    N N N 183 
LEU CA   C N S 184 
LEU C    C N N 185 
LEU O    O N N 186 
LEU CB   C N N 187 
LEU CG   C N N 188 
LEU CD1  C N N 189 
LEU CD2  C N N 190 
LEU OXT  O N N 191 
LEU H    H N N 192 
LEU H2   H N N 193 
LEU HA   H N N 194 
LEU HB2  H N N 195 
LEU HB3  H N N 196 
LEU HG   H N N 197 
LEU HD11 H N N 198 
LEU HD12 H N N 199 
LEU HD13 H N N 200 
LEU HD21 H N N 201 
LEU HD22 H N N 202 
LEU HD23 H N N 203 
LEU HXT  H N N 204 
LYS N    N N N 205 
LYS CA   C N S 206 
LYS C    C N N 207 
LYS O    O N N 208 
LYS CB   C N N 209 
LYS CG   C N N 210 
LYS CD   C N N 211 
LYS CE   C N N 212 
LYS NZ   N N N 213 
LYS OXT  O N N 214 
LYS H    H N N 215 
LYS H2   H N N 216 
LYS HA   H N N 217 
LYS HB2  H N N 218 
LYS HB3  H N N 219 
LYS HG2  H N N 220 
LYS HG3  H N N 221 
LYS HD2  H N N 222 
LYS HD3  H N N 223 
LYS HE2  H N N 224 
LYS HE3  H N N 225 
LYS HZ1  H N N 226 
LYS HZ2  H N N 227 
LYS HZ3  H N N 228 
LYS HXT  H N N 229 
MET N    N N N 230 
MET CA   C N S 231 
MET C    C N N 232 
MET O    O N N 233 
MET CB   C N N 234 
MET CG   C N N 235 
MET SD   S N N 236 
MET CE   C N N 237 
MET OXT  O N N 238 
MET H    H N N 239 
MET H2   H N N 240 
MET HA   H N N 241 
MET HB2  H N N 242 
MET HB3  H N N 243 
MET HG2  H N N 244 
MET HG3  H N N 245 
MET HE1  H N N 246 
MET HE2  H N N 247 
MET HE3  H N N 248 
MET HXT  H N N 249 
PHE N    N N N 250 
PHE CA   C N S 251 
PHE C    C N N 252 
PHE O    O N N 253 
PHE CB   C N N 254 
PHE CG   C Y N 255 
PHE CD1  C Y N 256 
PHE CD2  C Y N 257 
PHE CE1  C Y N 258 
PHE CE2  C Y N 259 
PHE CZ   C Y N 260 
PHE OXT  O N N 261 
PHE H    H N N 262 
PHE H2   H N N 263 
PHE HA   H N N 264 
PHE HB2  H N N 265 
PHE HB3  H N N 266 
PHE HD1  H N N 267 
PHE HD2  H N N 268 
PHE HE1  H N N 269 
PHE HE2  H N N 270 
PHE HZ   H N N 271 
PHE HXT  H N N 272 
PRO N    N N N 273 
PRO CA   C N S 274 
PRO C    C N N 275 
PRO O    O N N 276 
PRO CB   C N N 277 
PRO CG   C N N 278 
PRO CD   C N N 279 
PRO OXT  O N N 280 
PRO H    H N N 281 
PRO HA   H N N 282 
PRO HB2  H N N 283 
PRO HB3  H N N 284 
PRO HG2  H N N 285 
PRO HG3  H N N 286 
PRO HD2  H N N 287 
PRO HD3  H N N 288 
PRO HXT  H N N 289 
SER N    N N N 290 
SER CA   C N S 291 
SER C    C N N 292 
SER O    O N N 293 
SER CB   C N N 294 
SER OG   O N N 295 
SER OXT  O N N 296 
SER H    H N N 297 
SER H2   H N N 298 
SER HA   H N N 299 
SER HB2  H N N 300 
SER HB3  H N N 301 
SER HG   H N N 302 
SER HXT  H N N 303 
THR N    N N N 304 
THR CA   C N S 305 
THR C    C N N 306 
THR O    O N N 307 
THR CB   C N R 308 
THR OG1  O N N 309 
THR CG2  C N N 310 
THR OXT  O N N 311 
THR H    H N N 312 
THR H2   H N N 313 
THR HA   H N N 314 
THR HB   H N N 315 
THR HG1  H N N 316 
THR HG21 H N N 317 
THR HG22 H N N 318 
THR HG23 H N N 319 
THR HXT  H N N 320 
TYR N    N N N 321 
TYR CA   C N S 322 
TYR C    C N N 323 
TYR O    O N N 324 
TYR CB   C N N 325 
TYR CG   C Y N 326 
TYR CD1  C Y N 327 
TYR CD2  C Y N 328 
TYR CE1  C Y N 329 
TYR CE2  C Y N 330 
TYR CZ   C Y N 331 
TYR OH   O N N 332 
TYR OXT  O N N 333 
TYR H    H N N 334 
TYR H2   H N N 335 
TYR HA   H N N 336 
TYR HB2  H N N 337 
TYR HB3  H N N 338 
TYR HD1  H N N 339 
TYR HD2  H N N 340 
TYR HE1  H N N 341 
TYR HE2  H N N 342 
TYR HH   H N N 343 
TYR HXT  H N N 344 
VAL N    N N N 345 
VAL CA   C N S 346 
VAL C    C N N 347 
VAL O    O N N 348 
VAL CB   C N N 349 
VAL CG1  C N N 350 
VAL CG2  C N N 351 
VAL OXT  O N N 352 
VAL H    H N N 353 
VAL H2   H N N 354 
VAL HA   H N N 355 
VAL HB   H N N 356 
VAL HG11 H N N 357 
VAL HG12 H N N 358 
VAL HG13 H N N 359 
VAL HG21 H N N 360 
VAL HG22 H N N 361 
VAL HG23 H N N 362 
VAL HXT  H N N 363 
# 
loop_
_chem_comp_bond.comp_id 
_chem_comp_bond.atom_id_1 
_chem_comp_bond.atom_id_2 
_chem_comp_bond.value_order 
_chem_comp_bond.pdbx_aromatic_flag 
_chem_comp_bond.pdbx_stereo_config 
_chem_comp_bond.pdbx_ordinal 
ALA N   CA   sing N N 1   
ALA N   H    sing N N 2   
ALA N   H2   sing N N 3   
ALA CA  C    sing N N 4   
ALA CA  CB   sing N N 5   
ALA CA  HA   sing N N 6   
ALA C   O    doub N N 7   
ALA C   OXT  sing N N 8   
ALA CB  HB1  sing N N 9   
ALA CB  HB2  sing N N 10  
ALA CB  HB3  sing N N 11  
ALA OXT HXT  sing N N 12  
ARG N   CA   sing N N 13  
ARG N   H    sing N N 14  
ARG N   H2   sing N N 15  
ARG CA  C    sing N N 16  
ARG CA  CB   sing N N 17  
ARG CA  HA   sing N N 18  
ARG C   O    doub N N 19  
ARG C   OXT  sing N N 20  
ARG CB  CG   sing N N 21  
ARG CB  HB2  sing N N 22  
ARG CB  HB3  sing N N 23  
ARG CG  CD   sing N N 24  
ARG CG  HG2  sing N N 25  
ARG CG  HG3  sing N N 26  
ARG CD  NE   sing N N 27  
ARG CD  HD2  sing N N 28  
ARG CD  HD3  sing N N 29  
ARG NE  CZ   sing N N 30  
ARG NE  HE   sing N N 31  
ARG CZ  NH1  sing N N 32  
ARG CZ  NH2  doub N N 33  
ARG NH1 HH11 sing N N 34  
ARG NH1 HH12 sing N N 35  
ARG NH2 HH21 sing N N 36  
ARG NH2 HH22 sing N N 37  
ARG OXT HXT  sing N N 38  
ASN N   CA   sing N N 39  
ASN N   H    sing N N 40  
ASN N   H2   sing N N 41  
ASN CA  C    sing N N 42  
ASN CA  CB   sing N N 43  
ASN CA  HA   sing N N 44  
ASN C   O    doub N N 45  
ASN C   OXT  sing N N 46  
ASN CB  CG   sing N N 47  
ASN CB  HB2  sing N N 48  
ASN CB  HB3  sing N N 49  
ASN CG  OD1  doub N N 50  
ASN CG  ND2  sing N N 51  
ASN ND2 HD21 sing N N 52  
ASN ND2 HD22 sing N N 53  
ASN OXT HXT  sing N N 54  
ASP N   CA   sing N N 55  
ASP N   H    sing N N 56  
ASP N   H2   sing N N 57  
ASP CA  C    sing N N 58  
ASP CA  CB   sing N N 59  
ASP CA  HA   sing N N 60  
ASP C   O    doub N N 61  
ASP C   OXT  sing N N 62  
ASP CB  CG   sing N N 63  
ASP CB  HB2  sing N N 64  
ASP CB  HB3  sing N N 65  
ASP CG  OD1  doub N N 66  
ASP CG  OD2  sing N N 67  
ASP OD2 HD2  sing N N 68  
ASP OXT HXT  sing N N 69  
CYS N   CA   sing N N 70  
CYS N   H    sing N N 71  
CYS N   H2   sing N N 72  
CYS CA  C    sing N N 73  
CYS CA  CB   sing N N 74  
CYS CA  HA   sing N N 75  
CYS C   O    doub N N 76  
CYS C   OXT  sing N N 77  
CYS CB  SG   sing N N 78  
CYS CB  HB2  sing N N 79  
CYS CB  HB3  sing N N 80  
CYS SG  HG   sing N N 81  
CYS OXT HXT  sing N N 82  
GLN N   CA   sing N N 83  
GLN N   H    sing N N 84  
GLN N   H2   sing N N 85  
GLN CA  C    sing N N 86  
GLN CA  CB   sing N N 87  
GLN CA  HA   sing N N 88  
GLN C   O    doub N N 89  
GLN C   OXT  sing N N 90  
GLN CB  CG   sing N N 91  
GLN CB  HB2  sing N N 92  
GLN CB  HB3  sing N N 93  
GLN CG  CD   sing N N 94  
GLN CG  HG2  sing N N 95  
GLN CG  HG3  sing N N 96  
GLN CD  OE1  doub N N 97  
GLN CD  NE2  sing N N 98  
GLN NE2 HE21 sing N N 99  
GLN NE2 HE22 sing N N 100 
GLN OXT HXT  sing N N 101 
GLU N   CA   sing N N 102 
GLU N   H    sing N N 103 
GLU N   H2   sing N N 104 
GLU CA  C    sing N N 105 
GLU CA  CB   sing N N 106 
GLU CA  HA   sing N N 107 
GLU C   O    doub N N 108 
GLU C   OXT  sing N N 109 
GLU CB  CG   sing N N 110 
GLU CB  HB2  sing N N 111 
GLU CB  HB3  sing N N 112 
GLU CG  CD   sing N N 113 
GLU CG  HG2  sing N N 114 
GLU CG  HG3  sing N N 115 
GLU CD  OE1  doub N N 116 
GLU CD  OE2  sing N N 117 
GLU OE2 HE2  sing N N 118 
GLU OXT HXT  sing N N 119 
GLY N   CA   sing N N 120 
GLY N   H    sing N N 121 
GLY N   H2   sing N N 122 
GLY CA  C    sing N N 123 
GLY CA  HA2  sing N N 124 
GLY CA  HA3  sing N N 125 
GLY C   O    doub N N 126 
GLY C   OXT  sing N N 127 
GLY OXT HXT  sing N N 128 
HIS N   CA   sing N N 129 
HIS N   H    sing N N 130 
HIS N   H2   sing N N 131 
HIS CA  C    sing N N 132 
HIS CA  CB   sing N N 133 
HIS CA  HA   sing N N 134 
HIS C   O    doub N N 135 
HIS C   OXT  sing N N 136 
HIS CB  CG   sing N N 137 
HIS CB  HB2  sing N N 138 
HIS CB  HB3  sing N N 139 
HIS CG  ND1  sing Y N 140 
HIS CG  CD2  doub Y N 141 
HIS ND1 CE1  doub Y N 142 
HIS ND1 HD1  sing N N 143 
HIS CD2 NE2  sing Y N 144 
HIS CD2 HD2  sing N N 145 
HIS CE1 NE2  sing Y N 146 
HIS CE1 HE1  sing N N 147 
HIS NE2 HE2  sing N N 148 
HIS OXT HXT  sing N N 149 
HOH O   H1   sing N N 150 
HOH O   H2   sing N N 151 
ILE N   CA   sing N N 152 
ILE N   H    sing N N 153 
ILE N   H2   sing N N 154 
ILE CA  C    sing N N 155 
ILE CA  CB   sing N N 156 
ILE CA  HA   sing N N 157 
ILE C   O    doub N N 158 
ILE C   OXT  sing N N 159 
ILE CB  CG1  sing N N 160 
ILE CB  CG2  sing N N 161 
ILE CB  HB   sing N N 162 
ILE CG1 CD1  sing N N 163 
ILE CG1 HG12 sing N N 164 
ILE CG1 HG13 sing N N 165 
ILE CG2 HG21 sing N N 166 
ILE CG2 HG22 sing N N 167 
ILE CG2 HG23 sing N N 168 
ILE CD1 HD11 sing N N 169 
ILE CD1 HD12 sing N N 170 
ILE CD1 HD13 sing N N 171 
ILE OXT HXT  sing N N 172 
LEU N   CA   sing N N 173 
LEU N   H    sing N N 174 
LEU N   H2   sing N N 175 
LEU CA  C    sing N N 176 
LEU CA  CB   sing N N 177 
LEU CA  HA   sing N N 178 
LEU C   O    doub N N 179 
LEU C   OXT  sing N N 180 
LEU CB  CG   sing N N 181 
LEU CB  HB2  sing N N 182 
LEU CB  HB3  sing N N 183 
LEU CG  CD1  sing N N 184 
LEU CG  CD2  sing N N 185 
LEU CG  HG   sing N N 186 
LEU CD1 HD11 sing N N 187 
LEU CD1 HD12 sing N N 188 
LEU CD1 HD13 sing N N 189 
LEU CD2 HD21 sing N N 190 
LEU CD2 HD22 sing N N 191 
LEU CD2 HD23 sing N N 192 
LEU OXT HXT  sing N N 193 
LYS N   CA   sing N N 194 
LYS N   H    sing N N 195 
LYS N   H2   sing N N 196 
LYS CA  C    sing N N 197 
LYS CA  CB   sing N N 198 
LYS CA  HA   sing N N 199 
LYS C   O    doub N N 200 
LYS C   OXT  sing N N 201 
LYS CB  CG   sing N N 202 
LYS CB  HB2  sing N N 203 
LYS CB  HB3  sing N N 204 
LYS CG  CD   sing N N 205 
LYS CG  HG2  sing N N 206 
LYS CG  HG3  sing N N 207 
LYS CD  CE   sing N N 208 
LYS CD  HD2  sing N N 209 
LYS CD  HD3  sing N N 210 
LYS CE  NZ   sing N N 211 
LYS CE  HE2  sing N N 212 
LYS CE  HE3  sing N N 213 
LYS NZ  HZ1  sing N N 214 
LYS NZ  HZ2  sing N N 215 
LYS NZ  HZ3  sing N N 216 
LYS OXT HXT  sing N N 217 
MET N   CA   sing N N 218 
MET N   H    sing N N 219 
MET N   H2   sing N N 220 
MET CA  C    sing N N 221 
MET CA  CB   sing N N 222 
MET CA  HA   sing N N 223 
MET C   O    doub N N 224 
MET C   OXT  sing N N 225 
MET CB  CG   sing N N 226 
MET CB  HB2  sing N N 227 
MET CB  HB3  sing N N 228 
MET CG  SD   sing N N 229 
MET CG  HG2  sing N N 230 
MET CG  HG3  sing N N 231 
MET SD  CE   sing N N 232 
MET CE  HE1  sing N N 233 
MET CE  HE2  sing N N 234 
MET CE  HE3  sing N N 235 
MET OXT HXT  sing N N 236 
PHE N   CA   sing N N 237 
PHE N   H    sing N N 238 
PHE N   H2   sing N N 239 
PHE CA  C    sing N N 240 
PHE CA  CB   sing N N 241 
PHE CA  HA   sing N N 242 
PHE C   O    doub N N 243 
PHE C   OXT  sing N N 244 
PHE CB  CG   sing N N 245 
PHE CB  HB2  sing N N 246 
PHE CB  HB3  sing N N 247 
PHE CG  CD1  doub Y N 248 
PHE CG  CD2  sing Y N 249 
PHE CD1 CE1  sing Y N 250 
PHE CD1 HD1  sing N N 251 
PHE CD2 CE2  doub Y N 252 
PHE CD2 HD2  sing N N 253 
PHE CE1 CZ   doub Y N 254 
PHE CE1 HE1  sing N N 255 
PHE CE2 CZ   sing Y N 256 
PHE CE2 HE2  sing N N 257 
PHE CZ  HZ   sing N N 258 
PHE OXT HXT  sing N N 259 
PRO N   CA   sing N N 260 
PRO N   CD   sing N N 261 
PRO N   H    sing N N 262 
PRO CA  C    sing N N 263 
PRO CA  CB   sing N N 264 
PRO CA  HA   sing N N 265 
PRO C   O    doub N N 266 
PRO C   OXT  sing N N 267 
PRO CB  CG   sing N N 268 
PRO CB  HB2  sing N N 269 
PRO CB  HB3  sing N N 270 
PRO CG  CD   sing N N 271 
PRO CG  HG2  sing N N 272 
PRO CG  HG3  sing N N 273 
PRO CD  HD2  sing N N 274 
PRO CD  HD3  sing N N 275 
PRO OXT HXT  sing N N 276 
SER N   CA   sing N N 277 
SER N   H    sing N N 278 
SER N   H2   sing N N 279 
SER CA  C    sing N N 280 
SER CA  CB   sing N N 281 
SER CA  HA   sing N N 282 
SER C   O    doub N N 283 
SER C   OXT  sing N N 284 
SER CB  OG   sing N N 285 
SER CB  HB2  sing N N 286 
SER CB  HB3  sing N N 287 
SER OG  HG   sing N N 288 
SER OXT HXT  sing N N 289 
THR N   CA   sing N N 290 
THR N   H    sing N N 291 
THR N   H2   sing N N 292 
THR CA  C    sing N N 293 
THR CA  CB   sing N N 294 
THR CA  HA   sing N N 295 
THR C   O    doub N N 296 
THR C   OXT  sing N N 297 
THR CB  OG1  sing N N 298 
THR CB  CG2  sing N N 299 
THR CB  HB   sing N N 300 
THR OG1 HG1  sing N N 301 
THR CG2 HG21 sing N N 302 
THR CG2 HG22 sing N N 303 
THR CG2 HG23 sing N N 304 
THR OXT HXT  sing N N 305 
TYR N   CA   sing N N 306 
TYR N   H    sing N N 307 
TYR N   H2   sing N N 308 
TYR CA  C    sing N N 309 
TYR CA  CB   sing N N 310 
TYR CA  HA   sing N N 311 
TYR C   O    doub N N 312 
TYR C   OXT  sing N N 313 
TYR CB  CG   sing N N 314 
TYR CB  HB2  sing N N 315 
TYR CB  HB3  sing N N 316 
TYR CG  CD1  doub Y N 317 
TYR CG  CD2  sing Y N 318 
TYR CD1 CE1  sing Y N 319 
TYR CD1 HD1  sing N N 320 
TYR CD2 CE2  doub Y N 321 
TYR CD2 HD2  sing N N 322 
TYR CE1 CZ   doub Y N 323 
TYR CE1 HE1  sing N N 324 
TYR CE2 CZ   sing Y N 325 
TYR CE2 HE2  sing N N 326 
TYR CZ  OH   sing N N 327 
TYR OH  HH   sing N N 328 
TYR OXT HXT  sing N N 329 
VAL N   CA   sing N N 330 
VAL N   H    sing N N 331 
VAL N   H2   sing N N 332 
VAL CA  C    sing N N 333 
VAL CA  CB   sing N N 334 
VAL CA  HA   sing N N 335 
VAL C   O    doub N N 336 
VAL C   OXT  sing N N 337 
VAL CB  CG1  sing N N 338 
VAL CB  CG2  sing N N 339 
VAL CB  HB   sing N N 340 
VAL CG1 HG11 sing N N 341 
VAL CG1 HG12 sing N N 342 
VAL CG1 HG13 sing N N 343 
VAL CG2 HG21 sing N N 344 
VAL CG2 HG22 sing N N 345 
VAL CG2 HG23 sing N N 346 
VAL OXT HXT  sing N N 347 
# 
_pdbx_audit_support.funding_organization   'Japan Society for the Promotion of Science (JSPS)' 
_pdbx_audit_support.country                Japan 
_pdbx_audit_support.grant_number           ? 
_pdbx_audit_support.ordinal                1 
# 
_atom_sites.entry_id                    8JVC 
_atom_sites.Cartn_transf_matrix[1][1]   ? 
_atom_sites.Cartn_transf_matrix[1][2]   ? 
_atom_sites.Cartn_transf_matrix[1][3]   ? 
_atom_sites.Cartn_transf_matrix[2][1]   ? 
_atom_sites.Cartn_transf_matrix[2][2]   ? 
_atom_sites.Cartn_transf_matrix[2][3]   ? 
_atom_sites.Cartn_transf_matrix[3][1]   ? 
_atom_sites.Cartn_transf_matrix[3][2]   ? 
_atom_sites.Cartn_transf_matrix[3][3]   ? 
_atom_sites.Cartn_transf_vector[1]      ? 
_atom_sites.Cartn_transf_vector[2]      ? 
_atom_sites.Cartn_transf_vector[3]      ? 
_atom_sites.fract_transf_matrix[1][1]   -0.01625278 
_atom_sites.fract_transf_matrix[1][2]   0.00550090 
_atom_sites.fract_transf_matrix[1][3]   0.00060145 
_atom_sites.fract_transf_matrix[2][1]   -0.00078519 
_atom_sites.fract_transf_matrix[2][2]   -0.00044528 
_atom_sites.fract_transf_matrix[2][3]   -0.01714525 
_atom_sites.fract_transf_matrix[3][1]   -0.00303444 
_atom_sites.fract_transf_matrix[3][2]   -0.00900623 
_atom_sites.fract_transf_matrix[3][3]   0.00037287 
_atom_sites.fract_transf_vector[1]      0.297474 
_atom_sites.fract_transf_vector[2]      0.180372 
_atom_sites.fract_transf_vector[3]      0.272720 
_atom_sites.solution_primary            ? 
_atom_sites.solution_secondary          ? 
_atom_sites.solution_hydrogens          ? 
_atom_sites.special_details             ? 
# 
loop_
_atom_type.symbol 
_atom_type.pdbx_scat_Z 
_atom_type.pdbx_N_electrons 
_atom_type.scat_Cromer_Mann_a1 
_atom_type.scat_Cromer_Mann_b1 
_atom_type.scat_Cromer_Mann_a2 
_atom_type.scat_Cromer_Mann_b2 
_atom_type.scat_Cromer_Mann_a3 
_atom_type.scat_Cromer_Mann_b3 
_atom_type.scat_Cromer_Mann_a4 
_atom_type.scat_Cromer_Mann_b4 
_atom_type.scat_Cromer_Mann_c 
C 6  6  2.3103  20.8439 1.0201 10.2075 1.5888 0.5687  0.8651 51.6512 0.2156   
H 1  1  0.4930  10.5109 0.3229 26.1257 0.1402 3.1424  0.0408 57.7997 0.0030   
N 7  7  12.2220 0.0057  3.1346 9.8933  2.0141 28.9975 1.1672 0.5826  -11.5379 
O 8  8  3.0487  13.2771 2.2870 5.7011  1.5464 0.3239  0.8671 32.9089 0.2508   
S 16 16 6.9054  1.4679  5.2035 22.2151 1.4379 0.2536  1.5863 56.1720 1.0555   
# 
loop_
_atom_site.group_PDB 
_atom_site.id 
_atom_site.type_symbol 
_atom_site.label_atom_id 
_atom_site.label_alt_id 
_atom_site.label_comp_id 
_atom_site.label_asym_id 
_atom_site.label_entity_id 
_atom_site.label_seq_id 
_atom_site.pdbx_PDB_ins_code 
_atom_site.Cartn_x 
_atom_site.Cartn_y 
_atom_site.Cartn_z 
_atom_site.occupancy 
_atom_site.B_iso_or_equiv 
_atom_site.pdbx_formal_charge 
_atom_site.auth_seq_id 
_atom_site.auth_comp_id 
_atom_site.auth_asym_id 
_atom_site.auth_atom_id 
_atom_site.pdbx_PDB_model_num 
_atom_site.calc_flag 
ATOM   1    N N   . MET A 1 3   ? 0.698   13.399  -16.715 1.000 51.900 0 3   MET A N   1 ? 
ATOM   2    C CA  . MET A 1 3   ? 1.045   14.107  -15.452 1.000 52.023 0 3   MET A CA  1 ? 
ATOM   3    C C   . MET A 1 3   ? 1.578   13.092  -14.444 1.000 49.735 0 3   MET A C   1 ? 
ATOM   4    O O   . MET A 1 3   ? 0.980   12.031  -14.246 1.000 41.505 0 3   MET A O   1 ? 
ATOM   5    C CB  . MET A 1 3   ? -0.178  14.818  -14.862 1.000 58.416 0 3   MET A CB  1 ? 
ATOM   6    C CG  . MET A 1 3   ? 0.170   15.866  -13.818 1.000 62.698 0 3   MET A CG  1 ? 
ATOM   7    S SD  . MET A 1 3   ? 0.265   15.193  -12.135 1.000 66.532 0 3   MET A SD  1 ? 
ATOM   8    C CE  . MET A 1 3   ? -1.470  14.904  -11.794 1.000 65.791 0 3   MET A CE  1 ? 
ATOM   9    N N   . PHE A 1 4   ? 2.713   13.422  -13.819 1.000 45.102 0 4   PHE A N   1 ? 
ATOM   10   C CA  . PHE A 1 4   ? 3.222   12.614  -12.724 1.000 41.587 0 4   PHE A CA  1 ? 
ATOM   11   C C   . PHE A 1 4   ? 4.043   13.470  -11.763 1.000 40.770 0 4   PHE A C   1 ? 
ATOM   12   O O   . PHE A 1 4   ? 4.548   14.532  -12.131 1.000 37.052 0 4   PHE A O   1 ? 
ATOM   13   C CB  . PHE A 1 4   ? 3.995   11.407  -13.263 1.000 42.708 0 4   PHE A CB  1 ? 
ATOM   14   C CG  . PHE A 1 4   ? 5.303   11.699  -13.952 1.000 45.008 0 4   PHE A CG  1 ? 
ATOM   15   C CD1 . PHE A 1 4   ? 6.501   11.629  -13.257 1.000 40.542 0 4   PHE A CD1 1 ? 
ATOM   16   C CD2 . PHE A 1 4   ? 5.352   11.929  -15.320 1.000 51.295 0 4   PHE A CD2 1 ? 
ATOM   17   C CE1 . PHE A 1 4   ? 7.709   11.845  -13.899 1.000 41.188 0 4   PHE A CE1 1 ? 
ATOM   18   C CE2 . PHE A 1 4   ? 6.564   12.141  -15.961 1.000 45.049 0 4   PHE A CE2 1 ? 
ATOM   19   C CZ  . PHE A 1 4   ? 7.738   12.095  -15.250 1.000 42.892 0 4   PHE A CZ  1 ? 
ATOM   20   N N   . PHE A 1 5   ? 4.100   13.008  -10.506 1.000 34.052 0 5   PHE A N   1 ? 
ATOM   21   C CA  . PHE A 1 5   ? 4.975   13.560  -9.487  1.000 31.111 0 5   PHE A CA  1 ? 
ATOM   22   C C   . PHE A 1 5   ? 6.253   12.733  -9.421  1.000 33.701 0 5   PHE A C   1 ? 
ATOM   23   O O   . PHE A 1 5   ? 6.223   11.523  -9.631  1.000 35.601 0 5   PHE A O   1 ? 
ATOM   24   C CB  . PHE A 1 5   ? 4.281   13.560  -8.121  1.000 29.792 0 5   PHE A CB  1 ? 
ATOM   25   C CG  . PHE A 1 5   ? 2.974   14.309  -8.063  1.000 31.088 0 5   PHE A CG  1 ? 
ATOM   26   C CD1 . PHE A 1 5   ? 2.932   15.632  -7.655  1.000 30.779 0 5   PHE A CD1 1 ? 
ATOM   27   C CD2 . PHE A 1 5   ? 1.779   13.680  -8.380  1.000 35.150 0 5   PHE A CD2 1 ? 
ATOM   28   C CE1 . PHE A 1 5   ? 1.730   16.318  -7.591  1.000 32.236 0 5   PHE A CE1 1 ? 
ATOM   29   C CE2 . PHE A 1 5   ? 0.576   14.369  -8.318  1.000 36.318 0 5   PHE A CE2 1 ? 
ATOM   30   C CZ  . PHE A 1 5   ? 0.554   15.684  -7.920  1.000 36.136 0 5   PHE A CZ  1 ? 
ATOM   31   N N   . ARG A 1 6   ? 7.371   13.392  -9.093  1.000 34.223 0 6   ARG A N   1 ? 
ATOM   32   C CA  . ARG A 1 6   ? 8.654   12.715  -9.002  1.000 36.204 0 6   ARG A CA  1 ? 
ATOM   33   C C   . ARG A 1 6   ? 9.331   13.070  -7.681  1.000 33.237 0 6   ARG A C   1 ? 
ATOM   34   O O   . ARG A 1 6   ? 9.199   14.185  -7.186  1.000 37.067 0 6   ARG A O   1 ? 
ATOM   35   C CB  . ARG A 1 6   ? 9.545   13.103  -10.186 1.000 45.489 0 6   ARG A CB  1 ? 
ATOM   36   C CG  . ARG A 1 6   ? 10.769  12.213  -10.352 1.000 53.399 0 6   ARG A CG  1 ? 
ATOM   37   C CD  . ARG A 1 6   ? 11.829  12.838  -11.234 1.000 59.971 0 6   ARG A CD  1 ? 
ATOM   38   N NE  . ARG A 1 6   ? 11.462  12.781  -12.640 1.000 65.901 0 6   ARG A NE  1 ? 
ATOM   39   C CZ  . ARG A 1 6   ? 11.464  13.823  -13.464 1.000 69.244 0 6   ARG A CZ  1 ? 
ATOM   40   N NH1 . ARG A 1 6   ? 11.948  14.986  -13.061 1.000 75.586 0 6   ARG A NH1 1 ? 
ATOM   41   N NH2 . ARG A 1 6   ? 10.984  13.697  -14.688 1.000 64.953 0 6   ARG A NH2 1 ? 
ATOM   42   N N   . LEU A 1 7   ? 10.081  12.110  -7.133  1.000 41.247 0 7   LEU A N   1 ? 
ATOM   43   C CA  . LEU A 1 7   ? 10.836  12.323  -5.909  1.000 40.465 0 7   LEU A CA  1 ? 
ATOM   44   C C   . LEU A 1 7   ? 11.906  13.387  -6.144  1.000 41.481 0 7   LEU A C   1 ? 
ATOM   45   O O   . LEU A 1 7   ? 12.624  13.340  -7.137  1.000 45.091 0 7   LEU A O   1 ? 
ATOM   46   C CB  . LEU A 1 7   ? 11.470  10.999  -5.476  1.000 36.366 0 7   LEU A CB  1 ? 
ATOM   47   C CG  . LEU A 1 7   ? 10.511  9.955   -4.908  1.000 32.905 0 7   LEU A CG  1 ? 
ATOM   48   C CD1 . LEU A 1 7   ? 11.274  8.736   -4.415  1.000 30.295 0 7   LEU A CD1 1 ? 
ATOM   49   C CD2 . LEU A 1 7   ? 9.666   10.543  -3.789  1.000 34.763 0 7   LEU A CD2 1 ? 
ATOM   50   N N   . THR A 1 8   ? 11.998  14.337  -5.207  1.000 47.036 0 8   THR A N   1 ? 
ATOM   51   C CA  . THR A 1 8   ? 13.179  15.171  -5.042  1.000 45.645 0 8   THR A CA  1 ? 
ATOM   52   C C   . THR A 1 8   ? 14.217  14.427  -4.206  1.000 52.305 0 8   THR A C   1 ? 
ATOM   53   O O   . THR A 1 8   ? 13.916  13.402  -3.597  1.000 51.392 0 8   THR A O   1 ? 
ATOM   54   C CB  . THR A 1 8   ? 12.823  16.503  -4.367  1.000 44.097 0 8   THR A CB  1 ? 
ATOM   55   O OG1 . THR A 1 8   ? 12.437  16.222  -3.020  1.000 42.973 0 8   THR A OG1 1 ? 
ATOM   56   C CG2 . THR A 1 8   ? 11.713  17.251  -5.070  1.000 42.007 0 8   THR A CG2 1 ? 
ATOM   57   N N   . ARG A 1 9   ? 15.433  14.983  -4.154  1.000 54.842 0 9   ARG A N   1 ? 
ATOM   58   C CA  . ARG A 1 9   ? 16.542  14.354  -3.454  1.000 57.369 0 9   ARG A CA  1 ? 
ATOM   59   C C   . ARG A 1 9   ? 16.219  14.285  -1.962  1.000 51.789 0 9   ARG A C   1 ? 
ATOM   60   O O   . ARG A 1 9   ? 16.498  13.280  -1.307  1.000 44.968 0 9   ARG A O   1 ? 
ATOM   61   C CB  . ARG A 1 9   ? 17.837  15.130  -3.715  1.000 67.948 0 9   ARG A CB  1 ? 
ATOM   62   C CG  . ARG A 1 9   ? 19.104  14.293  -3.598  1.000 74.325 0 9   ARG A CG  1 ? 
ATOM   63   C CD  . ARG A 1 9   ? 20.353  15.094  -3.917  1.000 80.593 0 9   ARG A CD  1 ? 
ATOM   64   N NE  . ARG A 1 9   ? 20.464  16.293  -3.094  1.000 83.140 0 9   ARG A NE  1 ? 
ATOM   65   C CZ  . ARG A 1 9   ? 20.900  16.311  -1.838  1.000 89.246 0 9   ARG A CZ  1 ? 
ATOM   66   N NH1 . ARG A 1 9   ? 21.460  15.234  -1.315  1.000 95.946 0 9   ARG A NH1 1 ? 
ATOM   67   N NH2 . ARG A 1 9   ? 20.794  17.414  -1.117  1.000 81.458 0 9   ARG A NH2 1 ? 
ATOM   68   N N   . GLU A 1 10  ? 15.599  15.353  -1.447  1.000 45.562 0 10  GLU A N   1 ? 
ATOM   69   C CA  . GLU A 1 10  ? 15.209  15.430  -0.048  1.000 50.425 0 10  GLU A CA  1 ? 
ATOM   70   C C   . GLU A 1 10  ? 14.260  14.283  0.289   1.000 48.185 0 10  GLU A C   1 ? 
ATOM   71   O O   . GLU A 1 10  ? 14.384  13.663  1.344   1.000 41.802 0 10  GLU A O   1 ? 
ATOM   72   C CB  . GLU A 1 10  ? 14.532  16.768  0.257   1.000 56.469 0 10  GLU A CB  1 ? 
ATOM   73   C CG  . GLU A 1 10  ? 15.497  17.858  0.681   1.000 63.216 0 10  GLU A CG  1 ? 
ATOM   74   C CD  . GLU A 1 10  ? 16.363  18.400  -0.442  1.000 76.247 0 10  GLU A CD  1 ? 
ATOM   75   O OE1 . GLU A 1 10  ? 15.795  18.869  -1.449  1.000 78.500 0 10  GLU A OE1 1 ? 
ATOM   76   O OE2 . GLU A 1 10  ? 17.605  18.341  -0.313  1.000 85.248 0 10  GLU A OE2 1 ? 
ATOM   77   N N   . LEU A 1 11  ? 13.285  14.046  -0.599  1.000 43.181 0 11  LEU A N   1 ? 
ATOM   78   C CA  . LEU A 1 11  ? 12.231  13.075  -0.342  1.000 41.128 0 11  LEU A CA  1 ? 
ATOM   79   C C   . LEU A 1 11  ? 12.794  11.659  -0.454  1.000 42.244 0 11  LEU A C   1 ? 
ATOM   80   O O   . LEU A 1 11  ? 12.469  10.796  0.355   1.000 39.968 0 11  LEU A O   1 ? 
ATOM   81   C CB  . LEU A 1 11  ? 11.083  13.300  -1.331  1.000 42.298 0 11  LEU A CB  1 ? 
ATOM   82   C CG  . LEU A 1 11  ? 10.149  14.464  -1.005  1.000 43.080 0 11  LEU A CG  1 ? 
ATOM   83   C CD1 . LEU A 1 11  ? 8.918   14.432  -1.895  1.000 45.434 0 11  LEU A CD1 1 ? 
ATOM   84   C CD2 . LEU A 1 11  ? 9.744   14.455  0.462   1.000 41.035 0 11  LEU A CD2 1 ? 
ATOM   85   N N   . ARG A 1 12  ? 13.638  11.431  -1.463  1.000 40.506 0 12  ARG A N   1 ? 
ATOM   86   C CA  . ARG A 1 12  ? 14.277  10.139  -1.672  1.000 45.149 0 12  ARG A CA  1 ? 
ATOM   87   C C   . ARG A 1 12  ? 15.067  9.743   -0.426  1.000 56.907 0 12  ARG A C   1 ? 
ATOM   88   O O   . ARG A 1 12  ? 15.009  8.593   0.011   1.000 53.185 0 12  ARG A O   1 ? 
ATOM   89   C CB  . ARG A 1 12  ? 15.194  10.189  -2.896  1.000 39.156 0 12  ARG A CB  1 ? 
ATOM   90   C CG  . ARG A 1 12  ? 15.657  8.823   -3.388  1.000 39.113 0 12  ARG A CG  1 ? 
ATOM   91   C CD  . ARG A 1 12  ? 16.218  8.855   -4.801  1.000 40.638 0 12  ARG A CD  1 ? 
ATOM   92   N NE  . ARG A 1 12  ? 15.183  8.650   -5.815  1.000 41.478 0 12  ARG A NE  1 ? 
ATOM   93   C CZ  . ARG A 1 12  ? 14.831  9.554   -6.727  1.000 42.340 0 12  ARG A CZ  1 ? 
ATOM   94   N NH1 . ARG A 1 12  ? 15.398  10.750  -6.733  1.000 43.106 0 12  ARG A NH1 1 ? 
ATOM   95   N NH2 . ARG A 1 12  ? 13.905  9.260   -7.625  1.000 37.981 0 12  ARG A NH2 1 ? 
ATOM   96   N N   . ASP A 1 13  ? 15.810  10.701  0.136   1.000 56.136 0 13  ASP A N   1 ? 
ATOM   97   C CA  . ASP A 1 13  ? 16.539  10.463  1.370   1.000 52.625 0 13  ASP A CA  1 ? 
ATOM   98   C C   . ASP A 1 13  ? 15.545  10.173  2.491   1.000 45.210 0 13  ASP A C   1 ? 
ATOM   99   O O   . ASP A 1 13  ? 15.655  9.160   3.179   1.000 45.216 0 13  ASP A O   1 ? 
ATOM   100  C CB  . ASP A 1 13  ? 17.438  11.649  1.727   1.000 55.925 0 13  ASP A CB  1 ? 
ATOM   101  C CG  . ASP A 1 13  ? 17.957  11.596  3.153   1.000 61.928 0 13  ASP A CG  1 ? 
ATOM   102  O OD1 . ASP A 1 13  ? 18.915  10.834  3.401   1.000 66.426 0 13  ASP A OD1 1 ? 
ATOM   103  O OD2 . ASP A 1 13  ? 17.382  12.297  4.011   1.000 66.597 0 13  ASP A OD2 1 ? 
ATOM   104  N N   . GLU A 1 14  ? 14.565  11.069  2.655   1.000 42.497 0 14  GLU A N   1 ? 
ATOM   105  C CA  . GLU A 1 14  ? 13.794  11.151  3.885   1.000 47.309 0 14  GLU A CA  1 ? 
ATOM   106  C C   . GLU A 1 14  ? 12.779  10.011  3.946   1.000 44.170 0 14  GLU A C   1 ? 
ATOM   107  O O   . GLU A 1 14  ? 12.294  9.670   5.023   1.000 38.890 0 14  GLU A O   1 ? 
ATOM   108  C CB  . GLU A 1 14  ? 13.103  12.514  3.993   1.000 51.168 0 14  GLU A CB  1 ? 
ATOM   109  C CG  . GLU A 1 14  ? 14.041  13.628  4.432   1.000 54.242 0 14  GLU A CG  1 ? 
ATOM   110  C CD  . GLU A 1 14  ? 13.561  15.041  4.140   1.000 52.025 0 14  GLU A CD  1 ? 
ATOM   111  O OE1 . GLU A 1 14  ? 12.340  15.234  3.974   1.000 51.267 0 14  GLU A OE1 1 ? 
ATOM   112  O OE2 . GLU A 1 14  ? 14.415  15.947  4.077   1.000 49.475 0 14  GLU A OE2 1 ? 
ATOM   113  N N   . LEU A 1 15  ? 12.468  9.419   2.786   1.000 42.741 0 15  LEU A N   1 ? 
ATOM   114  C CA  . LEU A 1 15  ? 11.451  8.381   2.715   1.000 39.892 0 15  LEU A CA  1 ? 
ATOM   115  C C   . LEU A 1 15  ? 12.048  7.035   3.122   1.000 36.220 0 15  LEU A C   1 ? 
ATOM   116  O O   . LEU A 1 15  ? 11.318  6.064   3.296   1.000 37.630 0 15  LEU A O   1 ? 
ATOM   117  C CB  . LEU A 1 15  ? 10.868  8.330   1.299   1.000 40.096 0 15  LEU A CB  1 ? 
ATOM   118  C CG  . LEU A 1 15  ? 9.801   9.381   0.997   1.000 41.784 0 15  LEU A CG  1 ? 
ATOM   119  C CD1 . LEU A 1 15  ? 9.292   9.244   -0.428  1.000 45.027 0 15  LEU A CD1 1 ? 
ATOM   120  C CD2 . LEU A 1 15  ? 8.648   9.294   1.986   1.000 44.714 0 15  LEU A CD2 1 ? 
ATOM   121  N N   . LYS A 1 16  ? 13.372  6.995   3.309   1.000 37.796 0 16  LYS A N   1 ? 
ATOM   122  C CA  . LYS A 1 16  ? 14.024  5.833   3.893   1.000 41.343 0 16  LYS A CA  1 ? 
ATOM   123  C C   . LYS A 1 16  ? 13.544  5.635   5.331   1.000 39.476 0 16  LYS A C   1 ? 
ATOM   124  O O   . LYS A 1 16  ? 13.508  4.510   5.820   1.000 42.122 0 16  LYS A O   1 ? 
ATOM   125  C CB  . LYS A 1 16  ? 15.548  5.982   3.851   1.000 46.649 0 16  LYS A CB  1 ? 
ATOM   126  C CG  . LYS A 1 16  ? 16.165  5.947   2.460   1.000 53.121 0 16  LYS A CG  1 ? 
ATOM   127  C CD  . LYS A 1 16  ? 17.679  6.022   2.465   1.000 56.961 0 16  LYS A CD  1 ? 
ATOM   128  C CE  . LYS A 1 16  ? 18.260  6.436   1.129   1.000 62.665 0 16  LYS A CE  1 ? 
ATOM   129  N NZ  . LYS A 1 16  ? 17.771  5.571   0.028   1.000 65.789 0 16  LYS A NZ  1 ? 
ATOM   130  N N   . ARG A 1 17  ? 13.182  6.736   6.002   1.000 37.638 0 17  ARG A N   1 ? 
ATOM   131  C CA  . ARG A 1 17  ? 12.599  6.667   7.333   1.000 36.684 0 17  ARG A CA  1 ? 
ATOM   132  C C   . ARG A 1 17  ? 11.191  6.101   7.265   1.000 36.892 0 17  ARG A C   1 ? 
ATOM   133  O O   . ARG A 1 17  ? 10.369  6.583   6.489   1.000 36.431 0 17  ARG A O   1 ? 
ATOM   134  C CB  . ARG A 1 17  ? 12.462  8.051   7.966   1.000 42.425 0 17  ARG A CB  1 ? 
ATOM   135  C CG  . ARG A 1 17  ? 13.769  8.704   8.366   1.000 41.840 0 17  ARG A CG  1 ? 
ATOM   136  C CD  . ARG A 1 17  ? 13.493  10.092  8.904   1.000 40.132 0 17  ARG A CD  1 ? 
ATOM   137  N NE  . ARG A 1 17  ? 14.728  10.814  9.131   1.000 42.005 0 17  ARG A NE  1 ? 
ATOM   138  C CZ  . ARG A 1 17  ? 15.492  10.667  10.201  1.000 36.278 0 17  ARG A CZ  1 ? 
ATOM   139  N NH1 . ARG A 1 17  ? 15.025  10.038  11.265  1.000 34.291 0 17  ARG A NH1 1 ? 
ATOM   140  N NH2 . ARG A 1 17  ? 16.715  11.165  10.207  1.000 37.049 0 17  ARG A NH2 1 ? 
ATOM   141  N N   . PRO A 1 18  ? 10.817  5.199   8.196   1.000 35.357 0 18  PRO A N   1 ? 
ATOM   142  C CA  . PRO A 1 18  ? 9.451   4.694   8.267   1.000 32.975 0 18  PRO A CA  1 ? 
ATOM   143  C C   . PRO A 1 18  ? 8.421   5.821   8.317   1.000 33.689 0 18  PRO A C   1 ? 
ATOM   144  O O   . PRO A 1 18  ? 8.661   6.855   8.931   1.000 33.921 0 18  PRO A O   1 ? 
ATOM   145  C CB  . PRO A 1 18  ? 9.441   3.872   9.565   1.000 34.173 0 18  PRO A CB  1 ? 
ATOM   146  C CG  . PRO A 1 18  ? 10.886  3.462   9.760   1.000 34.932 0 18  PRO A CG  1 ? 
ATOM   147  C CD  . PRO A 1 18  ? 11.694  4.626   9.228   1.000 35.155 0 18  PRO A CD  1 ? 
ATOM   148  N N   . LEU A 1 19  ? 7.266   5.586   7.682   1.000 30.867 0 19  LEU A N   1 ? 
ATOM   149  C CA  . LEU A 1 19  ? 6.146   6.515   7.722   1.000 31.258 0 19  LEU A CA  1 ? 
ATOM   150  C C   . LEU A 1 19  ? 5.168   6.096   8.814   1.000 29.663 0 19  LEU A C   1 ? 
ATOM   151  O O   . LEU A 1 19  ? 4.150   6.750   9.017   1.000 31.026 0 19  LEU A O   1 ? 
ATOM   152  C CB  . LEU A 1 19  ? 5.442   6.518   6.362   1.000 37.074 0 19  LEU A CB  1 ? 
ATOM   153  C CG  . LEU A 1 19  ? 6.230   7.129   5.207   1.000 42.621 0 19  LEU A CG  1 ? 
ATOM   154  C CD1 . LEU A 1 19  ? 5.582   6.786   3.874   1.000 43.471 0 19  LEU A CD1 1 ? 
ATOM   155  C CD2 . LEU A 1 19  ? 6.353   8.637   5.371   1.000 45.541 0 19  LEU A CD2 1 ? 
ATOM   156  N N   . GLY A 1 20  ? 5.438   4.947   9.436   1.000 28.504 0 20  GLY A N   1 ? 
ATOM   157  C CA  . GLY A 1 20  ? 4.745   4.532   10.644  1.000 30.155 0 20  GLY A CA  1 ? 
ATOM   158  C C   . GLY A 1 20  ? 5.680   3.749   11.560  1.000 28.021 0 20  GLY A C   1 ? 
ATOM   159  O O   . GLY A 1 20  ? 6.886   3.714   11.331  1.000 30.891 0 20  GLY A O   1 ? 
ATOM   160  N N   . GLU A 1 21  ? 5.120   3.073   12.563  1.000 33.507 0 21  GLU A N   1 ? 
ATOM   161  C CA  . GLU A 1 21  ? 5.946   2.271   13.444  1.000 36.758 0 21  GLU A CA  1 ? 
ATOM   162  C C   . GLU A 1 21  ? 6.481   1.065   12.676  1.000 33.176 0 21  GLU A C   1 ? 
ATOM   163  O O   . GLU A 1 21  ? 5.802   0.505   11.816  1.000 33.053 0 21  GLU A O   1 ? 
ATOM   164  C CB  . GLU A 1 21  ? 5.193   1.894   14.717  1.000 44.121 0 21  GLU A CB  1 ? 
ATOM   165  C CG  . GLU A 1 21  ? 4.149   0.819   14.540  1.000 50.370 0 21  GLU A CG  1 ? 
ATOM   166  C CD  . GLU A 1 21  ? 3.475   0.465   15.854  1.000 50.997 0 21  GLU A CD  1 ? 
ATOM   167  O OE1 . GLU A 1 21  ? 4.136   -0.175  16.700  1.000 53.076 0 21  GLU A OE1 1 ? 
ATOM   168  O OE2 . GLU A 1 21  ? 2.323   0.894   16.059  1.000 51.480 0 21  GLU A OE2 1 ? 
ATOM   169  N N   . LEU A 1 22  ? 7.750   0.746   12.952  1.000 31.601 0 22  LEU A N   1 ? 
ATOM   170  C CA  . LEU A 1 22  ? 8.465   -0.342  12.313  1.000 33.317 0 22  LEU A CA  1 ? 
ATOM   171  C C   . LEU A 1 22  ? 8.389   -1.579  13.206  1.000 39.878 0 22  LEU A C   1 ? 
ATOM   172  O O   . LEU A 1 22  ? 8.851   -1.555  14.344  1.000 47.618 0 22  LEU A O   1 ? 
ATOM   173  C CB  . LEU A 1 22  ? 9.912   0.114   12.106  1.000 36.201 0 22  LEU A CB  1 ? 
ATOM   174  C CG  . LEU A 1 22  ? 10.848  -0.886  11.436  1.000 39.155 0 22  LEU A CG  1 ? 
ATOM   175  C CD1 . LEU A 1 22  ? 10.405  -1.173  10.009  1.000 40.784 0 22  LEU A CD1 1 ? 
ATOM   176  C CD2 . LEU A 1 22  ? 12.277  -0.372  11.456  1.000 39.797 0 22  LEU A CD2 1 ? 
ATOM   177  N N   . VAL A 1 23  ? 7.784   -2.651  12.681  1.000 37.434 0 23  VAL A N   1 ? 
ATOM   178  C CA  . VAL A 1 23  ? 7.658   -3.905  13.406  1.000 37.432 0 23  VAL A CA  1 ? 
ATOM   179  C C   . VAL A 1 23  ? 8.691   -4.887  12.861  1.000 38.158 0 23  VAL A C   1 ? 
ATOM   180  O O   . VAL A 1 23  ? 8.727   -5.154  11.662  1.000 37.719 0 23  VAL A O   1 ? 
ATOM   181  C CB  . VAL A 1 23  ? 6.231   -4.472  13.299  1.000 34.611 0 23  VAL A CB  1 ? 
ATOM   182  C CG1 . VAL A 1 23  ? 6.052   -5.728  14.138  1.000 32.021 0 23  VAL A CG1 1 ? 
ATOM   183  C CG2 . VAL A 1 23  ? 5.188   -3.428  13.667  1.000 37.287 0 23  VAL A CG2 1 ? 
ATOM   184  N N   . ARG A 1 24  ? 9.526   -5.414  13.761  1.000 39.934 0 24  ARG A N   1 ? 
ATOM   185  C CA  . ARG A 1 24  ? 10.779  -6.046  13.382  1.000 39.342 0 24  ARG A CA  1 ? 
ATOM   186  C C   . ARG A 1 24  ? 10.651  -7.559  13.532  1.000 41.512 0 24  ARG A C   1 ? 
ATOM   187  O O   . ARG A 1 24  ? 9.609   -8.061  13.955  1.000 40.304 0 24  ARG A O   1 ? 
ATOM   188  C CB  . ARG A 1 24  ? 11.906  -5.505  14.229  1.000 40.614 0 24  ARG A CB  1 ? 
ATOM   189  N N   . GLY A 1 25  ? 11.737  -8.266  13.205  1.000 37.445 0 25  GLY A N   1 ? 
ATOM   190  C CA  . GLY A 1 25  ? 11.808  -9.707  13.378  1.000 33.444 0 25  GLY A CA  1 ? 
ATOM   191  C C   . GLY A 1 25  ? 11.757  -10.418 12.033  1.000 32.174 0 25  GLY A C   1 ? 
ATOM   192  O O   . GLY A 1 25  ? 11.324  -9.840  11.040  1.000 36.854 0 25  GLY A O   1 ? 
ATOM   193  N N   . PRO A 1 26  ? 12.219  -11.681 11.949  1.000 32.024 0 26  PRO A N   1 ? 
ATOM   194  C CA  . PRO A 1 26  ? 12.145  -12.433 10.702  1.000 30.721 0 26  PRO A CA  1 ? 
ATOM   195  C C   . PRO A 1 26  ? 10.703  -12.825 10.394  1.000 33.219 0 26  PRO A C   1 ? 
ATOM   196  O O   . PRO A 1 26  ? 9.929   -13.124 11.302  1.000 34.567 0 26  PRO A O   1 ? 
ATOM   197  C CB  . PRO A 1 26  ? 13.031  -13.657 10.972  1.000 32.929 0 26  PRO A CB  1 ? 
ATOM   198  C CG  . PRO A 1 26  ? 12.948  -13.853 12.474  1.000 34.490 0 26  PRO A CG  1 ? 
ATOM   199  C CD  . PRO A 1 26  ? 12.797  -12.459 13.054  1.000 32.064 0 26  PRO A CD  1 ? 
ATOM   200  N N   . ILE A 1 27  ? 10.350  -12.791 9.108   1.000 31.152 0 27  ILE A N   1 ? 
ATOM   201  C CA  . ILE A 1 27  ? 9.087   -13.332 8.639   1.000 31.518 0 27  ILE A CA  1 ? 
ATOM   202  C C   . ILE A 1 27  ? 8.882   -14.704 9.283   1.000 31.871 0 27  ILE A C   1 ? 
ATOM   203  O O   . ILE A 1 27  ? 9.813   -15.502 9.346   1.000 27.690 0 27  ILE A O   1 ? 
ATOM   204  C CB  . ILE A 1 27  ? 9.083   -13.386 7.095   1.000 32.240 0 27  ILE A CB  1 ? 
ATOM   205  C CG1 . ILE A 1 27  ? 9.137   -11.978 6.491   1.000 35.963 0 27  ILE A CG1 1 ? 
ATOM   206  C CG2 . ILE A 1 27  ? 7.894   -14.178 6.570   1.000 32.475 0 27  ILE A CG2 1 ? 
ATOM   207  C CD1 . ILE A 1 27  ? 9.494   -11.949 5.021   1.000 37.956 0 27  ILE A CD1 1 ? 
ATOM   208  N N   . PRO A 1 28  ? 7.668   -15.027 9.791   1.000 30.969 0 28  PRO A N   1 ? 
ATOM   209  C CA  . PRO A 1 28  ? 6.513   -14.135 9.703   1.000 29.872 0 28  PRO A CA  1 ? 
ATOM   210  C C   . PRO A 1 28  ? 6.190   -13.298 10.944  1.000 27.792 0 28  PRO A C   1 ? 
ATOM   211  O O   . PRO A 1 28  ? 5.072   -12.810 11.083  1.000 28.605 0 28  PRO A O   1 ? 
ATOM   212  C CB  . PRO A 1 28  ? 5.395   -15.160 9.462   1.000 28.494 0 28  PRO A CB  1 ? 
ATOM   213  C CG  . PRO A 1 28  ? 5.783   -16.320 10.359  1.000 27.869 0 28  PRO A CG  1 ? 
ATOM   214  C CD  . PRO A 1 28  ? 7.299   -16.360 10.295  1.000 30.360 0 28  PRO A CD  1 ? 
ATOM   215  N N   . GLU A 1 29  ? 7.189   -13.091 11.807  1.000 24.501 0 29  GLU A N   1 ? 
ATOM   216  C CA  . GLU A 1 29  ? 6.957   -12.612 13.161  1.000 24.719 0 29  GLU A CA  1 ? 
ATOM   217  C C   . GLU A 1 29  ? 6.313   -11.222 13.151  1.000 29.150 0 29  GLU A C   1 ? 
ATOM   218  O O   . GLU A 1 29  ? 5.444   -10.943 13.976  1.000 27.142 0 29  GLU A O   1 ? 
ATOM   219  C CB  . GLU A 1 29  ? 8.264   -12.621 13.952  1.000 24.616 0 29  GLU A CB  1 ? 
ATOM   220  C CG  . GLU A 1 29  ? 8.762   -14.028 14.235  1.000 26.708 0 29  GLU A CG  1 ? 
ATOM   221  C CD  . GLU A 1 29  ? 9.864   -14.143 15.270  1.000 28.278 0 29  GLU A CD  1 ? 
ATOM   222  O OE1 . GLU A 1 29  ? 9.918   -13.301 16.181  1.000 29.275 0 29  GLU A OE1 1 ? 
ATOM   223  O OE2 . GLU A 1 29  ? 10.629  -15.114 15.191  1.000 32.186 0 29  GLU A OE2 1 ? 
ATOM   224  N N   . PRO A 1 30  ? 6.720   -10.289 12.258  1.000 27.340 0 30  PRO A N   1 ? 
ATOM   225  C CA  . PRO A 1 30  ? 6.094   -8.965  12.212  1.000 28.828 0 30  PRO A CA  1 ? 
ATOM   226  C C   . PRO A 1 30  ? 4.589   -9.031  11.966  1.000 26.487 0 30  PRO A C   1 ? 
ATOM   227  O O   . PRO A 1 30  ? 3.829   -8.251  12.535  1.000 28.257 0 30  PRO A O   1 ? 
ATOM   228  C CB  . PRO A 1 30  ? 6.827   -8.254  11.065  1.000 30.422 0 30  PRO A CB  1 ? 
ATOM   229  C CG  . PRO A 1 30  ? 8.171   -8.966  10.993  1.000 30.564 0 30  PRO A CG  1 ? 
ATOM   230  C CD  . PRO A 1 30  ? 7.862   -10.406 11.342  1.000 28.056 0 30  PRO A CD  1 ? 
ATOM   231  N N   . TYR A 1 31  ? 4.163   -10.010 11.163  1.000 27.533 0 31  TYR A N   1 ? 
ATOM   232  C CA  . TYR A 1 31  ? 2.766   -10.144 10.783  1.000 27.400 0 31  TYR A CA  1 ? 
ATOM   233  C C   . TYR A 1 31  ? 1.971   -10.742 11.944  1.000 33.944 0 31  TYR A C   1 ? 
ATOM   234  O O   . TYR A 1 31  ? 0.815   -10.381 12.161  1.000 35.824 0 31  TYR A O   1 ? 
ATOM   235  C CB  . TYR A 1 31  ? 2.657   -10.970 9.501   1.000 26.571 0 31  TYR A CB  1 ? 
ATOM   236  C CG  . TYR A 1 31  ? 3.398   -10.354 8.343   1.000 27.338 0 31  TYR A CG  1 ? 
ATOM   237  C CD1 . TYR A 1 31  ? 2.824   -9.341  7.598   1.000 24.582 0 31  TYR A CD1 1 ? 
ATOM   238  C CD2 . TYR A 1 31  ? 4.715   -10.691 8.074   1.000 26.812 0 31  TYR A CD2 1 ? 
ATOM   239  C CE1 . TYR A 1 31  ? 3.516   -8.717  6.574   1.000 28.861 0 31  TYR A CE1 1 ? 
ATOM   240  C CE2 . TYR A 1 31  ? 5.421   -10.079 7.051   1.000 27.363 0 31  TYR A CE2 1 ? 
ATOM   241  C CZ  . TYR A 1 31  ? 4.823   -9.079  6.305   1.000 25.926 0 31  TYR A CZ  1 ? 
ATOM   242  O OH  . TYR A 1 31  ? 5.498   -8.458  5.286   1.000 24.537 0 31  TYR A OH  1 ? 
ATOM   243  N N   . LEU A 1 32  ? 2.609   -11.645 12.697  1.000 31.510 0 32  LEU A N   1 ? 
ATOM   244  C CA  . LEU A 1 32  ? 2.016   -12.189 13.909  1.000 32.656 0 32  LEU A CA  1 ? 
ATOM   245  C C   . LEU A 1 32  ? 1.779   -11.059 14.903  1.000 28.227 0 32  LEU A C   1 ? 
ATOM   246  O O   . LEU A 1 32  ? 0.762   -11.033 15.585  1.000 32.708 0 32  LEU A O   1 ? 
ATOM   247  C CB  . LEU A 1 32  ? 2.944   -13.254 14.504  1.000 31.012 0 32  LEU A CB  1 ? 
ATOM   248  C CG  . LEU A 1 32  ? 3.142   -14.509 13.660  1.000 28.590 0 32  LEU A CG  1 ? 
ATOM   249  C CD1 . LEU A 1 32  ? 3.941   -15.553 14.426  1.000 28.286 0 32  LEU A CD1 1 ? 
ATOM   250  C CD2 . LEU A 1 32  ? 1.809   -15.080 13.211  1.000 34.772 0 32  LEU A CD2 1 ? 
ATOM   251  N N   . LYS A 1 33  ? 2.722   -10.118 14.952  1.000 29.321 0 33  LYS A N   1 ? 
ATOM   252  C CA  . LYS A 1 33  ? 2.758   -9.118  16.004  1.000 32.687 0 33  LYS A CA  1 ? 
ATOM   253  C C   . LYS A 1 33  ? 1.673   -8.063  15.787  1.000 37.946 0 33  LYS A C   1 ? 
ATOM   254  O O   . LYS A 1 33  ? 1.267   -7.402  16.740  1.000 36.325 0 33  LYS A O   1 ? 
ATOM   255  C CB  . LYS A 1 33  ? 4.142   -8.471  16.068  1.000 30.784 0 33  LYS A CB  1 ? 
ATOM   256  C CG  . LYS A 1 33  ? 5.182   -9.279  16.831  1.000 32.434 0 33  LYS A CG  1 ? 
ATOM   257  C CD  . LYS A 1 33  ? 6.411   -8.491  17.193  1.000 36.813 0 33  LYS A CD  1 ? 
ATOM   258  C CE  . LYS A 1 33  ? 7.621   -8.881  16.378  1.000 39.514 0 33  LYS A CE  1 ? 
ATOM   259  N NZ  . LYS A 1 33  ? 8.855   -8.267  16.919  1.000 42.118 0 33  LYS A NZ  1 ? 
ATOM   260  N N   . VAL A 1 34  ? 1.224   -7.898  14.535  1.000 38.634 0 34  VAL A N   1 ? 
ATOM   261  C CA  . VAL A 1 34  ? 0.258   -6.861  14.197  1.000 34.766 0 34  VAL A CA  1 ? 
ATOM   262  C C   . VAL A 1 34  ? -1.098  -7.507  13.928  1.000 34.183 0 34  VAL A C   1 ? 
ATOM   263  O O   . VAL A 1 34  ? -2.082  -6.812  13.684  1.000 36.852 0 34  VAL A O   1 ? 
ATOM   264  C CB  . VAL A 1 34  ? 0.712   -6.009  12.992  1.000 33.455 0 34  VAL A CB  1 ? 
ATOM   265  C CG1 . VAL A 1 34  ? 2.026   -5.302  13.263  1.000 36.605 0 34  VAL A CG1 1 ? 
ATOM   266  C CG2 . VAL A 1 34  ? 0.797   -6.823  11.708  1.000 34.973 0 34  VAL A CG2 1 ? 
ATOM   267  N N   . ARG A 1 35  ? -1.137  -8.839  13.954  1.000 28.769 0 35  ARG A N   1 ? 
ATOM   268  C CA  . ARG A 1 35  ? -2.321  -9.574  13.540  1.000 34.918 0 35  ARG A CA  1 ? 
ATOM   269  C C   . ARG A 1 35  ? -3.550  -9.053  14.282  1.000 38.302 0 35  ARG A C   1 ? 
ATOM   270  O O   . ARG A 1 35  ? -4.653  -9.044  13.732  1.000 36.190 0 35  ARG A O   1 ? 
ATOM   271  C CB  . ARG A 1 35  ? -2.150  -11.069 13.812  1.000 35.687 0 35  ARG A CB  1 ? 
ATOM   272  C CG  . ARG A 1 35  ? -3.388  -11.894 13.497  1.000 37.039 0 35  ARG A CG  1 ? 
ATOM   273  C CD  . ARG A 1 35  ? -3.772  -11.800 12.034  1.000 38.122 0 35  ARG A CD  1 ? 
ATOM   274  N NE  . ARG A 1 35  ? -4.988  -12.537 11.726  1.000 38.477 0 35  ARG A NE  1 ? 
ATOM   275  C CZ  . ARG A 1 35  ? -6.218  -12.094 11.967  1.000 39.213 0 35  ARG A CZ  1 ? 
ATOM   276  N NH1 . ARG A 1 35  ? -6.400  -10.922 12.549  1.000 40.001 0 35  ARG A NH1 1 ? 
ATOM   277  N NH2 . ARG A 1 35  ? -7.263  -12.824 11.618  1.000 36.901 0 35  ARG A NH2 1 ? 
ATOM   278  N N   . GLY A 1 36  ? -3.355  -8.673  15.549  1.000 39.204 0 36  GLY A N   1 ? 
ATOM   279  C CA  . GLY A 1 36  ? -4.440  -8.187  16.385  1.000 45.607 0 36  GLY A CA  1 ? 
ATOM   280  C C   . GLY A 1 36  ? -5.007  -6.871  15.860  1.000 40.000 0 36  GLY A C   1 ? 
ATOM   281  O O   . GLY A 1 36  ? -6.221  -6.702  15.779  1.000 45.200 0 36  GLY A O   1 ? 
ATOM   282  N N   . GLU A 1 37  ? -4.106  -5.959  15.483  1.000 38.984 0 37  GLU A N   1 ? 
ATOM   283  C CA  . GLU A 1 37  ? -4.485  -4.678  14.910  1.000 42.871 0 37  GLU A CA  1 ? 
ATOM   284  C C   . GLU A 1 37  ? -5.252  -4.893  13.606  1.000 42.826 0 37  GLU A C   1 ? 
ATOM   285  O O   . GLU A 1 37  ? -6.215  -4.181  13.334  1.000 41.291 0 37  GLU A O   1 ? 
ATOM   286  C CB  . GLU A 1 37  ? -3.245  -3.811  14.684  1.000 44.203 0 37  GLU A CB  1 ? 
ATOM   287  C CG  . GLU A 1 37  ? -2.762  -3.114  15.941  1.000 54.142 0 37  GLU A CG  1 ? 
ATOM   288  C CD  . GLU A 1 37  ? -3.555  -1.871  16.314  1.000 63.321 0 37  GLU A CD  1 ? 
ATOM   289  O OE1 . GLU A 1 37  ? -4.798  -1.897  16.180  1.000 61.639 0 37  GLU A OE1 1 ? 
ATOM   290  O OE2 . GLU A 1 37  ? -2.927  -0.882  16.744  1.000 65.433 0 37  GLU A OE2 1 ? 
ATOM   291  N N   . LEU A 1 38  ? -4.819  -5.880  12.808  1.000 42.032 0 38  LEU A N   1 ? 
ATOM   292  C CA  . LEU A 1 38  ? -5.388  -6.115  11.490  1.000 39.493 0 38  LEU A CA  1 ? 
ATOM   293  C C   . LEU A 1 38  ? -6.810  -6.646  11.628  1.000 45.514 0 38  LEU A C   1 ? 
ATOM   294  O O   . LEU A 1 38  ? -7.576  -6.628  10.666  1.000 49.889 0 38  LEU A O   1 ? 
ATOM   295  C CB  . LEU A 1 38  ? -4.526  -7.123  10.721  1.000 38.840 0 38  LEU A CB  1 ? 
ATOM   296  C CG  . LEU A 1 38  ? -3.088  -6.699  10.423  1.000 37.526 0 38  LEU A CG  1 ? 
ATOM   297  C CD1 . LEU A 1 38  ? -2.520  -7.514  9.275   1.000 36.205 0 38  LEU A CD1 1 ? 
ATOM   298  C CD2 . LEU A 1 38  ? -2.994  -5.214  10.116  1.000 39.390 0 38  LEU A CD2 1 ? 
ATOM   299  N N   . GLU A 1 39  ? -7.130  -7.171  12.814  1.000 51.043 0 39  GLU A N   1 ? 
ATOM   300  C CA  . GLU A 1 39  ? -8.417  -7.802  13.056  1.000 52.567 0 39  GLU A CA  1 ? 
ATOM   301  C C   . GLU A 1 39  ? -9.492  -6.720  13.150  1.000 47.479 0 39  GLU A C   1 ? 
ATOM   302  O O   . GLU A 1 39  ? -10.613 -6.907  12.684  1.000 49.479 0 39  GLU A O   1 ? 
ATOM   303  C CB  . GLU A 1 39  ? -8.357  -8.653  14.328  1.000 57.247 0 39  GLU A CB  1 ? 
ATOM   304  C CG  . GLU A 1 39  ? -9.658  -9.373  14.649  1.000 58.041 0 39  GLU A CG  1 ? 
ATOM   305  C CD  . GLU A 1 39  ? -10.078 -10.431 13.642  1.000 65.470 0 39  GLU A CD  1 ? 
ATOM   306  O OE1 . GLU A 1 39  ? -9.260  -10.768 12.762  1.000 69.740 0 39  GLU A OE1 1 ? 
ATOM   307  O OE2 . GLU A 1 39  ? -11.228 -10.914 13.739  1.000 67.942 0 39  GLU A OE2 1 ? 
ATOM   308  N N   . LYS A 1 40  ? -9.128  -5.580  13.743  1.000 49.261 0 40  LYS A N   1 ? 
ATOM   309  C CA  . LYS A 1 40  ? -10.044 -4.460  13.874  1.000 53.644 0 40  LYS A CA  1 ? 
ATOM   310  C C   . LYS A 1 40  ? -10.299 -3.838  12.500  1.000 65.120 0 40  LYS A C   1 ? 
ATOM   311  O O   . LYS A 1 40  ? -11.430 -3.841  12.014  1.000 66.078 0 40  LYS A O   1 ? 
ATOM   312  C CB  . LYS A 1 40  ? -9.482  -3.456  14.848  1.000 55.279 0 40  LYS A CB  1 ? 
ATOM   313  N N   . HIS A 1 41  ? -9.225  -3.343  11.869  1.000 55.069 0 41  HIS A N   1 ? 
ATOM   314  C CA  . HIS A 1 41  ? -9.323  -2.259  10.904  1.000 50.772 0 41  HIS A CA  1 ? 
ATOM   315  C C   . HIS A 1 41  ? -9.198  -2.796  9.480   1.000 45.603 0 41  HIS A C   1 ? 
ATOM   316  O O   . HIS A 1 41  ? -8.558  -3.816  9.246   1.000 44.042 0 41  HIS A O   1 ? 
ATOM   317  C CB  . HIS A 1 41  ? -8.239  -1.207  11.165  1.000 51.675 0 41  HIS A CB  1 ? 
ATOM   318  C CG  . HIS A 1 41  ? -8.254  -0.655  12.549  1.000 54.661 0 41  HIS A CG  1 ? 
ATOM   319  N ND1 . HIS A 1 41  ? -9.415  -0.473  13.269  1.000 62.792 0 41  HIS A ND1 1 ? 
ATOM   320  C CD2 . HIS A 1 41  ? -7.255  -0.255  13.348  1.000 64.079 0 41  HIS A CD2 1 ? 
ATOM   321  C CE1 . HIS A 1 41  ? -9.115  0.032   14.458  1.000 63.584 0 41  HIS A CE1 1 ? 
ATOM   322  N NE2 . HIS A 1 41  ? -7.810  0.171   14.527  1.000 58.592 0 41  HIS A NE2 1 ? 
ATOM   323  N N   . PRO A 1 42  ? -9.754  -2.085  8.474   1.000 43.572 0 42  PRO A N   1 ? 
ATOM   324  C CA  . PRO A 1 42  ? -9.403  -2.330  7.074   1.000 39.560 0 42  PRO A CA  1 ? 
ATOM   325  C C   . PRO A 1 42  ? -7.904  -2.175  6.826   1.000 31.626 0 42  PRO A C   1 ? 
ATOM   326  O O   . PRO A 1 42  ? -7.256  -1.325  7.434   1.000 28.332 0 42  PRO A O   1 ? 
ATOM   327  C CB  . PRO A 1 42  ? -10.187 -1.259  6.299   1.000 41.937 0 42  PRO A CB  1 ? 
ATOM   328  C CG  . PRO A 1 42  ? -11.297 -0.832  7.248   1.000 42.439 0 42  PRO A CG  1 ? 
ATOM   329  C CD  . PRO A 1 42  ? -10.711 -0.984  8.634   1.000 43.492 0 42  PRO A CD  1 ? 
ATOM   330  N N   . VAL A 1 43  ? -7.371  -2.997  5.915   1.000 32.470 0 43  VAL A N   1 ? 
ATOM   331  C CA  . VAL A 1 43  ? -5.937  -3.062  5.673   1.000 31.234 0 43  VAL A CA  1 ? 
ATOM   332  C C   . VAL A 1 43  ? -5.667  -2.860  4.185   1.000 25.920 0 43  VAL A C   1 ? 
ATOM   333  O O   . VAL A 1 43  ? -6.283  -3.514  3.351   1.000 23.714 0 43  VAL A O   1 ? 
ATOM   334  C CB  . VAL A 1 43  ? -5.348  -4.402  6.154   1.000 33.392 0 43  VAL A CB  1 ? 
ATOM   335  C CG1 . VAL A 1 43  ? -3.839  -4.436  5.985   1.000 31.498 0 43  VAL A CG1 1 ? 
ATOM   336  C CG2 . VAL A 1 43  ? -5.736  -4.705  7.595   1.000 38.741 0 43  VAL A CG2 1 ? 
ATOM   337  N N   . VAL A 1 44  ? -4.704  -1.982  3.877   1.000 26.311 0 44  VAL A N   1 ? 
ATOM   338  C CA  . VAL A 1 44  ? -4.124  -1.886  2.542   1.000 24.593 0 44  VAL A CA  1 ? 
ATOM   339  C C   . VAL A 1 44  ? -2.680  -2.379  2.610   1.000 22.894 0 44  VAL A C   1 ? 
ATOM   340  O O   . VAL A 1 44  ? -1.914  -1.927  3.458   1.000 22.174 0 44  VAL A O   1 ? 
ATOM   341  C CB  . VAL A 1 44  ? -4.191  -0.442  2.002   1.000 24.226 0 44  VAL A CB  1 ? 
ATOM   342  C CG1 . VAL A 1 44  ? -3.497  -0.302  0.654   1.000 22.851 0 44  VAL A CG1 1 ? 
ATOM   343  C CG2 . VAL A 1 44  ? -5.621  0.077   1.925   1.000 24.352 0 44  VAL A CG2 1 ? 
ATOM   344  N N   . THR A 1 45  ? -2.320  -3.306  1.710   1.000 20.558 0 45  THR A N   1 ? 
ATOM   345  C CA  . THR A 1 45  ? -0.970  -3.849  1.655   1.000 22.292 0 45  THR A CA  1 ? 
ATOM   346  C C   . THR A 1 45  ? -0.271  -3.355  0.390   1.000 21.759 0 45  THR A C   1 ? 
ATOM   347  O O   . THR A 1 45  ? -0.846  -3.385  -0.694  1.000 19.361 0 45  THR A O   1 ? 
ATOM   348  C CB  . THR A 1 45  ? -0.972  -5.383  1.727   1.000 21.756 0 45  THR A CB  1 ? 
ATOM   349  O OG1 . THR A 1 45  ? -1.716  -5.903  0.629   1.000 22.456 0 45  THR A OG1 1 ? 
ATOM   350  C CG2 . THR A 1 45  ? -1.558  -5.913  3.014   1.000 23.287 0 45  THR A CG2 1 ? 
ATOM   351  N N   . VAL A 1 46  ? 0.978   -2.902  0.557   1.000 21.746 0 46  VAL A N   1 ? 
ATOM   352  C CA  . VAL A 1 46  ? 1.816   -2.465  -0.546  1.000 21.668 0 46  VAL A CA  1 ? 
ATOM   353  C C   . VAL A 1 46  ? 3.040   -3.372  -0.618  1.000 21.933 0 46  VAL A C   1 ? 
ATOM   354  O O   . VAL A 1 46  ? 3.881   -3.331  0.273   1.000 23.729 0 46  VAL A O   1 ? 
ATOM   355  C CB  . VAL A 1 46  ? 2.242   -0.993  -0.372  1.000 21.051 0 46  VAL A CB  1 ? 
ATOM   356  C CG1 . VAL A 1 46  ? 3.106   -0.505  -1.526  1.000 22.811 0 46  VAL A CG1 1 ? 
ATOM   357  C CG2 . VAL A 1 46  ? 1.044   -0.081  -0.172  1.000 20.830 0 46  VAL A CG2 1 ? 
ATOM   358  N N   . GLY A 1 47  ? 3.142   -4.142  -1.712  1.000 22.104 0 47  GLY A N   1 ? 
ATOM   359  C CA  . GLY A 1 47  ? 4.244   -5.065  -1.944  1.000 21.831 0 47  GLY A CA  1 ? 
ATOM   360  C C   . GLY A 1 47  ? 3.766   -6.516  -1.958  1.000 23.293 0 47  GLY A C   1 ? 
ATOM   361  O O   . GLY A 1 47  ? 2.835   -6.869  -1.238  1.000 22.477 0 47  GLY A O   1 ? 
ATOM   362  N N   . ASP A 1 48  ? 4.418   -7.360  -2.764  1.000 23.918 0 48  ASP A N   1 ? 
ATOM   363  C CA  . ASP A 1 48  ? 3.982   -8.741  -2.910  1.000 29.130 0 48  ASP A CA  1 ? 
ATOM   364  C C   . ASP A 1 48  ? 4.213   -9.498  -1.601  1.000 27.510 0 48  ASP A C   1 ? 
ATOM   365  O O   . ASP A 1 48  ? 3.347   -10.252 -1.164  1.000 24.127 0 48  ASP A O   1 ? 
ATOM   366  C CB  . ASP A 1 48  ? 4.644   -9.434  -4.106  1.000 36.440 0 48  ASP A CB  1 ? 
ATOM   367  C CG  . ASP A 1 48  ? 6.160   -9.439  -4.079  1.000 39.124 0 48  ASP A CG  1 ? 
ATOM   368  O OD1 . ASP A 1 48  ? 6.748   -10.233 -4.837  1.000 54.651 0 48  ASP A OD1 1 ? 
ATOM   369  O OD2 . ASP A 1 48  ? 6.738   -8.633  -3.325  1.000 40.242 0 48  ASP A OD2 1 ? 
ATOM   370  N N   . VAL A 1 49  ? 5.363   -9.268  -0.958  1.000 24.989 0 49  VAL A N   1 ? 
ATOM   371  C CA  . VAL A 1 49  ? 5.714   -10.026 0.234   1.000 26.328 0 49  VAL A CA  1 ? 
ATOM   372  C C   . VAL A 1 49  ? 4.761   -9.651  1.371   1.000 22.787 0 49  VAL A C   1 ? 
ATOM   373  O O   . VAL A 1 49  ? 4.310   -10.517 2.111   1.000 23.173 0 49  VAL A O   1 ? 
ATOM   374  C CB  . VAL A 1 49  ? 7.191   -9.819  0.629   1.000 30.598 0 49  VAL A CB  1 ? 
ATOM   375  C CG1 . VAL A 1 49  ? 7.515   -10.468 1.967   1.000 32.099 0 49  VAL A CG1 1 ? 
ATOM   376  C CG2 . VAL A 1 49  ? 8.136   -10.336 -0.447  1.000 34.198 0 49  VAL A CG2 1 ? 
ATOM   377  N N   . VAL A 1 50  ? 4.455   -8.357  1.505   1.000 23.055 0 50  VAL A N   1 ? 
ATOM   378  C CA  . VAL A 1 50  ? 3.550   -7.895  2.546   1.000 23.429 0 50  VAL A CA  1 ? 
ATOM   379  C C   . VAL A 1 50  ? 2.165   -8.507  2.316   1.000 25.512 0 50  VAL A C   1 ? 
ATOM   380  O O   . VAL A 1 50  ? 1.569   -9.064  3.237   1.000 23.503 0 50  VAL A O   1 ? 
ATOM   381  C CB  . VAL A 1 50  ? 3.497   -6.357  2.605   1.000 25.843 0 50  VAL A CB  1 ? 
ATOM   382  C CG1 . VAL A 1 50  ? 2.415   -5.864  3.556   1.000 24.775 0 50  VAL A CG1 1 ? 
ATOM   383  C CG2 . VAL A 1 50  ? 4.848   -5.767  2.983   1.000 27.414 0 50  VAL A CG2 1 ? 
ATOM   384  N N   . THR A 1 51  ? 1.675   -8.427  1.073   1.000 24.210 0 51  THR A N   1 ? 
ATOM   385  C CA  . THR A 1 51  ? 0.356   -8.934  0.724   1.000 24.406 0 51  THR A CA  1 ? 
ATOM   386  C C   . THR A 1 51  ? 0.272   -10.423 1.064   1.000 28.358 0 51  THR A C   1 ? 
ATOM   387  O O   . THR A 1 51  ? -0.682  -10.876 1.693   1.000 26.624 0 51  THR A O   1 ? 
ATOM   388  C CB  . THR A 1 51  ? 0.051   -8.689  -0.758  1.000 23.013 0 51  THR A CB  1 ? 
ATOM   389  O OG1 . THR A 1 51  ? 0.085   -7.281  -0.992  1.000 22.142 0 51  THR A OG1 1 ? 
ATOM   390  C CG2 . THR A 1 51  ? -1.283  -9.257  -1.188  1.000 22.916 0 51  THR A CG2 1 ? 
ATOM   391  N N   . GLU A 1 52  ? 1.308   -11.161 0.661   1.000 28.737 0 52  GLU A N   1 ? 
ATOM   392  C CA  . GLU A 1 52  ? 1.357   -12.608 0.797   1.000 30.211 0 52  GLU A CA  1 ? 
ATOM   393  C C   . GLU A 1 52  ? 1.294   -12.999 2.275   1.000 28.222 0 52  GLU A C   1 ? 
ATOM   394  O O   . GLU A 1 52  ? 0.586   -13.929 2.646   1.000 27.656 0 52  GLU A O   1 ? 
ATOM   395  C CB  . GLU A 1 52  ? 2.622   -13.120 0.107   1.000 33.397 0 52  GLU A CB  1 ? 
ATOM   396  C CG  . GLU A 1 52  ? 3.139   -14.436 0.654   1.000 45.627 0 52  GLU A CG  1 ? 
ATOM   397  C CD  . GLU A 1 52  ? 4.437   -14.902 0.017   1.000 51.017 0 52  GLU A CD  1 ? 
ATOM   398  O OE1 . GLU A 1 52  ? 4.905   -14.231 -0.935  1.000 48.911 0 52  GLU A OE1 1 ? 
ATOM   399  O OE2 . GLU A 1 52  ? 4.984   -15.927 0.477   1.000 54.356 0 52  GLU A OE2 1 ? 
ATOM   400  N N   . ASN A 1 53  ? 2.010   -12.256 3.120   1.000 25.080 0 53  ASN A N   1 ? 
ATOM   401  C CA  . ASN A 1 53  ? 2.139   -12.610 4.523   1.000 27.136 0 53  ASN A CA  1 ? 
ATOM   402  C C   . ASN A 1 53  ? 0.886   -12.188 5.290   1.000 26.722 0 53  ASN A C   1 ? 
ATOM   403  O O   . ASN A 1 53  ? 0.554   -12.765 6.324   1.000 24.083 0 53  ASN A O   1 ? 
ATOM   404  C CB  . ASN A 1 53  ? 3.411   -12.019 5.122   1.000 28.510 0 53  ASN A CB  1 ? 
ATOM   405  C CG  . ASN A 1 53  ? 4.608   -12.914 4.888   1.000 31.749 0 53  ASN A CG  1 ? 
ATOM   406  O OD1 . ASN A 1 53  ? 5.407   -12.673 3.982   1.000 33.319 0 53  ASN A OD1 1 ? 
ATOM   407  N ND2 . ASN A 1 53  ? 4.695   -13.986 5.655   1.000 30.284 0 53  ASN A ND2 1 ? 
ATOM   408  N N   . VAL A 1 54  ? 0.187   -11.177 4.777   1.000 26.202 0 54  VAL A N   1 ? 
ATOM   409  C CA  . VAL A 1 54  ? -1.056  -10.743 5.388   1.000 27.413 0 54  VAL A CA  1 ? 
ATOM   410  C C   . VAL A 1 54  ? -2.157  -11.755 5.064   1.000 27.886 0 54  VAL A C   1 ? 
ATOM   411  O O   . VAL A 1 54  ? -2.911  -12.154 5.948   1.000 31.579 0 54  VAL A O   1 ? 
ATOM   412  C CB  . VAL A 1 54  ? -1.425  -9.316  4.950   1.000 25.150 0 54  VAL A CB  1 ? 
ATOM   413  C CG1 . VAL A 1 54  ? -2.884  -8.994  5.236   1.000 29.370 0 54  VAL A CG1 1 ? 
ATOM   414  C CG2 . VAL A 1 54  ? -0.507  -8.291  5.599   1.000 23.802 0 54  VAL A CG2 1 ? 
ATOM   415  N N   . LEU A 1 55  ? -2.209  -12.211 3.810   1.000 27.949 0 55  LEU A N   1 ? 
ATOM   416  C CA  . LEU A 1 55  ? -3.144  -13.256 3.426   1.000 32.395 0 55  LEU A CA  1 ? 
ATOM   417  C C   . LEU A 1 55  ? -2.914  -14.492 4.296   1.000 38.831 0 55  LEU A C   1 ? 
ATOM   418  O O   . LEU A 1 55  ? -3.868  -15.121 4.750   1.000 38.823 0 55  LEU A O   1 ? 
ATOM   419  C CB  . LEU A 1 55  ? -2.973  -13.580 1.939   1.000 29.948 0 55  LEU A CB  1 ? 
ATOM   420  C CG  . LEU A 1 55  ? -3.454  -12.503 0.966   1.000 32.834 0 55  LEU A CG  1 ? 
ATOM   421  C CD1 . LEU A 1 55  ? -3.166  -12.907 -0.469  1.000 31.178 0 55  LEU A CD1 1 ? 
ATOM   422  C CD2 . LEU A 1 55  ? -4.939  -12.217 1.152   1.000 34.526 0 55  LEU A CD2 1 ? 
ATOM   423  N N   . LYS A 1 56  ? -1.640  -14.809 4.551   1.000 38.807 0 56  LYS A N   1 ? 
ATOM   424  C CA  . LYS A 1 56  ? -1.260  -16.093 5.117   1.000 37.718 0 56  LYS A CA  1 ? 
ATOM   425  C C   . LYS A 1 56  ? -1.783  -16.207 6.548   1.000 36.955 0 56  LYS A C   1 ? 
ATOM   426  O O   . LYS A 1 56  ? -2.077  -17.306 7.009   1.000 41.317 0 56  LYS A O   1 ? 
ATOM   427  C CB  . LYS A 1 56  ? 0.262   -16.262 5.074   1.000 43.311 0 56  LYS A CB  1 ? 
ATOM   428  C CG  . LYS A 1 56  ? 0.762   -17.693 5.221   1.000 47.028 0 56  LYS A CG  1 ? 
ATOM   429  C CD  . LYS A 1 56  ? 2.272   -17.820 5.141   1.000 52.517 0 56  LYS A CD  1 ? 
ATOM   430  C CE  . LYS A 1 56  ? 2.838   -17.367 3.811   1.000 62.376 0 56  LYS A CE  1 ? 
ATOM   431  N NZ  . LYS A 1 56  ? 4.254   -16.939 3.928   1.000 70.679 0 56  LYS A NZ  1 ? 
ATOM   432  N N   . ILE A 1 57  ? -1.901  -15.067 7.240   1.000 33.290 0 57  ILE A N   1 ? 
ATOM   433  C CA  . ILE A 1 57  ? -2.361  -15.045 8.622   1.000 36.613 0 57  ILE A CA  1 ? 
ATOM   434  C C   . ILE A 1 57  ? -3.867  -14.786 8.660   1.000 32.783 0 57  ILE A C   1 ? 
ATOM   435  O O   . ILE A 1 57  ? -4.409  -14.450 9.707   1.000 38.686 0 57  ILE A O   1 ? 
ATOM   436  C CB  . ILE A 1 57  ? -1.599  -13.989 9.451   1.000 38.947 0 57  ILE A CB  1 ? 
ATOM   437  C CG1 . ILE A 1 57  ? -1.578  -12.629 8.749   1.000 45.359 0 57  ILE A CG1 1 ? 
ATOM   438  C CG2 . ILE A 1 57  ? -0.200  -14.473 9.794   1.000 47.540 0 57  ILE A CG2 1 ? 
ATOM   439  C CD1 . ILE A 1 57  ? -1.240  -11.469 9.657   1.000 48.643 0 57  ILE A CD1 1 ? 
ATOM   440  N N   . GLY A 1 58  ? -4.529  -14.915 7.508   1.000 32.732 0 58  GLY A N   1 ? 
ATOM   441  C CA  . GLY A 1 58  ? -5.978  -15.020 7.464   1.000 36.813 0 58  GLY A CA  1 ? 
ATOM   442  C C   . GLY A 1 58  ? -6.665  -13.656 7.396   1.000 42.964 0 58  GLY A C   1 ? 
ATOM   443  O O   . GLY A 1 58  ? -7.825  -13.529 7.780   1.000 40.654 0 58  GLY A O   1 ? 
ATOM   444  N N   . VAL A 1 59  ? -5.949  -12.648 6.881   1.000 39.133 0 59  VAL A N   1 ? 
ATOM   445  C CA  . VAL A 1 59  ? -6.499  -11.311 6.726   1.000 33.272 0 59  VAL A CA  1 ? 
ATOM   446  C C   . VAL A 1 59  ? -6.625  -10.996 5.237   1.000 31.657 0 59  VAL A C   1 ? 
ATOM   447  O O   . VAL A 1 59  ? -5.685  -11.217 4.477   1.000 35.884 0 59  VAL A O   1 ? 
ATOM   448  C CB  . VAL A 1 59  ? -5.631  -10.262 7.447   1.000 36.413 0 59  VAL A CB  1 ? 
ATOM   449  C CG1 . VAL A 1 59  ? -5.967  -8.842  7.008   1.000 33.746 0 59  VAL A CG1 1 ? 
ATOM   450  C CG2 . VAL A 1 59  ? -5.737  -10.396 8.958   1.000 38.263 0 59  VAL A CG2 1 ? 
ATOM   451  N N   . LYS A 1 60  ? -7.793  -10.471 4.840   1.000 29.985 0 60  LYS A N   1 ? 
ATOM   452  C CA  . LYS A 1 60  ? -8.045  -10.066 3.465   1.000 33.563 0 60  LYS A CA  1 ? 
ATOM   453  C C   . LYS A 1 60  ? -7.914  -8.549  3.348   1.000 33.335 0 60  LYS A C   1 ? 
ATOM   454  O O   . LYS A 1 60  ? -8.762  -7.811  3.841   1.000 30.813 0 60  LYS A O   1 ? 
ATOM   455  C CB  . LYS A 1 60  ? -9.447  -10.500 3.026   1.000 41.546 0 60  LYS A CB  1 ? 
ATOM   456  C CG  . LYS A 1 60  ? -9.645  -12.002 2.877   1.000 47.403 0 60  LYS A CG  1 ? 
ATOM   457  C CD  . LYS A 1 60  ? -10.815 -12.367 1.984   1.000 57.340 0 60  LYS A CD  1 ? 
ATOM   458  C CE  . LYS A 1 60  ? -10.874 -13.844 1.651   1.000 59.610 0 60  LYS A CE  1 ? 
ATOM   459  N NZ  . LYS A 1 60  ? -11.832 -14.119 0.557   1.000 62.825 0 60  LYS A NZ  1 ? 
ATOM   460  N N   . PRO A 1 61  ? -6.842  -8.029  2.708   1.000 30.408 0 61  PRO A N   1 ? 
ATOM   461  C CA  . PRO A 1 61  ? -6.750  -6.598  2.416   1.000 27.764 0 61  PRO A CA  1 ? 
ATOM   462  C C   . PRO A 1 61  ? -7.922  -6.115  1.567   1.000 24.927 0 61  PRO A C   1 ? 
ATOM   463  O O   . PRO A 1 61  ? -8.372  -6.824  0.669   1.000 28.436 0 61  PRO A O   1 ? 
ATOM   464  C CB  . PRO A 1 61  ? -5.422  -6.461  1.654   1.000 27.916 0 61  PRO A CB  1 ? 
ATOM   465  C CG  . PRO A 1 61  ? -4.616  -7.673  2.094   1.000 29.482 0 61  PRO A CG  1 ? 
ATOM   466  C CD  . PRO A 1 61  ? -5.644  -8.770  2.292   1.000 29.028 0 61  PRO A CD  1 ? 
ATOM   467  N N   . ILE A 1 62  ? -8.403  -4.901  1.853   1.000 24.361 0 62  ILE A N   1 ? 
ATOM   468  C CA  . ILE A 1 62  ? -9.418  -4.284  1.017   1.000 25.239 0 62  ILE A CA  1 ? 
ATOM   469  C C   . ILE A 1 62  ? -8.775  -3.890  -0.307  1.000 24.161 0 62  ILE A C   1 ? 
ATOM   470  O O   . ILE A 1 62  ? -9.419  -3.960  -1.350  1.000 26.555 0 62  ILE A O   1 ? 
ATOM   471  C CB  . ILE A 1 62  ? -10.086 -3.082  1.714   1.000 28.089 0 62  ILE A CB  1 ? 
ATOM   472  C CG1 . ILE A 1 62  ? -9.073  -2.001  2.099   1.000 27.498 0 62  ILE A CG1 1 ? 
ATOM   473  C CG2 . ILE A 1 62  ? -10.909 -3.549  2.910   1.000 30.962 0 62  ILE A CG2 1 ? 
ATOM   474  C CD1 . ILE A 1 62  ? -9.694  -0.655  2.395   1.000 30.342 0 62  ILE A CD1 1 ? 
ATOM   475  N N   . ILE A 1 63  ? -7.498  -3.483  -0.236  1.000 22.929 0 63  ILE A N   1 ? 
ATOM   476  C CA  . ILE A 1 63  ? -6.694  -3.204  -1.416  1.000 24.331 0 63  ILE A CA  1 ? 
ATOM   477  C C   . ILE A 1 63  ? -5.290  -3.766  -1.216  1.000 23.765 0 63  ILE A C   1 ? 
ATOM   478  O O   . ILE A 1 63  ? -4.657  -3.539  -0.187  1.000 23.438 0 63  ILE A O   1 ? 
ATOM   479  C CB  . ILE A 1 63  ? -6.641  -1.694  -1.719  1.000 23.806 0 63  ILE A CB  1 ? 
ATOM   480  C CG1 . ILE A 1 63  ? -8.041  -1.110  -1.921  1.000 28.480 0 63  ILE A CG1 1 ? 
ATOM   481  C CG2 . ILE A 1 63  ? -5.737  -1.426  -2.913  1.000 23.950 0 63  ILE A CG2 1 ? 
ATOM   482  C CD1 . ILE A 1 63  ? -8.076  0.400   -1.940  1.000 31.627 0 63  ILE A CD1 1 ? 
ATOM   483  N N   . ALA A 1 64  ? -4.813  -4.477  -2.236  1.000 23.107 0 64  ALA A N   1 ? 
ATOM   484  C CA  . ALA A 1 64  ? -3.459  -4.986  -2.275  1.000 22.417 0 64  ALA A CA  1 ? 
ATOM   485  C C   . ALA A 1 64  ? -2.789  -4.477  -3.547  1.000 22.190 0 64  ALA A C   1 ? 
ATOM   486  O O   . ALA A 1 64  ? -3.371  -4.561  -4.625  1.000 21.063 0 64  ALA A O   1 ? 
ATOM   487  C CB  . ALA A 1 64  ? -3.484  -6.495  -2.218  1.000 23.553 0 64  ALA A CB  1 ? 
ATOM   488  N N   . LEU A 1 65  ? -1.600  -3.881  -3.389  1.000 19.713 0 65  LEU A N   1 ? 
ATOM   489  C CA  . LEU A 1 65  ? -0.808  -3.413  -4.513  1.000 19.574 0 65  LEU A CA  1 ? 
ATOM   490  C C   . LEU A 1 65  ? 0.474   -4.228  -4.575  1.000 22.120 0 65  LEU A C   1 ? 
ATOM   491  O O   . LEU A 1 65  ? 1.148   -4.407  -3.564  1.000 22.567 0 65  LEU A O   1 ? 
ATOM   492  C CB  . LEU A 1 65  ? -0.485  -1.923  -4.344  1.000 21.887 0 65  LEU A CB  1 ? 
ATOM   493  C CG  . LEU A 1 65  ? -1.675  -0.963  -4.341  1.000 22.806 0 65  LEU A CG  1 ? 
ATOM   494  C CD1 . LEU A 1 65  ? -1.876  -0.358  -2.960  1.000 24.304 0 65  LEU A CD1 1 ? 
ATOM   495  C CD2 . LEU A 1 65  ? -1.489  0.140   -5.374  1.000 24.143 0 65  LEU A CD2 1 ? 
ATOM   496  N N   . TYR A 1 66  ? 0.806   -4.711  -5.770  1.000 22.163 0 66  TYR A N   1 ? 
ATOM   497  C CA  . TYR A 1 66  ? 2.031   -5.457  -5.969  1.000 23.327 0 66  TYR A CA  1 ? 
ATOM   498  C C   . TYR A 1 66  ? 2.371   -5.483  -7.451  1.000 21.809 0 66  TYR A C   1 ? 
ATOM   499  O O   . TYR A 1 66  ? 1.625   -4.961  -8.277  1.000 20.500 0 66  TYR A O   1 ? 
ATOM   500  C CB  . TYR A 1 66  ? 1.926   -6.869  -5.377  1.000 23.480 0 66  TYR A CB  1 ? 
ATOM   501  C CG  . TYR A 1 66  ? 0.705   -7.667  -5.769  1.000 23.185 0 66  TYR A CG  1 ? 
ATOM   502  C CD1 . TYR A 1 66  ? 0.711   -8.490  -6.886  1.000 25.050 0 66  TYR A CD1 1 ? 
ATOM   503  C CD2 . TYR A 1 66  ? -0.429  -7.667  -4.974  1.000 23.961 0 66  TYR A CD2 1 ? 
ATOM   504  C CE1 . TYR A 1 66  ? -0.403  -9.241  -7.235  1.000 24.886 0 66  TYR A CE1 1 ? 
ATOM   505  C CE2 . TYR A 1 66  ? -1.542  -8.426  -5.297  1.000 25.332 0 66  TYR A CE2 1 ? 
ATOM   506  C CZ  . TYR A 1 66  ? -1.533  -9.211  -6.436  1.000 25.850 0 66  TYR A CZ  1 ? 
ATOM   507  O OH  . TYR A 1 66  ? -2.645  -9.953  -6.753  1.000 25.699 0 66  TYR A OH  1 ? 
ATOM   508  N N   . ASP A 1 67  ? 3.528   -6.075  -7.750  1.000 25.844 0 67  ASP A N   1 ? 
ATOM   509  C CA  . ASP A 1 67  ? 4.125   -6.038  -9.073  1.000 27.098 0 67  ASP A CA  1 ? 
ATOM   510  C C   . ASP A 1 67  ? 3.316   -6.935  -10.010 1.000 24.670 0 67  ASP A C   1 ? 
ATOM   511  O O   . ASP A 1 67  ? 3.030   -8.089  -9.688  1.000 22.481 0 67  ASP A O   1 ? 
ATOM   512  C CB  . ASP A 1 67  ? 5.593   -6.471  -8.989  1.000 28.135 0 67  ASP A CB  1 ? 
ATOM   513  C CG  . ASP A 1 67  ? 6.400   -6.276  -10.263 1.000 30.821 0 67  ASP A CG  1 ? 
ATOM   514  O OD1 . ASP A 1 67  ? 5.807   -6.319  -11.356 1.000 32.265 0 67  ASP A OD1 1 ? 
ATOM   515  O OD2 . ASP A 1 67  ? 7.621   -6.101  -10.149 1.000 42.639 0 67  ASP A OD2 1 ? 
ATOM   516  N N   . LEU A 1 68  ? 2.994   -6.398  -11.188 1.000 25.543 0 68  LEU A N   1 ? 
ATOM   517  C CA  . LEU A 1 68  ? 2.273   -7.131  -12.217 1.000 27.532 0 68  LEU A CA  1 ? 
ATOM   518  C C   . LEU A 1 68  ? 2.964   -8.464  -12.506 1.000 27.648 0 68  LEU A C   1 ? 
ATOM   519  O O   . LEU A 1 68  ? 2.308   -9.437  -12.871 1.000 28.198 0 68  LEU A O   1 ? 
ATOM   520  C CB  . LEU A 1 68  ? 2.195   -6.254  -13.472 1.000 28.542 0 68  LEU A CB  1 ? 
ATOM   521  C CG  . LEU A 1 68  ? 1.570   -6.907  -14.706 1.000 31.178 0 68  LEU A CG  1 ? 
ATOM   522  C CD1 . LEU A 1 68  ? 0.092   -7.197  -14.482 1.000 33.458 0 68  LEU A CD1 1 ? 
ATOM   523  C CD2 . LEU A 1 68  ? 1.757   -6.032  -15.936 1.000 30.436 0 68  LEU A CD2 1 ? 
ATOM   524  N N   . LYS A 1 69  ? 4.286   -8.511  -12.321 1.000 32.019 0 69  LYS A N   1 ? 
ATOM   525  C CA  . LYS A 1 69  ? 5.071   -9.671  -12.722 1.000 34.392 0 69  LYS A CA  1 ? 
ATOM   526  C C   . LYS A 1 69  ? 5.265   -10.616 -11.539 1.000 36.146 0 69  LYS A C   1 ? 
ATOM   527  O O   . LYS A 1 69  ? 5.991   -11.597 -11.653 1.000 38.812 0 69  LYS A O   1 ? 
ATOM   528  C CB  . LYS A 1 69  ? 6.416   -9.230  -13.300 1.000 36.545 0 69  LYS A CB  1 ? 
ATOM   529  C CG  . LYS A 1 69  ? 6.317   -8.390  -14.565 1.000 40.055 0 69  LYS A CG  1 ? 
ATOM   530  C CD  . LYS A 1 69  ? 7.655   -7.955  -15.111 1.000 46.033 0 69  LYS A CD  1 ? 
ATOM   531  C CE  . LYS A 1 69  ? 7.540   -6.789  -16.069 1.000 54.593 0 69  LYS A CE  1 ? 
ATOM   532  N NZ  . LYS A 1 69  ? 8.715   -6.697  -16.966 1.000 63.524 0 69  LYS A NZ  1 ? 
ATOM   533  N N   . THR A 1 70  ? 4.571   -10.336 -10.428 1.000 37.775 0 70  THR A N   1 ? 
ATOM   534  C CA  . THR A 1 70  ? 4.578   -11.212 -9.265  1.000 39.471 0 70  THR A CA  1 ? 
ATOM   535  C C   . THR A 1 70  ? 4.015   -12.580 -9.637  1.000 36.849 0 70  THR A C   1 ? 
ATOM   536  O O   . THR A 1 70  ? 2.899   -12.683 -10.140 1.000 29.026 0 70  THR A O   1 ? 
ATOM   537  C CB  . THR A 1 70  ? 3.743   -10.636 -8.112  1.000 38.723 0 70  THR A CB  1 ? 
ATOM   538  O OG1 . THR A 1 70  ? 4.193   -9.312  -7.828  1.000 42.370 0 70  THR A OG1 1 ? 
ATOM   539  C CG2 . THR A 1 70  ? 3.824   -11.474 -6.854  1.000 40.606 0 70  THR A CG2 1 ? 
ATOM   540  N N   . LYS A 1 71  ? 4.775   -13.631 -9.320  1.000 38.714 0 71  LYS A N   1 ? 
ATOM   541  C CA  . LYS A 1 71  ? 4.222   -14.970 -9.224  1.000 46.158 0 71  LYS A CA  1 ? 
ATOM   542  C C   . LYS A 1 71  ? 3.426   -15.084 -7.928  1.000 43.708 0 71  LYS A C   1 ? 
ATOM   543  O O   . LYS A 1 71  ? 4.005   -15.163 -6.848  1.000 47.437 0 71  LYS A O   1 ? 
ATOM   544  C CB  . LYS A 1 71  ? 5.340   -16.017 -9.272  1.000 50.024 0 71  LYS A CB  1 ? 
ATOM   545  C CG  . LYS A 1 71  ? 4.886   -17.453 -9.045  1.000 57.530 0 71  LYS A CG  1 ? 
ATOM   546  C CD  . LYS A 1 71  ? 3.915   -17.960 -10.093 1.000 62.133 0 71  LYS A CD  1 ? 
ATOM   547  C CE  . LYS A 1 71  ? 3.237   -19.253 -9.695  1.000 66.450 0 71  LYS A CE  1 ? 
ATOM   548  N NZ  . LYS A 1 71  ? 2.407   -19.085 -8.479  1.000 66.704 0 71  LYS A NZ  1 ? 
ATOM   549  N N   . ARG A 1 72  ? 2.096   -15.107 -8.053  1.000 44.570 0 72  ARG A N   1 ? 
ATOM   550  C CA  . ARG A 1 72  ? 1.214   -14.800 -6.940  1.000 44.169 0 72  ARG A CA  1 ? 
ATOM   551  C C   . ARG A 1 72  ? 1.101   -16.024 -6.038  1.000 52.285 0 72  ARG A C   1 ? 
ATOM   552  O O   . ARG A 1 72  ? 0.916   -17.142 -6.519  1.000 55.844 0 72  ARG A O   1 ? 
ATOM   553  C CB  . ARG A 1 72  ? -0.159  -14.345 -7.444  1.000 36.739 0 72  ARG A CB  1 ? 
ATOM   554  C CG  . ARG A 1 72  ? -0.109  -13.126 -8.358  1.000 34.788 0 72  ARG A CG  1 ? 
ATOM   555  C CD  . ARG A 1 72  ? -1.399  -12.898 -9.131  1.000 35.762 0 72  ARG A CD  1 ? 
ATOM   556  N NE  . ARG A 1 72  ? -2.550  -12.773 -8.250  1.000 36.490 0 72  ARG A NE  1 ? 
ATOM   557  C CZ  . ARG A 1 72  ? -3.574  -13.623 -8.222  1.000 35.899 0 72  ARG A CZ  1 ? 
ATOM   558  N NH1 . ARG A 1 72  ? -3.649  -14.600 -9.107  1.000 35.391 0 72  ARG A NH1 1 ? 
ATOM   559  N NH2 . ARG A 1 72  ? -4.525  -13.485 -7.313  1.000 35.734 0 72  ARG A NH2 1 ? 
ATOM   560  N N   . LYS A 1 73  ? 1.234   -15.789 -4.728  1.000 54.458 0 73  LYS A N   1 ? 
ATOM   561  C CA  . LYS A 1 73  ? 1.265   -16.850 -3.736  1.000 60.367 0 73  LYS A CA  1 ? 
ATOM   562  C C   . LYS A 1 73  ? 0.029   -16.745 -2.846  1.000 58.739 0 73  LYS A C   1 ? 
ATOM   563  O O   . LYS A 1 73  ? -0.741  -15.794 -2.955  1.000 59.594 0 73  LYS A O   1 ? 
ATOM   564  C CB  . LYS A 1 73  ? 2.541   -16.748 -2.896  1.000 62.874 0 73  LYS A CB  1 ? 
ATOM   565  C CG  . LYS A 1 73  ? 3.844   -16.787 -3.684  1.000 65.719 0 73  LYS A CG  1 ? 
ATOM   566  C CD  . LYS A 1 73  ? 5.078   -16.624 -2.818  1.000 64.151 0 73  LYS A CD  1 ? 
ATOM   567  C CE  . LYS A 1 73  ? 6.236   -17.491 -3.262  1.000 65.027 0 73  LYS A CE  1 ? 
ATOM   568  N NZ  . LYS A 1 73  ? 6.533   -17.309 -4.703  1.000 72.586 0 73  LYS A NZ  1 ? 
ATOM   569  N N   . GLU A 1 74  ? -0.133  -17.724 -1.948  1.000 61.101 0 74  GLU A N   1 ? 
ATOM   570  C CA  . GLU A 1 74  ? -1.258  -17.756 -1.025  1.000 64.488 0 74  GLU A CA  1 ? 
ATOM   571  C C   . GLU A 1 74  ? -2.563  -17.679 -1.810  1.000 61.593 0 74  GLU A C   1 ? 
ATOM   572  O O   . GLU A 1 74  ? -3.526  -17.065 -1.359  1.000 51.338 0 74  GLU A O   1 ? 
ATOM   573  C CB  . GLU A 1 74  ? -1.174  -16.599 -0.025  1.000 66.086 0 74  GLU A CB  1 ? 
ATOM   574  C CG  . GLU A 1 74  ? 0.161   -16.510 0.686   1.000 67.245 0 74  GLU A CG  1 ? 
ATOM   575  C CD  . GLU A 1 74  ? 0.621   -17.812 1.316   1.000 67.381 0 74  GLU A CD  1 ? 
ATOM   576  O OE1 . GLU A 1 74  ? -0.156  -18.390 2.099   1.000 65.089 0 74  GLU A OE1 1 ? 
ATOM   577  O OE2 . GLU A 1 74  ? 1.751   -18.246 1.014   1.000 67.622 0 74  GLU A OE2 1 ? 
ATOM   578  N N   . TYR A 1 75  ? -2.576  -18.300 -2.993  1.000 65.553 0 75  TYR A N   1 ? 
ATOM   579  C CA  . TYR A 1 75  ? -3.781  -18.385 -3.800  1.000 67.776 0 75  TYR A CA  1 ? 
ATOM   580  C C   . TYR A 1 75  ? -4.948  -18.776 -2.894  1.000 63.533 0 75  TYR A C   1 ? 
ATOM   581  O O   . TYR A 1 75  ? -4.872  -19.765 -2.168  1.000 55.315 0 75  TYR A O   1 ? 
ATOM   582  C CB  . TYR A 1 75  ? -3.570  -19.366 -4.958  1.000 69.265 0 75  TYR A CB  1 ? 
ATOM   583  C CG  . TYR A 1 75  ? -4.827  -19.812 -5.662  1.000 69.625 0 75  TYR A CG  1 ? 
ATOM   584  C CD1 . TYR A 1 75  ? -5.167  -19.309 -6.907  1.000 68.842 0 75  TYR A CD1 1 ? 
ATOM   585  C CD2 . TYR A 1 75  ? -5.658  -20.769 -5.101  1.000 73.475 0 75  TYR A CD2 1 ? 
ATOM   586  C CE1 . TYR A 1 75  ? -6.312  -19.727 -7.567  1.000 75.509 0 75  TYR A CE1 1 ? 
ATOM   587  C CE2 . TYR A 1 75  ? -6.809  -21.192 -5.743  1.000 79.501 0 75  TYR A CE2 1 ? 
ATOM   588  C CZ  . TYR A 1 75  ? -7.141  -20.667 -6.979  1.000 82.811 0 75  TYR A CZ  1 ? 
ATOM   589  O OH  . TYR A 1 75  ? -8.281  -21.087 -7.623  1.000 85.472 0 75  TYR A OH  1 ? 
ATOM   590  N N   . SER A 1 76  ? -5.996  -17.946 -2.901  1.000 62.695 0 76  SER A N   1 ? 
ATOM   591  C CA  . SER A 1 76  ? -7.262  -18.289 -2.272  1.000 59.521 0 76  SER A CA  1 ? 
ATOM   592  C C   . SER A 1 76  ? -8.369  -18.276 -3.318  1.000 49.146 0 76  SER A C   1 ? 
ATOM   593  O O   . SER A 1 76  ? -8.587  -17.265 -3.982  1.000 41.642 0 76  SER A O   1 ? 
ATOM   594  C CB  . SER A 1 76  ? -7.576  -17.351 -1.137  1.000 63.586 0 76  SER A CB  1 ? 
ATOM   595  O OG  . SER A 1 76  ? -8.869  -17.610 -0.610  1.000 60.997 0 76  SER A OG  1 ? 
ATOM   596  N N   . PRO A 1 77  ? -9.105  -19.396 -3.493  1.000 48.092 0 77  PRO A N   1 ? 
ATOM   597  C CA  . PRO A 1 77  ? -10.182 -19.463 -4.480  1.000 47.739 0 77  PRO A CA  1 ? 
ATOM   598  C C   . PRO A 1 77  ? -11.164 -18.307 -4.309  1.000 44.292 0 77  PRO A C   1 ? 
ATOM   599  O O   . PRO A 1 77  ? -11.591 -17.697 -5.288  1.000 44.003 0 77  PRO A O   1 ? 
ATOM   600  C CB  . PRO A 1 77  ? -10.868 -20.810 -4.197  1.000 48.622 0 77  PRO A CB  1 ? 
ATOM   601  C CG  . PRO A 1 77  ? -9.809  -21.634 -3.479  1.000 52.170 0 77  PRO A CG  1 ? 
ATOM   602  C CD  . PRO A 1 77  ? -8.981  -20.629 -2.704  1.000 47.181 0 77  PRO A CD  1 ? 
ATOM   603  N N   . GLU A 1 78  ? -11.502 -18.022 -3.046  1.000 43.382 0 78  GLU A N   1 ? 
ATOM   604  C CA  . GLU A 1 78  ? -12.412 -16.943 -2.700  1.000 44.722 0 78  GLU A CA  1 ? 
ATOM   605  C C   . GLU A 1 78  ? -11.908 -15.625 -3.287  1.000 45.784 0 78  GLU A C   1 ? 
ATOM   606  O O   . GLU A 1 78  ? -12.679 -14.876 -3.884  1.000 43.856 0 78  GLU A O   1 ? 
ATOM   607  C CB  . GLU A 1 78  ? -12.562 -16.865 -1.199  1.000 44.166 0 78  GLU A CB  1 ? 
ATOM   608  N N   . ILE A 1 79  ? -10.603 -15.357 -3.130  1.000 40.819 0 79  ILE A N   1 ? 
ATOM   609  C CA  . ILE A 1 79  ? -10.027 -14.100 -3.582  1.000 39.741 0 79  ILE A CA  1 ? 
ATOM   610  C C   . ILE A 1 79  ? -10.046 -14.056 -5.105  1.000 38.710 0 79  ILE A C   1 ? 
ATOM   611  O O   . ILE A 1 79  ? -10.465 -13.059 -5.692  1.000 41.830 0 79  ILE A O   1 ? 
ATOM   612  C CB  . ILE A 1 79  ? -8.603  -13.902 -3.027  1.000 45.635 0 79  ILE A CB  1 ? 
ATOM   613  C CG1 . ILE A 1 79  ? -8.627  -13.327 -1.607  1.000 50.553 0 79  ILE A CG1 1 ? 
ATOM   614  C CG2 . ILE A 1 79  ? -7.776  -13.037 -3.967  1.000 46.476 0 79  ILE A CG2 1 ? 
ATOM   615  C CD1 . ILE A 1 79  ? -7.644  -13.976 -0.664  1.000 53.117 0 79  ILE A CD1 1 ? 
ATOM   616  N N   . GLU A 1 80  ? -9.556  -15.130 -5.734  1.000 38.738 0 80  GLU A N   1 ? 
ATOM   617  C CA  . GLU A 1 80  ? -9.514  -15.222 -7.184  1.000 41.470 0 80  GLU A CA  1 ? 
ATOM   618  C C   . GLU A 1 80  ? -10.869 -14.828 -7.762  1.000 40.048 0 80  GLU A C   1 ? 
ATOM   619  O O   . GLU A 1 80  ? -10.939 -14.163 -8.793  1.000 44.581 0 80  GLU A O   1 ? 
ATOM   620  C CB  . GLU A 1 80  ? -9.156  -16.643 -7.629  1.000 44.775 0 80  GLU A CB  1 ? 
ATOM   621  C CG  . GLU A 1 80  ? -7.688  -16.980 -7.469  1.000 48.316 0 80  GLU A CG  1 ? 
ATOM   622  C CD  . GLU A 1 80  ? -6.742  -15.868 -7.888  1.000 49.248 0 80  GLU A CD  1 ? 
ATOM   623  O OE1 . GLU A 1 80  ? -6.523  -15.705 -9.106  1.000 47.485 0 80  GLU A OE1 1 ? 
ATOM   624  O OE2 . GLU A 1 80  ? -6.250  -15.146 -6.996  1.000 49.602 0 80  GLU A OE2 1 ? 
ATOM   625  N N   . ASP A 1 81  ? -11.942 -15.279 -7.108  1.000 37.645 0 81  ASP A N   1 ? 
ATOM   626  C CA  . ASP A 1 81  ? -13.273 -15.208 -7.686  1.000 37.866 0 81  ASP A CA  1 ? 
ATOM   627  C C   . ASP A 1 81  ? -13.929 -13.879 -7.307  1.000 35.863 0 81  ASP A C   1 ? 
ATOM   628  O O   . ASP A 1 81  ? -14.739 -13.359 -8.072  1.000 34.585 0 81  ASP A O   1 ? 
ATOM   629  C CB  . ASP A 1 81  ? -14.115 -16.419 -7.274  1.000 41.510 0 81  ASP A CB  1 ? 
ATOM   630  C CG  . ASP A 1 81  ? -13.737 -17.694 -8.014  1.000 46.825 0 81  ASP A CG  1 ? 
ATOM   631  O OD1 . ASP A 1 81  ? -13.447 -17.602 -9.227  1.000 40.545 0 81  ASP A OD1 1 ? 
ATOM   632  O OD2 . ASP A 1 81  ? -13.726 -18.768 -7.373  1.000 44.405 0 81  ASP A OD2 1 ? 
ATOM   633  N N   . THR A 1 82  ? -13.568 -13.327 -6.137  1.000 31.775 0 82  THR A N   1 ? 
ATOM   634  C CA  . THR A 1 82  ? -14.340 -12.245 -5.535  1.000 36.164 0 82  THR A CA  1 ? 
ATOM   635  C C   . THR A 1 82  ? -13.629 -10.900 -5.689  1.000 35.556 0 82  THR A C   1 ? 
ATOM   636  O O   . THR A 1 82  ? -14.272 -9.854  -5.602  1.000 37.520 0 82  THR A O   1 ? 
ATOM   637  C CB  . THR A 1 82  ? -14.631 -12.502 -4.050  1.000 35.385 0 82  THR A CB  1 ? 
ATOM   638  O OG1 . THR A 1 82  ? -13.393 -12.539 -3.341  1.000 38.886 0 82  THR A OG1 1 ? 
ATOM   639  C CG2 . THR A 1 82  ? -15.402 -13.783 -3.811  1.000 39.450 0 82  THR A CG2 1 ? 
ATOM   640  N N   . ALA A 1 83  ? -12.303 -10.923 -5.888  1.000 30.132 0 83  ALA A N   1 ? 
ATOM   641  C CA  . ALA A 1 83  ? -11.524 -9.692  -5.914  1.000 31.694 0 83  ALA A CA  1 ? 
ATOM   642  C C   . ALA A 1 83  ? -11.595 -9.053  -7.301  1.000 29.609 0 83  ALA A C   1 ? 
ATOM   643  O O   . ALA A 1 83  ? -11.697 -9.745  -8.309  1.000 27.245 0 83  ALA A O   1 ? 
ATOM   644  C CB  . ALA A 1 83  ? -10.098 -9.969  -5.506  1.000 32.226 0 83  ALA A CB  1 ? 
ATOM   645  N N   . VAL A 1 84  ? -11.518 -7.720  -7.345  1.000 29.730 0 84  VAL A N   1 ? 
ATOM   646  C CA  . VAL A 1 84  ? -11.348 -7.008  -8.603  1.000 28.423 0 84  VAL A CA  1 ? 
ATOM   647  C C   . VAL A 1 84  ? -9.853  -6.837  -8.877  1.000 28.816 0 84  VAL A C   1 ? 
ATOM   648  O O   . VAL A 1 84  ? -9.108  -6.400  -8.006  1.000 27.659 0 84  VAL A O   1 ? 
ATOM   649  C CB  . VAL A 1 84  ? -12.078 -5.653  -8.580  1.000 27.400 0 84  VAL A CB  1 ? 
ATOM   650  C CG1 . VAL A 1 84  ? -11.804 -4.842  -9.833  1.000 28.959 0 84  VAL A CG1 1 ? 
ATOM   651  C CG2 . VAL A 1 84  ? -13.573 -5.829  -8.373  1.000 29.330 0 84  VAL A CG2 1 ? 
ATOM   652  N N   . PHE A 1 85  ? -9.432  -7.191  -10.098 1.000 25.856 0 85  PHE A N   1 ? 
ATOM   653  C CA  . PHE A 1 85  ? -8.042  -7.069  -10.504 1.000 23.910 0 85  PHE A CA  1 ? 
ATOM   654  C C   . PHE A 1 85  ? -7.897  -5.919  -11.487 1.000 24.807 0 85  PHE A C   1 ? 
ATOM   655  O O   . PHE A 1 85  ? -8.495  -5.935  -12.559 1.000 23.240 0 85  PHE A O   1 ? 
ATOM   656  C CB  . PHE A 1 85  ? -7.529  -8.382  -11.098 1.000 25.971 0 85  PHE A CB  1 ? 
ATOM   657  C CG  . PHE A 1 85  ? -7.266  -9.440  -10.060 1.000 27.841 0 85  PHE A CG  1 ? 
ATOM   658  C CD1 . PHE A 1 85  ? -5.985  -9.665  -9.587  1.000 30.459 0 85  PHE A CD1 1 ? 
ATOM   659  C CD2 . PHE A 1 85  ? -8.312  -10.154 -9.502  1.000 30.822 0 85  PHE A CD2 1 ? 
ATOM   660  C CE1 . PHE A 1 85  ? -5.752  -10.619 -8.612  1.000 31.434 0 85  PHE A CE1 1 ? 
ATOM   661  C CE2 . PHE A 1 85  ? -8.078  -11.103 -8.521  1.000 29.693 0 85  PHE A CE2 1 ? 
ATOM   662  C CZ  . PHE A 1 85  ? -6.798  -11.330 -8.077  1.000 33.003 0 85  PHE A CZ  1 ? 
ATOM   663  N N   . LEU A 1 86  ? -7.127  -4.906  -11.066 1.000 24.652 0 86  LEU A N   1 ? 
ATOM   664  C CA  . LEU A 1 86  ? -6.822  -3.747  -11.889 1.000 24.809 0 86  LEU A CA  1 ? 
ATOM   665  C C   . LEU A 1 86  ? -5.322  -3.719  -12.154 1.000 25.548 0 86  LEU A C   1 ? 
ATOM   666  O O   . LEU A 1 86  ? -4.550  -4.334  -11.420 1.000 24.211 0 86  LEU A O   1 ? 
ATOM   667  C CB  . LEU A 1 86  ? -7.257  -2.478  -11.150 1.000 26.418 0 86  LEU A CB  1 ? 
ATOM   668  C CG  . LEU A 1 86  ? -8.718  -2.424  -10.707 1.000 26.874 0 86  LEU A CG  1 ? 
ATOM   669  C CD1 . LEU A 1 86  ? -8.967  -1.196  -9.845  1.000 27.266 0 86  LEU A CD1 1 ? 
ATOM   670  C CD2 . LEU A 1 86  ? -9.650  -2.430  -11.908 1.000 27.926 0 86  LEU A CD2 1 ? 
ATOM   671  N N   . THR A 1 87  ? -4.921  -2.974  -13.190 1.000 24.800 0 87  THR A N   1 ? 
ATOM   672  C CA  . THR A 1 87  ? -3.515  -2.761  -13.482 1.000 24.640 0 87  THR A CA  1 ? 
ATOM   673  C C   . THR A 1 87  ? -3.264  -1.285  -13.767 1.000 24.760 0 87  THR A C   1 ? 
ATOM   674  O O   . THR A 1 87  ? -4.183  -0.544  -14.106 1.000 26.942 0 87  THR A O   1 ? 
ATOM   675  C CB  . THR A 1 87  ? -3.041  -3.630  -14.652 1.000 28.549 0 87  THR A CB  1 ? 
ATOM   676  O OG1 . THR A 1 87  ? -1.615  -3.581  -14.642 1.000 27.315 0 87  THR A OG1 1 ? 
ATOM   677  C CG2 . THR A 1 87  ? -3.573  -3.174  -15.997 1.000 28.772 0 87  THR A CG2 1 ? 
ATOM   678  N N   . VAL A 1 88  ? -2.006  -0.872  -13.597 1.000 26.999 0 88  VAL A N   1 ? 
ATOM   679  C CA  . VAL A 1 88  ? -1.604  0.502   -13.840 1.000 28.799 0 88  VAL A CA  1 ? 
ATOM   680  C C   . VAL A 1 88  ? -0.089  0.547   -13.998 1.000 27.941 0 88  VAL A C   1 ? 
ATOM   681  O O   . VAL A 1 88  ? 0.632   -0.258  -13.403 1.000 28.084 0 88  VAL A O   1 ? 
ATOM   682  C CB  . VAL A 1 88  ? -2.083  1.441   -12.716 1.000 30.359 0 88  VAL A CB  1 ? 
ATOM   683  C CG1 . VAL A 1 88  ? -1.349  1.182   -11.405 1.000 30.237 0 88  VAL A CG1 1 ? 
ATOM   684  C CG2 . VAL A 1 88  ? -1.966  2.902   -13.121 1.000 30.259 0 88  VAL A CG2 1 ? 
ATOM   685  N N   . THR A 1 89  ? 0.373   1.487   -14.826 1.000 28.732 0 89  THR A N   1 ? 
ATOM   686  C CA  . THR A 1 89  ? 1.792   1.708   -15.040 1.000 30.658 0 89  THR A CA  1 ? 
ATOM   687  C C   . THR A 1 89  ? 2.266   2.845   -14.138 1.000 28.801 0 89  THR A C   1 ? 
ATOM   688  O O   . THR A 1 89  ? 1.664   3.915   -14.106 1.000 31.185 0 89  THR A O   1 ? 
ATOM   689  C CB  . THR A 1 89  ? 2.072   1.997   -16.520 1.000 33.844 0 89  THR A CB  1 ? 
ATOM   690  O OG1 . THR A 1 89  ? 1.609   0.863   -17.252 1.000 35.721 0 89  THR A OG1 1 ? 
ATOM   691  C CG2 . THR A 1 89  ? 3.536   2.242   -16.819 1.000 35.113 0 89  THR A CG2 1 ? 
ATOM   692  N N   . ASN A 1 90  ? 3.352   2.594   -13.403 1.000 31.774 0 90  ASN A N   1 ? 
ATOM   693  C CA  . ASN A 1 90  ? 3.889   3.579   -12.481 1.000 30.445 0 90  ASN A CA  1 ? 
ATOM   694  C C   . ASN A 1 90  ? 5.400   3.408   -12.376 1.000 29.997 0 90  ASN A C   1 ? 
ATOM   695  O O   . ASN A 1 90  ? 5.883   2.585   -11.602 1.000 28.666 0 90  ASN A O   1 ? 
ATOM   696  C CB  . ASN A 1 90  ? 3.243   3.480   -11.101 1.000 30.429 0 90  ASN A CB  1 ? 
ATOM   697  C CG  . ASN A 1 90  ? 3.580   4.670   -10.231 1.000 30.423 0 90  ASN A CG  1 ? 
ATOM   698  O OD1 . ASN A 1 90  ? 2.924   5.703   -10.316 1.000 29.182 0 90  ASN A OD1 1 ? 
ATOM   699  N ND2 . ASN A 1 90  ? 4.612   4.541   -9.411  1.000 28.663 0 90  ASN A ND2 1 ? 
ATOM   700  N N   . PRO A 1 91  ? 6.185   4.205   -13.134 1.000 30.191 0 91  PRO A N   1 ? 
ATOM   701  C CA  . PRO A 1 91  ? 7.640   4.063   -13.154 1.000 33.394 0 91  PRO A CA  1 ? 
ATOM   702  C C   . PRO A 1 91  ? 8.266   4.329   -11.790 1.000 31.599 0 91  PRO A C   1 ? 
ATOM   703  O O   . PRO A 1 91  ? 7.727   5.098   -10.999 1.000 33.859 0 91  PRO A O   1 ? 
ATOM   704  C CB  . PRO A 1 91  ? 8.107   5.121   -14.171 1.000 34.792 0 91  PRO A CB  1 ? 
ATOM   705  C CG  . PRO A 1 91  ? 6.871   5.418   -15.012 1.000 32.432 0 91  PRO A CG  1 ? 
ATOM   706  C CD  . PRO A 1 91  ? 5.705   5.239   -14.064 1.000 30.803 0 91  PRO A CD  1 ? 
ATOM   707  N N   . PRO A 1 92  ? 9.438   3.723   -11.490 1.000 33.510 0 92  PRO A N   1 ? 
ATOM   708  C CA  . PRO A 1 92  ? 10.125  3.948   -10.218 1.000 33.287 0 92  PRO A CA  1 ? 
ATOM   709  C C   . PRO A 1 92  ? 10.311  5.428   -9.901  1.000 34.518 0 92  PRO A C   1 ? 
ATOM   710  O O   . PRO A 1 92  ? 10.632  6.218   -10.783 1.000 35.473 0 92  PRO A O   1 ? 
ATOM   711  C CB  . PRO A 1 92  ? 11.492  3.271   -10.418 1.000 34.465 0 92  PRO A CB  1 ? 
ATOM   712  C CG  . PRO A 1 92  ? 11.231  2.200   -11.467 1.000 34.736 0 92  PRO A CG  1 ? 
ATOM   713  C CD  . PRO A 1 92  ? 10.155  2.779   -12.363 1.000 34.952 0 92  PRO A CD  1 ? 
ATOM   714  N N   . GLY A 1 93  ? 10.093  5.789   -8.632  1.000 33.298 0 93  GLY A N   1 ? 
ATOM   715  C CA  . GLY A 1 93  ? 10.410  7.116   -8.130  1.000 32.297 0 93  GLY A CA  1 ? 
ATOM   716  C C   . GLY A 1 93  ? 9.324   8.133   -8.463  1.000 31.491 0 93  GLY A C   1 ? 
ATOM   717  O O   . GLY A 1 93  ? 9.508   9.331   -8.252  1.000 33.362 0 93  GLY A O   1 ? 
ATOM   718  N N   . THR A 1 94  ? 8.188   7.642   -8.976  1.000 32.792 0 94  THR A N   1 ? 
ATOM   719  C CA  . THR A 1 94  ? 7.099   8.504   -9.407  1.000 30.658 0 94  THR A CA  1 ? 
ATOM   720  C C   . THR A 1 94  ? 5.804   8.102   -8.701  1.000 30.993 0 94  THR A C   1 ? 
ATOM   721  O O   . THR A 1 94  ? 5.653   6.962   -8.267  1.000 32.259 0 94  THR A O   1 ? 
ATOM   722  C CB  . THR A 1 94  ? 6.938   8.463   -10.932 1.000 32.862 0 94  THR A CB  1 ? 
ATOM   723  O OG1 . THR A 1 94  ? 6.316   7.229   -11.296 1.000 33.111 0 94  THR A OG1 1 ? 
ATOM   724  C CG2 . THR A 1 94  ? 8.257   8.607   -11.660 1.000 34.995 0 94  THR A CG2 1 ? 
ATOM   725  N N   . ILE A 1 95  ? 4.888   9.071   -8.578  1.000 28.998 0 95  ILE A N   1 ? 
ATOM   726  C CA  . ILE A 1 95  ? 3.466   8.801   -8.448  1.000 29.542 0 95  ILE A CA  1 ? 
ATOM   727  C C   . ILE A 1 95  ? 2.744   9.406   -9.648  1.000 30.206 0 95  ILE A C   1 ? 
ATOM   728  O O   . ILE A 1 95  ? 2.609   10.623  -9.751  1.000 28.207 0 95  ILE A O   1 ? 
ATOM   729  C CB  . ILE A 1 95  ? 2.915   9.361   -7.119  1.000 27.495 0 95  ILE A CB  1 ? 
ATOM   730  C CG1 . ILE A 1 95  ? 3.516   8.649   -5.906  1.000 28.295 0 95  ILE A CG1 1 ? 
ATOM   731  C CG2 . ILE A 1 95  ? 1.395   9.309   -7.103  1.000 27.818 0 95  ILE A CG2 1 ? 
ATOM   732  C CD1 . ILE A 1 95  ? 3.413   9.433   -4.614  1.000 28.043 0 95  ILE A CD1 1 ? 
ATOM   733  N N   . THR A 1 96  ? 2.253   8.535   -10.535 1.000 31.893 0 96  THR A N   1 ? 
ATOM   734  C CA  . THR A 1 96  ? 1.528   8.966   -11.719 1.000 29.899 0 96  THR A CA  1 ? 
ATOM   735  C C   . THR A 1 96  ? 0.085   9.288   -11.344 1.000 34.089 0 96  THR A C   1 ? 
ATOM   736  O O   . THR A 1 96  ? -0.443  8.751   -10.370 1.000 28.283 0 96  THR A O   1 ? 
ATOM   737  C CB  . THR A 1 96  ? 1.577   7.895   -12.815 1.000 34.262 0 96  THR A CB  1 ? 
ATOM   738  O OG1 . THR A 1 96  ? 0.931   6.716   -12.326 1.000 34.570 0 96  THR A OG1 1 ? 
ATOM   739  C CG2 . THR A 1 96  ? 2.988   7.563   -13.244 1.000 34.698 0 96  THR A CG2 1 ? 
ATOM   740  N N   . LYS A 1 97  ? -0.548  10.149  -12.148 1.000 30.344 0 97  LYS A N   1 ? 
ATOM   741  C CA  . LYS A 1 97  ? -1.968  10.417  -12.020 1.000 35.946 0 97  LYS A CA  1 ? 
ATOM   742  C C   . LYS A 1 97  ? -2.750  9.113   -12.169 1.000 32.352 0 97  LYS A C   1 ? 
ATOM   743  O O   . LYS A 1 97  ? -3.759  8.909   -11.497 1.000 34.077 0 97  LYS A O   1 ? 
ATOM   744  C CB  . LYS A 1 97  ? -2.424  11.432  -13.071 1.000 39.155 0 97  LYS A CB  1 ? 
ATOM   745  C CG  . LYS A 1 97  ? -3.668  12.228  -12.695 1.000 47.719 0 97  LYS A CG  1 ? 
ATOM   746  C CD  . LYS A 1 97  ? -4.105  13.214  -13.760 1.000 52.220 0 97  LYS A CD  1 ? 
ATOM   747  C CE  . LYS A 1 97  ? -5.205  12.675  -14.651 1.000 54.123 0 97  LYS A CE  1 ? 
ATOM   748  N NZ  . LYS A 1 97  ? -6.528  12.748  -13.986 1.000 55.562 0 97  LYS A NZ  1 ? 
ATOM   749  N N   . ALA A 1 98  ? -2.296  8.256   -13.086 1.000 29.745 0 98  ALA A N   1 ? 
ATOM   750  C CA  . ALA A 1 98  ? -2.946  6.979   -13.330 1.000 29.416 0 98  ALA A CA  1 ? 
ATOM   751  C C   . ALA A 1 98  ? -2.995  6.158   -12.038 1.000 27.319 0 98  ALA A C   1 ? 
ATOM   752  O O   . ALA A 1 98  ? -3.986  5.482   -11.772 1.000 29.066 0 98  ALA A O   1 ? 
ATOM   753  C CB  . ALA A 1 98  ? -2.226  6.242   -14.436 1.000 27.500 0 98  ALA A CB  1 ? 
ATOM   754  N N   . LEU A 1 99  ? -1.930  6.230   -11.230 1.000 27.394 0 99  LEU A N   1 ? 
ATOM   755  C CA  . LEU A 1 99  ? -1.883  5.502   -9.970  1.000 29.147 0 99  LEU A CA  1 ? 
ATOM   756  C C   . LEU A 1 99  ? -2.862  6.121   -8.974  1.000 32.941 0 99  LEU A C   1 ? 
ATOM   757  O O   . LEU A 1 99  ? -3.574  5.403   -8.272  1.000 29.704 0 99  LEU A O   1 ? 
ATOM   758  C CB  . LEU A 1 99  ? -0.458  5.507   -9.410  1.000 29.094 0 99  LEU A CB  1 ? 
ATOM   759  C CG  . LEU A 1 99  ? -0.303  4.825   -8.049  1.000 29.751 0 99  LEU A CG  1 ? 
ATOM   760  C CD1 . LEU A 1 99  ? -0.698  3.356   -8.131  1.000 29.420 0 99  LEU A CD1 1 ? 
ATOM   761  C CD2 . LEU A 1 99  ? 1.116   4.969   -7.519  1.000 30.640 0 99  LEU A CD2 1 ? 
ATOM   762  N N   . LEU A 1 100 ? -2.880  7.459   -8.911  1.000 29.932 0 100 LEU A N   1 ? 
ATOM   763  C CA  . LEU A 1 100 ? -3.776  8.175   -8.018  1.000 29.698 0 100 LEU A CA  1 ? 
ATOM   764  C C   . LEU A 1 100 ? -5.223  7.832   -8.366  1.000 29.463 0 100 LEU A C   1 ? 
ATOM   765  O O   . LEU A 1 100 ? -6.032  7.565   -7.480  1.000 29.443 0 100 LEU A O   1 ? 
ATOM   766  C CB  . LEU A 1 100 ? -3.515  9.683   -8.138  1.000 31.306 0 100 LEU A CB  1 ? 
ATOM   767  C CG  . LEU A 1 100 ? -2.188  10.173  -7.559  1.000 31.421 0 100 LEU A CG  1 ? 
ATOM   768  C CD1 . LEU A 1 100 ? -1.927  11.619  -7.950  1.000 33.032 0 100 LEU A CD1 1 ? 
ATOM   769  C CD2 . LEU A 1 100 ? -2.164  10.026  -6.045  1.000 33.463 0 100 LEU A CD2 1 ? 
ATOM   770  N N   . ASP A 1 101 ? -5.526  7.815   -9.670  1.000 31.286 0 101 ASP A N   1 ? 
ATOM   771  C CA  . ASP A 1 101 ? -6.873  7.564   -10.160 1.000 32.909 0 101 ASP A CA  1 ? 
ATOM   772  C C   . ASP A 1 101 ? -7.296  6.134   -9.827  1.000 31.456 0 101 ASP A C   1 ? 
ATOM   773  O O   . ASP A 1 101 ? -8.459  5.887   -9.515  1.000 32.381 0 101 ASP A O   1 ? 
ATOM   774  C CB  . ASP A 1 101 ? -6.965  7.784   -11.672 1.000 36.153 0 101 ASP A CB  1 ? 
ATOM   775  C CG  . ASP A 1 101 ? -6.940  9.241   -12.100 1.000 41.471 0 101 ASP A CG  1 ? 
ATOM   776  O OD1 . ASP A 1 101 ? -7.129  10.113  -11.233 1.000 43.992 0 101 ASP A OD1 1 ? 
ATOM   777  O OD2 . ASP A 1 101 ? -6.729  9.489   -13.302 1.000 47.318 0 101 ASP A OD2 1 ? 
ATOM   778  N N   . THR A 1 102 ? -6.354  5.192   -9.955  1.000 28.904 0 102 THR A N   1 ? 
ATOM   779  C CA  . THR A 1 102 ? -6.658  3.774   -9.811  1.000 27.354 0 102 THR A CA  1 ? 
ATOM   780  C C   . THR A 1 102 ? -6.901  3.445   -8.341  1.000 25.815 0 102 THR A C   1 ? 
ATOM   781  O O   . THR A 1 102 ? -7.770  2.638   -8.019  1.000 23.240 0 102 THR A O   1 ? 
ATOM   782  C CB  . THR A 1 102 ? -5.533  2.902   -10.386 1.000 28.426 0 102 THR A CB  1 ? 
ATOM   783  O OG1 . THR A 1 102 ? -5.411  3.206   -11.773 1.000 27.266 0 102 THR A OG1 1 ? 
ATOM   784  C CG2 . THR A 1 102 ? -5.775  1.417   -10.213 1.000 28.175 0 102 THR A CG2 1 ? 
ATOM   785  N N   . VAL A 1 103 ? -6.113  4.069   -7.460  1.000 24.958 0 103 VAL A N   1 ? 
ATOM   786  C CA  . VAL A 1 103 ? -6.240  3.875   -6.024  1.000 26.751 0 103 VAL A CA  1 ? 
ATOM   787  C C   . VAL A 1 103 ? -7.581  4.447   -5.550  1.000 29.176 0 103 VAL A C   1 ? 
ATOM   788  O O   . VAL A 1 103 ? -8.266  3.838   -4.728  1.000 25.302 0 103 VAL A O   1 ? 
ATOM   789  C CB  . VAL A 1 103 ? -5.043  4.495   -5.275  1.000 25.178 0 103 VAL A CB  1 ? 
ATOM   790  C CG1 . VAL A 1 103 ? -5.309  4.628   -3.785  1.000 27.423 0 103 VAL A CG1 1 ? 
ATOM   791  C CG2 . VAL A 1 103 ? -3.760  3.710   -5.518  1.000 25.162 0 103 VAL A CG2 1 ? 
ATOM   792  N N   . ARG A 1 104 ? -7.966  5.606   -6.093  1.000 28.910 0 104 ARG A N   1 ? 
ATOM   793  C CA  . ARG A 1 104 ? -9.244  6.217   -5.754  1.000 30.704 0 104 ARG A CA  1 ? 
ATOM   794  C C   . ARG A 1 104 ? -10.395 5.319   -6.216  1.000 27.511 0 104 ARG A C   1 ? 
ATOM   795  O O   . ARG A 1 104 ? -11.316 5.047   -5.456  1.000 29.012 0 104 ARG A O   1 ? 
ATOM   796  C CB  . ARG A 1 104 ? -9.349  7.611   -6.379  1.000 36.703 0 104 ARG A CB  1 ? 
ATOM   797  C CG  . ARG A 1 104 ? -10.463 8.469   -5.799  1.000 44.475 0 104 ARG A CG  1 ? 
ATOM   798  C CD  . ARG A 1 104 ? -10.511 9.840   -6.446  1.000 54.389 0 104 ARG A CD  1 ? 
ATOM   799  N NE  . ARG A 1 104 ? -9.176  10.368  -6.707  1.000 64.981 0 104 ARG A NE  1 ? 
ATOM   800  C CZ  . ARG A 1 104 ? -8.680  10.605  -7.919  1.000 75.134 0 104 ARG A CZ  1 ? 
ATOM   801  N NH1 . ARG A 1 104 ? -9.445  10.460  -8.988  1.000 80.799 0 104 ARG A NH1 1 ? 
ATOM   802  N NH2 . ARG A 1 104 ? -7.422  10.995  -8.057  1.000 61.257 0 104 ARG A NH2 1 ? 
ATOM   803  N N   . LYS A 1 105 ? -10.338 4.869   -7.473  1.000 28.386 0 105 LYS A N   1 ? 
ATOM   804  C CA  . LYS A 1 105 ? -11.289 3.892   -7.983  1.000 29.374 0 105 LYS A CA  1 ? 
ATOM   805  C C   . LYS A 1 105 ? -11.399 2.721   -7.007  1.000 32.483 0 105 LYS A C   1 ? 
ATOM   806  O O   . LYS A 1 105 ? -12.497 2.281   -6.668  1.000 29.463 0 105 LYS A O   1 ? 
ATOM   807  C CB  . LYS A 1 105 ? -10.847 3.410   -9.369  1.000 31.160 0 105 LYS A CB  1 ? 
ATOM   808  C CG  . LYS A 1 105 ? -11.711 2.318   -9.987  1.000 33.621 0 105 LYS A CG  1 ? 
ATOM   809  C CD  . LYS A 1 105 ? -11.261 1.911   -11.372 1.000 39.615 0 105 LYS A CD  1 ? 
ATOM   810  C CE  . LYS A 1 105 ? -12.126 0.828   -11.980 1.000 41.553 0 105 LYS A CE  1 ? 
ATOM   811  N NZ  . LYS A 1 105 ? -11.490 0.234   -13.178 1.000 44.785 0 105 LYS A NZ  1 ? 
ATOM   812  N N   . ALA A 1 106 ? -10.242 2.212   -6.572  1.000 29.645 0 106 ALA A N   1 ? 
ATOM   813  C CA  . ALA A 1 106 ? -10.183 1.001   -5.775  1.000 26.308 0 106 ALA A CA  1 ? 
ATOM   814  C C   . ALA A 1 106 ? -10.931 1.203   -4.457  1.000 28.128 0 106 ALA A C   1 ? 
ATOM   815  O O   . ALA A 1 106 ? -11.628 0.303   -3.987  1.000 30.040 0 106 ALA A O   1 ? 
ATOM   816  C CB  . ALA A 1 106 ? -8.745  0.614   -5.544  1.000 24.858 0 106 ALA A CB  1 ? 
ATOM   817  N N   . PHE A 1 107 ? -10.772 2.384   -3.856  1.000 26.279 0 107 PHE A N   1 ? 
ATOM   818  C CA  . PHE A 1 107 ? -11.406 2.669   -2.579  1.000 28.154 0 107 PHE A CA  1 ? 
ATOM   819  C C   . PHE A 1 107 ? -12.920 2.767   -2.765  1.000 27.390 0 107 PHE A C   1 ? 
ATOM   820  O O   . PHE A 1 107 ? -13.679 2.395   -1.875  1.000 27.795 0 107 PHE A O   1 ? 
ATOM   821  C CB  . PHE A 1 107 ? -10.827 3.941   -1.961  1.000 27.346 0 107 PHE A CB  1 ? 
ATOM   822  C CG  . PHE A 1 107 ? -9.593  3.711   -1.124  1.000 31.213 0 107 PHE A CG  1 ? 
ATOM   823  C CD1 . PHE A 1 107 ? -9.654  2.944   0.028   1.000 29.400 0 107 PHE A CD1 1 ? 
ATOM   824  C CD2 . PHE A 1 107 ? -8.366  4.234   -1.506  1.000 29.228 0 107 PHE A CD2 1 ? 
ATOM   825  C CE1 . PHE A 1 107 ? -8.522  2.733   0.800   1.000 29.944 0 107 PHE A CE1 1 ? 
ATOM   826  C CE2 . PHE A 1 107 ? -7.234  4.021   -0.735  1.000 29.800 0 107 PHE A CE2 1 ? 
ATOM   827  C CZ  . PHE A 1 107 ? -7.312  3.262   0.412   1.000 31.454 0 107 PHE A CZ  1 ? 
ATOM   828  N N   . GLY A 1 108 ? -13.339 3.273   -3.930  1.000 26.168 0 108 GLY A N   1 ? 
ATOM   829  C CA  . GLY A 1 108 ? -14.739 3.263   -4.320  1.000 30.998 0 108 GLY A CA  1 ? 
ATOM   830  C C   . GLY A 1 108 ? -15.318 1.850   -4.321  1.000 33.735 0 108 GLY A C   1 ? 
ATOM   831  O O   . GLY A 1 108 ? -16.387 1.613   -3.763  1.000 39.361 0 108 GLY A O   1 ? 
ATOM   832  N N   . LEU A 1 109 ? -14.601 0.921   -4.964  1.000 30.595 0 109 LEU A N   1 ? 
ATOM   833  C CA  . LEU A 1 109 ? -15.024 -0.466  -5.033  1.000 30.154 0 109 LEU A CA  1 ? 
ATOM   834  C C   . LEU A 1 109 ? -15.078 -1.056  -3.627  1.000 30.935 0 109 LEU A C   1 ? 
ATOM   835  O O   . LEU A 1 109 ? -15.980 -1.830  -3.316  1.000 32.127 0 109 LEU A O   1 ? 
ATOM   836  C CB  . LEU A 1 109 ? -14.060 -1.248  -5.930  1.000 32.084 0 109 LEU A CB  1 ? 
ATOM   837  C CG  . LEU A 1 109 ? -14.244 -1.029  -7.432  1.000 34.232 0 109 LEU A CG  1 ? 
ATOM   838  C CD1 . LEU A 1 109 ? -12.987 -1.403  -8.200  1.000 31.908 0 109 LEU A CD1 1 ? 
ATOM   839  C CD2 . LEU A 1 109 ? -15.438 -1.820  -7.950  1.000 38.283 0 109 LEU A CD2 1 ? 
ATOM   840  N N   . ALA A 1 110 ? -14.103 -0.685  -2.786  1.000 31.060 0 110 ALA A N   1 ? 
ATOM   841  C CA  . ALA A 1 110 ? -14.009 -1.219  -1.435  1.000 32.294 0 110 ALA A CA  1 ? 
ATOM   842  C C   . ALA A 1 110 ? -15.203 -0.753  -0.605  1.000 32.127 0 110 ALA A C   1 ? 
ATOM   843  O O   . ALA A 1 110 ? -15.694 -1.489  0.245   1.000 33.072 0 110 ALA A O   1 ? 
ATOM   844  C CB  . ALA A 1 110 ? -12.713 -0.796  -0.795  1.000 32.257 0 110 ALA A CB  1 ? 
ATOM   845  N N   . GLU A 1 111 ? -15.624 0.494   -0.839  1.000 34.847 0 111 GLU A N   1 ? 
ATOM   846  C CA  . GLU A 1 111 ? -16.778 1.074   -0.168  1.000 42.485 0 111 GLU A CA  1 ? 
ATOM   847  C C   . GLU A 1 111 ? -18.013 0.216   -0.417  1.000 37.084 0 111 GLU A C   1 ? 
ATOM   848  O O   . GLU A 1 111 ? -18.960 0.252   0.362   1.000 34.882 0 111 GLU A O   1 ? 
ATOM   849  C CB  . GLU A 1 111 ? -17.060 2.478   -0.697  1.000 41.674 0 111 GLU A CB  1 ? 
ATOM   850  C CG  . GLU A 1 111 ? -16.344 3.574   0.051   1.000 50.383 0 111 GLU A CG  1 ? 
ATOM   851  C CD  . GLU A 1 111 ? -16.746 4.967   -0.402  1.000 59.539 0 111 GLU A CD  1 ? 
ATOM   852  O OE1 . GLU A 1 111 ? -16.806 5.192   -1.629  1.000 59.455 0 111 GLU A OE1 1 ? 
ATOM   853  O OE2 . GLU A 1 111 ? -17.017 5.817   0.470   1.000 72.304 0 111 GLU A OE2 1 ? 
ATOM   854  N N   . ARG A 1 112 ? -18.021 -0.478  -1.557  1.000 38.817 0 112 ARG A N   1 ? 
ATOM   855  C CA  . ARG A 1 112 ? -19.187 -1.214  -2.011  1.000 35.573 0 112 ARG A CA  1 ? 
ATOM   856  C C   . ARG A 1 112 ? -18.954 -2.710  -1.824  1.000 33.932 0 112 ARG A C   1 ? 
ATOM   857  O O   . ARG A 1 112 ? -19.619 -3.526  -2.453  1.000 44.514 0 112 ARG A O   1 ? 
ATOM   858  C CB  . ARG A 1 112 ? -19.475 -0.872  -3.473  1.000 34.908 0 112 ARG A CB  1 ? 
ATOM   859  C CG  . ARG A 1 112 ? -19.833 0.590   -3.694  1.000 35.496 0 112 ARG A CG  1 ? 
ATOM   860  C CD  . ARG A 1 112 ? -20.442 0.828   -5.056  1.000 36.777 0 112 ARG A CD  1 ? 
ATOM   861  N NE  . ARG A 1 112 ? -19.484 0.572   -6.119  1.000 39.906 0 112 ARG A NE  1 ? 
ATOM   862  C CZ  . ARG A 1 112 ? -18.507 1.401   -6.459  1.000 42.113 0 112 ARG A CZ  1 ? 
ATOM   863  N NH1 . ARG A 1 112 ? -18.346 2.535   -5.800  1.000 41.088 0 112 ARG A NH1 1 ? 
ATOM   864  N NH2 . ARG A 1 112 ? -17.707 1.102   -7.467  1.000 41.557 0 112 ARG A NH2 1 ? 
ATOM   865  N N   . GLY A 1 113 ? -17.996 -3.051  -0.958  1.000 31.985 0 113 GLY A N   1 ? 
ATOM   866  C CA  . GLY A 1 113 ? -17.868 -4.400  -0.435  1.000 34.078 0 113 GLY A CA  1 ? 
ATOM   867  C C   . GLY A 1 113 ? -16.974 -5.283  -1.302  1.000 33.389 0 113 GLY A C   1 ? 
ATOM   868  O O   . GLY A 1 113 ? -16.974 -6.498  -1.142  1.000 36.832 0 113 GLY A O   1 ? 
ATOM   869  N N   . ARG A 1 114 ? -16.206 -4.661  -2.206  1.000 33.577 0 114 ARG A N   1 ? 
ATOM   870  C CA  . ARG A 1 114 ? -15.327 -5.391  -3.109  1.000 35.148 0 114 ARG A CA  1 ? 
ATOM   871  C C   . ARG A 1 114 ? -13.867 -5.133  -2.748  1.000 33.097 0 114 ARG A C   1 ? 
ATOM   872  O O   . ARG A 1 114 ? -13.420 -3.991  -2.748  1.000 35.867 0 114 ARG A O   1 ? 
ATOM   873  C CB  . ARG A 1 114 ? -15.566 -4.962  -4.559  1.000 36.004 0 114 ARG A CB  1 ? 
ATOM   874  C CG  . ARG A 1 114 ? -16.804 -5.575  -5.186  1.000 39.821 0 114 ARG A CG  1 ? 
ATOM   875  C CD  . ARG A 1 114 ? -16.683 -7.080  -5.310  1.000 39.353 0 114 ARG A CD  1 ? 
ATOM   876  N NE  . ARG A 1 114 ? -17.968 -7.695  -5.592  1.000 39.632 0 114 ARG A NE  1 ? 
ATOM   877  C CZ  . ARG A 1 114 ? -18.157 -8.997  -5.761  1.000 43.321 0 114 ARG A CZ  1 ? 
ATOM   878  N NH1 . ARG A 1 114 ? -17.129 -9.830  -5.721  1.000 36.155 0 114 ARG A NH1 1 ? 
ATOM   879  N NH2 . ARG A 1 114 ? -19.380 -9.461  -5.963  1.000 42.989 0 114 ARG A NH2 1 ? 
ATOM   880  N N   . ASN A 1 115 ? -13.119 -6.218  -2.509  1.000 31.831 0 115 ASN A N   1 ? 
ATOM   881  C CA  . ASN A 1 115 ? -11.673 -6.153  -2.359  1.000 30.838 0 115 ASN A CA  1 ? 
ATOM   882  C C   . ASN A 1 115 ? -11.027 -5.991  -3.737  1.000 29.746 0 115 ASN A C   1 ? 
ATOM   883  O O   . ASN A 1 115 ? -11.556 -6.474  -4.733  1.000 29.617 0 115 ASN A O   1 ? 
ATOM   884  C CB  . ASN A 1 115 ? -11.123 -7.393  -1.647  1.000 33.144 0 115 ASN A CB  1 ? 
ATOM   885  C CG  . ASN A 1 115 ? -11.635 -7.555  -0.231  1.000 37.399 0 115 ASN A CG  1 ? 
ATOM   886  O OD1 . ASN A 1 115 ? -11.908 -6.573  0.457   1.000 37.937 0 115 ASN A OD1 1 ? 
ATOM   887  N ND2 . ASN A 1 115 ? -11.764 -8.794  0.216   1.000 40.944 0 115 ASN A ND2 1 ? 
ATOM   888  N N   . VAL A 1 116 ? -9.877  -5.304  -3.780  1.000 27.126 0 116 VAL A N   1 ? 
ATOM   889  C CA  . VAL A 1 116 ? -9.247  -4.933  -5.040  1.000 25.665 0 116 VAL A CA  1 ? 
ATOM   890  C C   . VAL A 1 116 ? -7.759  -5.259  -4.965  1.000 26.242 0 116 VAL A C   1 ? 
ATOM   891  O O   . VAL A 1 116 ? -7.104  -4.956  -3.968  1.000 25.920 0 116 VAL A O   1 ? 
ATOM   892  C CB  . VAL A 1 116 ? -9.461  -3.441  -5.369  1.000 24.890 0 116 VAL A CB  1 ? 
ATOM   893  C CG1 . VAL A 1 116 ? -8.908  -3.084  -6.739  1.000 24.092 0 116 VAL A CG1 1 ? 
ATOM   894  C CG2 . VAL A 1 116 ? -10.922 -3.032  -5.259  1.000 25.360 0 116 VAL A CG2 1 ? 
ATOM   895  N N   . HIS A 1 117 ? -7.241  -5.862  -6.041  1.000 24.207 0 117 HIS A N   1 ? 
ATOM   896  C CA  . HIS A 1 117 ? -5.809  -6.036  -6.225  1.000 25.814 0 117 HIS A CA  1 ? 
ATOM   897  C C   . HIS A 1 117 ? -5.357  -5.168  -7.394  1.000 25.361 0 117 HIS A C   1 ? 
ATOM   898  O O   . HIS A 1 117 ? -5.931  -5.242  -8.478  1.000 25.585 0 117 HIS A O   1 ? 
ATOM   899  C CB  . HIS A 1 117 ? -5.466  -7.508  -6.484  1.000 24.709 0 117 HIS A CB  1 ? 
ATOM   900  C CG  . HIS A 1 117 ? -5.628  -8.388  -5.298  1.000 25.574 0 117 HIS A CG  1 ? 
ATOM   901  N ND1 . HIS A 1 117 ? -4.874  -9.524  -5.106  1.000 24.826 0 117 HIS A ND1 1 ? 
ATOM   902  C CD2 . HIS A 1 117 ? -6.492  -8.336  -4.273  1.000 26.416 0 117 HIS A CD2 1 ? 
ATOM   903  C CE1 . HIS A 1 117 ? -5.258  -10.111 -3.982  1.000 28.167 0 117 HIS A CE1 1 ? 
ATOM   904  N NE2 . HIS A 1 117 ? -6.228  -9.395  -3.453  1.000 25.706 0 117 HIS A NE2 1 ? 
ATOM   905  N N   . ILE A 1 118 ? -4.343  -4.331  -7.145  1.000 25.183 0 118 ILE A N   1 ? 
ATOM   906  C CA  . ILE A 1 118 ? -3.778  -3.470  -8.168  1.000 23.236 0 118 ILE A CA  1 ? 
ATOM   907  C C   . ILE A 1 118 ? -2.390  -3.989  -8.529  1.000 24.562 0 118 ILE A C   1 ? 
ATOM   908  O O   . ILE A 1 118 ? -1.476  -3.955  -7.706  1.000 22.688 0 118 ILE A O   1 ? 
ATOM   909  C CB  . ILE A 1 118 ? -3.734  -2.003  -7.692  1.000 25.420 0 118 ILE A CB  1 ? 
ATOM   910  C CG1 . ILE A 1 118 ? -5.127  -1.482  -7.328  1.000 26.425 0 118 ILE A CG1 1 ? 
ATOM   911  C CG2 . ILE A 1 118 ? -3.058  -1.124  -8.734  1.000 23.913 0 118 ILE A CG2 1 ? 
ATOM   912  C CD1 . ILE A 1 118 ? -5.118  -0.136  -6.642  1.000 26.508 0 118 ILE A CD1 1 ? 
ATOM   913  N N   . LEU A 1 119 ? -2.260  -4.491  -9.763  1.000 23.038 0 119 LEU A N   1 ? 
ATOM   914  C CA  . LEU A 1 119 ? -1.009  -5.042  -10.254 1.000 23.869 0 119 LEU A CA  1 ? 
ATOM   915  C C   . LEU A 1 119 ? -0.274  -3.962  -11.035 1.000 25.147 0 119 LEU A C   1 ? 
ATOM   916  O O   . LEU A 1 119 ? -0.770  -3.476  -12.048 1.000 23.173 0 119 LEU A O   1 ? 
ATOM   917  C CB  . LEU A 1 119 ? -1.305  -6.268  -11.122 1.000 26.243 0 119 LEU A CB  1 ? 
ATOM   918  C CG  . LEU A 1 119 ? -1.508  -7.575  -10.353 1.000 31.813 0 119 LEU A CG  1 ? 
ATOM   919  C CD1 . LEU A 1 119 ? -2.681  -7.458  -9.391  1.000 31.776 0 119 LEU A CD1 1 ? 
ATOM   920  C CD2 . LEU A 1 119 ? -1.708  -8.750  -11.303 1.000 32.739 0 119 LEU A CD2 1 ? 
ATOM   921  N N   . VAL A 1 120 ? 0.871   -3.534  -10.500 1.000 25.168 0 120 VAL A N   1 ? 
ATOM   922  C CA  . VAL A 1 120 ? 1.509   -2.311  -10.950 1.000 25.545 0 120 VAL A CA  1 ? 
ATOM   923  C C   . VAL A 1 120 ? 2.663   -2.684  -11.872 1.000 23.963 0 120 VAL A C   1 ? 
ATOM   924  O O   . VAL A 1 120 ? 3.508   -3.505  -11.526 1.000 24.552 0 120 VAL A O   1 ? 
ATOM   925  C CB  . VAL A 1 120 ? 1.983   -1.453  -9.760  1.000 25.332 0 120 VAL A CB  1 ? 
ATOM   926  C CG1 . VAL A 1 120 ? 2.786   -0.246  -10.217 1.000 25.908 0 120 VAL A CG1 1 ? 
ATOM   927  C CG2 . VAL A 1 120 ? 0.813   -1.020  -8.890  1.000 25.219 0 120 VAL A CG2 1 ? 
ATOM   928  N N   . SER A 1 121 ? 2.667   -2.086  -13.061 1.000 27.452 0 121 SER A N   1 ? 
ATOM   929  C CA  . SER A 1 121 ? 3.780   -2.214  -13.985 1.000 31.562 0 121 SER A CA  1 ? 
ATOM   930  C C   . SER A 1 121 ? 4.789   -1.101  -13.715 1.000 27.682 0 121 SER A C   1 ? 
ATOM   931  O O   . SER A 1 121 ? 4.511   0.068   -13.972 1.000 28.699 0 121 SER A O   1 ? 
ATOM   932  C CB  . SER A 1 121 ? 3.288   -2.192  -15.412 1.000 29.064 0 121 SER A CB  1 ? 
ATOM   933  O OG  . SER A 1 121 ? 4.315   -2.595  -16.297 1.000 41.541 0 121 SER A OG  1 ? 
ATOM   934  N N   . GLY A 1 122 ? 5.933   -1.473  -13.138 1.000 31.697 0 122 GLY A N   1 ? 
ATOM   935  C CA  . GLY A 1 122 ? 6.883   -0.505  -12.613 1.000 33.088 0 122 GLY A CA  1 ? 
ATOM   936  C C   . GLY A 1 122 ? 7.157   -0.730  -11.128 1.000 29.963 0 122 GLY A C   1 ? 
ATOM   937  O O   . GLY A 1 122 ? 7.624   -1.795  -10.738 1.000 33.505 0 122 GLY A O   1 ? 
ATOM   938  N N   . GLU A 1 123 ? 6.842   0.278   -10.308 1.000 32.140 0 123 GLU A N   1 ? 
ATOM   939  C CA  . GLU A 1 123 ? 7.090   0.214   -8.875  1.000 31.740 0 123 GLU A CA  1 ? 
ATOM   940  C C   . GLU A 1 123 ? 5.868   0.710   -8.110  1.000 30.197 0 123 GLU A C   1 ? 
ATOM   941  O O   . GLU A 1 123 ? 5.418   1.833   -8.326  1.000 28.777 0 123 GLU A O   1 ? 
ATOM   942  C CB  . GLU A 1 123 ? 8.293   1.081   -8.508  1.000 35.706 0 123 GLU A CB  1 ? 
ATOM   943  C CG  . GLU A 1 123 ? 9.299   0.385   -7.621  1.000 41.251 0 123 GLU A CG  1 ? 
ATOM   944  C CD  . GLU A 1 123 ? 10.664  1.050   -7.621  1.000 47.424 0 123 GLU A CD  1 ? 
ATOM   945  O OE1 . GLU A 1 123 ? 10.769  2.184   -7.095  1.000 40.768 0 123 GLU A OE1 1 ? 
ATOM   946  O OE2 . GLU A 1 123 ? 11.608  0.454   -8.179  1.000 47.288 0 123 GLU A OE2 1 ? 
ATOM   947  N N   . GLU A 1 124 ? 5.401   -0.104  -7.152  1.000 28.759 0 124 GLU A N   1 ? 
ATOM   948  C CA  . GLU A 1 124 ? 4.196   0.202   -6.395  1.000 28.381 0 124 GLU A CA  1 ? 
ATOM   949  C C   . GLU A 1 124 ? 4.552   0.916   -5.089  1.000 27.315 0 124 GLU A C   1 ? 
ATOM   950  O O   . GLU A 1 124 ? 3.665   1.364   -4.372  1.000 29.133 0 124 GLU A O   1 ? 
ATOM   951  C CB  . GLU A 1 124 ? 3.404   -1.077  -6.110  1.000 28.773 0 124 GLU A CB  1 ? 
ATOM   952  C CG  . GLU A 1 124 ? 4.031   -1.966  -5.050  1.000 27.966 0 124 GLU A CG  1 ? 
ATOM   953  C CD  . GLU A 1 124 ? 5.041   -2.978  -5.561  1.000 28.598 0 124 GLU A CD  1 ? 
ATOM   954  O OE1 . GLU A 1 124 ? 5.392   -2.919  -6.756  1.000 31.898 0 124 GLU A OE1 1 ? 
ATOM   955  O OE2 . GLU A 1 124 ? 5.456   -3.840  -4.768  1.000 32.703 0 124 GLU A OE2 1 ? 
ATOM   956  N N   . ASP A 1 125 ? 5.853   1.033   -4.794  1.000 29.354 0 125 ASP A N   1 ? 
ATOM   957  C CA  . ASP A 1 125 ? 6.315   1.362   -3.451  1.000 32.207 0 125 ASP A CA  1 ? 
ATOM   958  C C   . ASP A 1 125 ? 5.608   2.617   -2.939  1.000 32.640 0 125 ASP A C   1 ? 
ATOM   959  O O   . ASP A 1 125 ? 5.162   2.661   -1.794  1.000 35.318 0 125 ASP A O   1 ? 
ATOM   960  C CB  . ASP A 1 125 ? 7.829   1.552   -3.417  1.000 35.847 0 125 ASP A CB  1 ? 
ATOM   961  C CG  . ASP A 1 125 ? 8.607   0.316   -3.831  1.000 39.801 0 125 ASP A CG  1 ? 
ATOM   962  O OD1 . ASP A 1 125 ? 9.679   0.083   -3.250  1.000 45.765 0 125 ASP A OD1 1 ? 
ATOM   963  O OD2 . ASP A 1 125 ? 8.130   -0.405  -4.736  1.000 44.287 0 125 ASP A OD2 1 ? 
ATOM   964  N N   . LEU A 1 126 ? 5.514   3.638   -3.795  1.000 28.473 0 126 LEU A N   1 ? 
ATOM   965  C CA  . LEU A 1 126 ? 5.131   4.967   -3.352  1.000 27.564 0 126 LEU A CA  1 ? 
ATOM   966  C C   . LEU A 1 126 ? 3.612   5.054   -3.204  1.000 26.427 0 126 LEU A C   1 ? 
ATOM   967  O O   . LEU A 1 126 ? 3.084   6.104   -2.841  1.000 26.333 0 126 LEU A O   1 ? 
ATOM   968  C CB  . LEU A 1 126 ? 5.651   6.000   -4.357  1.000 27.204 0 126 LEU A CB  1 ? 
ATOM   969  C CG  . LEU A 1 126 ? 7.138   6.339   -4.243  1.000 28.840 0 126 LEU A CG  1 ? 
ATOM   970  C CD1 . LEU A 1 126 ? 7.565   7.297   -5.345  1.000 29.509 0 126 LEU A CD1 1 ? 
ATOM   971  C CD2 . LEU A 1 126 ? 7.458   6.929   -2.877  1.000 27.969 0 126 LEU A CD2 1 ? 
ATOM   972  N N   . ALA A 1 127 ? 2.916   3.942   -3.475  1.000 23.757 0 127 ALA A N   1 ? 
ATOM   973  C CA  . ALA A 1 127 ? 1.460   3.932   -3.470  1.000 25.396 0 127 ALA A CA  1 ? 
ATOM   974  C C   . ALA A 1 127 ? 0.936   4.063   -2.038  1.000 23.792 0 127 ALA A C   1 ? 
ATOM   975  O O   . ALA A 1 127 ? -0.234  4.394   -1.824  1.000 22.597 0 127 ALA A O   1 ? 
ATOM   976  C CB  . ALA A 1 127 ? 0.949   2.679   -4.137  1.000 27.922 0 127 ALA A CB  1 ? 
ATOM   977  N N   . ALA A 1 128 ? 1.822   3.852   -1.062  1.000 22.627 0 128 ALA A N   1 ? 
ATOM   978  C CA  . ALA A 1 128 ? 1.480   4.058   0.335   1.000 26.084 0 128 ALA A CA  1 ? 
ATOM   979  C C   . ALA A 1 128 ? 0.973   5.484   0.540   1.000 28.160 0 128 ALA A C   1 ? 
ATOM   980  O O   . ALA A 1 128 ? 0.112   5.718   1.386   1.000 29.415 0 128 ALA A O   1 ? 
ATOM   981  C CB  . ALA A 1 128 ? 2.667   3.757   1.211   1.000 27.773 0 128 ALA A CB  1 ? 
ATOM   982  N N   . ILE A 1 129 ? 1.486   6.421   -0.269  1.000 26.390 0 129 ILE A N   1 ? 
ATOM   983  C CA  . ILE A 1 129 ? 1.125   7.826   -0.144  1.000 27.926 0 129 ILE A CA  1 ? 
ATOM   984  C C   . ILE A 1 129 ? -0.352  8.007   -0.511  1.000 27.846 0 129 ILE A C   1 ? 
ATOM   985  O O   . ILE A 1 129 ? -1.146  8.434   0.324   1.000 27.317 0 129 ILE A O   1 ? 
ATOM   986  C CB  . ILE A 1 129 ? 2.051   8.718   -0.998  1.000 31.885 0 129 ILE A CB  1 ? 
ATOM   987  C CG1 . ILE A 1 129 ? 3.517   8.594   -0.575  1.000 37.646 0 129 ILE A CG1 1 ? 
ATOM   988  C CG2 . ILE A 1 129 ? 1.584   10.162  -0.972  1.000 33.902 0 129 ILE A CG2 1 ? 
ATOM   989  C CD1 . ILE A 1 129 ? 3.789   9.033   0.840   1.000 43.997 0 129 ILE A CD1 1 ? 
ATOM   990  N N   . PRO A 1 130 ? -0.774  7.726   -1.767  1.000 25.863 0 130 PRO A N   1 ? 
ATOM   991  C CA  . PRO A 1 130 ? -2.190  7.801   -2.131  1.000 27.483 0 130 PRO A CA  1 ? 
ATOM   992  C C   . PRO A 1 130 ? -3.104  6.891   -1.313  1.000 25.986 0 130 PRO A C   1 ? 
ATOM   993  O O   . PRO A 1 130 ? -4.264  7.220   -1.077  1.000 26.172 0 130 PRO A O   1 ? 
ATOM   994  C CB  . PRO A 1 130 ? -2.242  7.385   -3.611  1.000 28.752 0 130 PRO A CB  1 ? 
ATOM   995  C CG  . PRO A 1 130 ? -0.870  6.800   -3.917  1.000 27.859 0 130 PRO A CG  1 ? 
ATOM   996  C CD  . PRO A 1 130 ? 0.083   7.423   -2.918  1.000 25.480 0 130 PRO A CD  1 ? 
ATOM   997  N N   . ALA A 1 131 ? -2.579  5.739   -0.887  1.000 25.255 0 131 ALA A N   1 ? 
ATOM   998  C CA  . ALA A 1 131 ? -3.346  4.832   -0.050  1.000 26.783 0 131 ALA A CA  1 ? 
ATOM   999  C C   . ALA A 1 131 ? -3.803  5.574   1.206   1.000 28.346 0 131 ALA A C   1 ? 
ATOM   1000 O O   . ALA A 1 131 ? -4.977  5.529   1.568   1.000 29.066 0 131 ALA A O   1 ? 
ATOM   1001 C CB  . ALA A 1 131 ? -2.528  3.607   0.281   1.000 25.549 0 131 ALA A CB  1 ? 
ATOM   1002 N N   . VAL A 1 132 ? -2.874  6.308   1.825   1.000 27.154 0 132 VAL A N   1 ? 
ATOM   1003 C CA  . VAL A 1 132 ? -3.174  7.069   3.025   1.000 27.625 0 132 VAL A CA  1 ? 
ATOM   1004 C C   . VAL A 1 132 ? -4.171  8.178   2.683   1.000 30.135 0 132 VAL A C   1 ? 
ATOM   1005 O O   . VAL A 1 132 ? -5.120  8.415   3.427   1.000 30.034 0 132 VAL A O   1 ? 
ATOM   1006 C CB  . VAL A 1 132 ? -1.891  7.637   3.659   1.000 29.104 0 132 VAL A CB  1 ? 
ATOM   1007 C CG1 . VAL A 1 132 ? -2.196  8.710   4.693   1.000 33.155 0 132 VAL A CG1 1 ? 
ATOM   1008 C CG2 . VAL A 1 132 ? -1.028  6.540   4.267   1.000 29.963 0 132 VAL A CG2 1 ? 
ATOM   1009 N N   . LEU A 1 133 ? -3.940  8.864   1.560   1.000 29.149 0 133 LEU A N   1 ? 
ATOM   1010 C CA  . LEU A 1 133 ? -4.665  10.087  1.253   1.000 32.394 0 133 LEU A CA  1 ? 
ATOM   1011 C C   . LEU A 1 133 ? -6.141  9.784   1.007   1.000 28.025 0 133 LEU A C   1 ? 
ATOM   1012 O O   . LEU A 1 133 ? -6.997  10.602  1.324   1.000 33.596 0 133 LEU A O   1 ? 
ATOM   1013 C CB  . LEU A 1 133 ? -4.033  10.761  0.030   1.000 32.958 0 133 LEU A CB  1 ? 
ATOM   1014 C CG  . LEU A 1 133 ? -2.690  11.445  0.276   1.000 34.434 0 133 LEU A CG  1 ? 
ATOM   1015 C CD1 . LEU A 1 133 ? -2.120  11.998  -1.021  1.000 35.371 0 133 LEU A CD1 1 ? 
ATOM   1016 C CD2 . LEU A 1 133 ? -2.822  12.550  1.317   1.000 39.741 0 133 LEU A CD2 1 ? 
ATOM   1017 N N   . TYR A 1 134 ? -6.440  8.616   0.429   1.000 28.463 0 134 TYR A N   1 ? 
ATOM   1018 C CA  . TYR A 1 134 ? -7.785  8.345   -0.054  1.000 28.383 0 134 TYR A CA  1 ? 
ATOM   1019 C C   . TYR A 1 134 ? -8.515  7.358   0.860   1.000 28.278 0 134 TYR A C   1 ? 
ATOM   1020 O O   . TYR A 1 134 ? -9.686  7.066   0.633   1.000 28.245 0 134 TYR A O   1 ? 
ATOM   1021 C CB  . TYR A 1 134 ? -7.743  7.812   -1.487  1.000 31.535 0 134 TYR A CB  1 ? 
ATOM   1022 C CG  . TYR A 1 134 ? -7.186  8.779   -2.501  1.000 36.369 0 134 TYR A CG  1 ? 
ATOM   1023 C CD1 . TYR A 1 134 ? -7.634  10.088  -2.567  1.000 43.951 0 134 TYR A CD1 1 ? 
ATOM   1024 C CD2 . TYR A 1 134 ? -6.218  8.380   -3.405  1.000 34.964 0 134 TYR A CD2 1 ? 
ATOM   1025 C CE1 . TYR A 1 134 ? -7.120  10.980  -3.495  1.000 47.576 0 134 TYR A CE1 1 ? 
ATOM   1026 C CE2 . TYR A 1 134 ? -5.704  9.254   -4.346  1.000 38.735 0 134 TYR A CE2 1 ? 
ATOM   1027 C CZ  . TYR A 1 134 ? -6.149  10.561  -4.386  1.000 43.264 0 134 TYR A CZ  1 ? 
ATOM   1028 O OH  . TYR A 1 134 ? -5.637  11.425  -5.323  1.000 47.343 0 134 TYR A OH  1 ? 
ATOM   1029 N N   . ALA A 1 135 ? -7.820  6.819   1.868   1.000 30.007 0 135 ALA A N   1 ? 
ATOM   1030 C CA  . ALA A 1 135 ? -8.373  5.741   2.679   1.000 30.244 0 135 ALA A CA  1 ? 
ATOM   1031 C C   . ALA A 1 135 ? -9.406  6.301   3.653   1.000 30.901 0 135 ALA A C   1 ? 
ATOM   1032 O O   . ALA A 1 135 ? -9.299  7.443   4.082   1.000 33.336 0 135 ALA A O   1 ? 
ATOM   1033 C CB  . ALA A 1 135 ? -7.271  5.029   3.421   1.000 29.429 0 135 ALA A CB  1 ? 
ATOM   1034 N N   . PRO A 1 136 ? -10.415 5.503   4.071   1.000 35.412 0 136 PRO A N   1 ? 
ATOM   1035 C CA  . PRO A 1 136 ? -11.195 5.823   5.264   1.000 35.130 0 136 PRO A CA  1 ? 
ATOM   1036 C C   . PRO A 1 136 ? -10.324 5.939   6.513   1.000 35.096 0 136 PRO A C   1 ? 
ATOM   1037 O O   . PRO A 1 136 ? -9.356  5.194   6.680   1.000 32.747 0 136 PRO A O   1 ? 
ATOM   1038 C CB  . PRO A 1 136 ? -12.185 4.652   5.390   1.000 37.060 0 136 PRO A CB  1 ? 
ATOM   1039 C CG  . PRO A 1 136 ? -12.272 4.082   3.986   1.000 39.471 0 136 PRO A CG  1 ? 
ATOM   1040 C CD  . PRO A 1 136 ? -10.896 4.294   3.387   1.000 36.522 0 136 PRO A CD  1 ? 
ATOM   1041 N N   . LEU A 1 137 ? -10.682 6.892   7.382   1.000 35.532 0 137 LEU A N   1 ? 
ATOM   1042 C CA  . LEU A 1 137 ? -10.030 7.055   8.669   1.000 37.688 0 137 LEU A CA  1 ? 
ATOM   1043 C C   . LEU A 1 137 ? -10.028 5.717   9.405   1.000 34.656 0 137 LEU A C   1 ? 
ATOM   1044 O O   . LEU A 1 137 ? -11.031 5.009   9.424   1.000 35.918 0 137 LEU A O   1 ? 
ATOM   1045 C CB  . LEU A 1 137 ? -10.764 8.138   9.465   1.000 39.503 0 137 LEU A CB  1 ? 
ATOM   1046 C CG  . LEU A 1 137 ? -10.586 9.567   8.947   1.000 42.450 0 137 LEU A CG  1 ? 
ATOM   1047 C CD1 . LEU A 1 137 ? -11.343 10.563  9.819   1.000 43.094 0 137 LEU A CD1 1 ? 
ATOM   1048 C CD2 . LEU A 1 137 ? -9.113  9.942   8.871   1.000 38.783 0 137 LEU A CD2 1 ? 
ATOM   1049 N N   . GLY A 1 138 ? -8.861  5.344   9.938   1.000 35.787 0 138 GLY A N   1 ? 
ATOM   1050 C CA  . GLY A 1 138 ? -8.735  4.134   10.736  1.000 37.875 0 138 GLY A CA  1 ? 
ATOM   1051 C C   . GLY A 1 138 ? -8.201  2.958   9.921   1.000 37.737 0 138 GLY A C   1 ? 
ATOM   1052 O O   . GLY A 1 138 ? -7.820  1.935   10.490  1.000 36.813 0 138 GLY A O   1 ? 
ATOM   1053 N N   . THR A 1 139 ? -8.182  3.115   8.589   1.000 36.425 0 139 THR A N   1 ? 
ATOM   1054 C CA  . THR A 1 139 ? -7.514  2.168   7.704   1.000 30.400 0 139 THR A CA  1 ? 
ATOM   1055 C C   . THR A 1 139 ? -6.062  2.002   8.141   1.000 26.443 0 139 THR A C   1 ? 
ATOM   1056 O O   . THR A 1 139 ? -5.424  2.957   8.574   1.000 30.185 0 139 THR A O   1 ? 
ATOM   1057 C CB  . THR A 1 139 ? -7.586  2.622   6.237   1.000 30.712 0 139 THR A CB  1 ? 
ATOM   1058 O OG1 . THR A 1 139 ? -8.952  2.703   5.828   1.000 27.547 0 139 THR A OG1 1 ? 
ATOM   1059 C CG2 . THR A 1 139 ? -6.846  1.694   5.299   1.000 30.495 0 139 THR A CG2 1 ? 
ATOM   1060 N N   . LEU A 1 140 ? -5.544  0.777   8.010   1.000 29.058 0 140 LEU A N   1 ? 
ATOM   1061 C CA  . LEU A 1 140 ? -4.121  0.521   8.172   1.000 30.333 0 140 LEU A CA  1 ? 
ATOM   1062 C C   . LEU A 1 140 ? -3.479  0.326   6.797   1.000 26.509 0 140 LEU A C   1 ? 
ATOM   1063 O O   . LEU A 1 140 ? -4.045  -0.321  5.923   1.000 27.169 0 140 LEU A O   1 ? 
ATOM   1064 C CB  . LEU A 1 140 ? -3.937  -0.712  9.063   1.000 33.194 0 140 LEU A CB  1 ? 
ATOM   1065 C CG  . LEU A 1 140 ? -4.547  -0.605  10.462  1.000 34.606 0 140 LEU A CG  1 ? 
ATOM   1066 C CD1 . LEU A 1 140 ? -4.453  -1.930  11.201  1.000 40.142 0 140 LEU A CD1 1 ? 
ATOM   1067 C CD2 . LEU A 1 140 ? -3.876  0.498   11.266  1.000 37.698 0 140 LEU A CD2 1 ? 
ATOM   1068 N N   . VAL A 1 141 ? -2.303  0.926   6.614   1.000 24.515 0 141 VAL A N   1 ? 
ATOM   1069 C CA  . VAL A 1 141 ? -1.510  0.729   5.416   1.000 25.991 0 141 VAL A CA  1 ? 
ATOM   1070 C C   . VAL A 1 141 ? -0.183  0.093   5.814   1.000 25.047 0 141 VAL A C   1 ? 
ATOM   1071 O O   . VAL A 1 141 ? 0.544   0.657   6.630   1.000 26.197 0 141 VAL A O   1 ? 
ATOM   1072 C CB  . VAL A 1 141 ? -1.293  2.058   4.669   1.000 25.184 0 141 VAL A CB  1 ? 
ATOM   1073 C CG1 . VAL A 1 141 ? -0.462  1.862   3.409   1.000 28.069 0 141 VAL A CG1 1 ? 
ATOM   1074 C CG2 . VAL A 1 141 ? -2.610  2.743   4.342   1.000 25.153 0 141 VAL A CG2 1 ? 
ATOM   1075 N N   . LEU A 1 142 ? 0.110   -1.083  5.225   1.000 23.217 0 142 LEU A N   1 ? 
ATOM   1076 C CA  . LEU A 1 142 ? 1.338   -1.824  5.493   1.000 22.659 0 142 LEU A CA  1 ? 
ATOM   1077 C C   . LEU A 1 142 ? 2.233   -1.820  4.259   1.000 25.649 0 142 LEU A C   1 ? 
ATOM   1078 O O   . LEU A 1 142 ? 1.775   -2.131  3.158   1.000 23.421 0 142 LEU A O   1 ? 
ATOM   1079 C CB  . LEU A 1 142 ? 0.994   -3.272  5.849   1.000 26.939 0 142 LEU A CB  1 ? 
ATOM   1080 C CG  . LEU A 1 142 ? 0.583   -3.536  7.293   1.000 31.558 0 142 LEU A CG  1 ? 
ATOM   1081 C CD1 . LEU A 1 142 ? -0.685  -2.776  7.642   1.000 36.647 0 142 LEU A CD1 1 ? 
ATOM   1082 C CD2 . LEU A 1 142 ? 0.392   -5.024  7.519   1.000 33.884 0 142 LEU A CD2 1 ? 
ATOM   1083 N N   . TYR A 1 143 ? 3.531   -1.578  4.476   1.000 23.644 0 143 TYR A N   1 ? 
ATOM   1084 C CA  . TYR A 1 143 ? 4.534   -1.776  3.444   1.000 23.986 0 143 TYR A CA  1 ? 
ATOM   1085 C C   . TYR A 1 143 ? 5.810   -2.317  4.082   1.000 26.655 0 143 TYR A C   1 ? 
ATOM   1086 O O   . TYR A 1 143 ? 5.978   -2.255  5.300   1.000 23.246 0 143 TYR A O   1 ? 
ATOM   1087 C CB  . TYR A 1 143 ? 4.769   -0.477  2.669   1.000 23.918 0 143 TYR A CB  1 ? 
ATOM   1088 C CG  . TYR A 1 143 ? 5.540   0.596   3.400   1.000 26.362 0 143 TYR A CG  1 ? 
ATOM   1089 C CD1 . TYR A 1 143 ? 6.921   0.670   3.307   1.000 27.439 0 143 TYR A CD1 1 ? 
ATOM   1090 C CD2 . TYR A 1 143 ? 4.889   1.584   4.120   1.000 27.804 0 143 TYR A CD2 1 ? 
ATOM   1091 C CE1 . TYR A 1 143 ? 7.637   1.664   3.955   1.000 28.221 0 143 TYR A CE1 1 ? 
ATOM   1092 C CE2 . TYR A 1 143 ? 5.590   2.589   4.767   1.000 29.042 0 143 TYR A CE2 1 ? 
ATOM   1093 C CZ  . TYR A 1 143 ? 6.968   2.632   4.682   1.000 29.589 0 143 TYR A CZ  1 ? 
ATOM   1094 O OH  . TYR A 1 143 ? 7.668   3.632   5.319   1.000 32.988 0 143 TYR A OH  1 ? 
ATOM   1095 N N   . GLY A 1 144 ? 6.673   -2.895  3.242   1.000 27.088 0 144 GLY A N   1 ? 
ATOM   1096 C CA  . GLY A 1 144 ? 7.863   -3.585  3.703   1.000 30.943 0 144 GLY A CA  1 ? 
ATOM   1097 C C   . GLY A 1 144 ? 9.070   -2.654  3.729   1.000 39.051 0 144 GLY A C   1 ? 
ATOM   1098 O O   . GLY A 1 144 ? 9.233   -1.812  2.847   1.000 37.755 0 144 GLY A O   1 ? 
ATOM   1099 N N   . GLN A 1 145 ? 9.882   -2.787  4.780   1.000 43.451 0 145 GLN A N   1 ? 
ATOM   1100 C CA  . GLN A 1 145 ? 11.105  -2.016  4.924   1.000 50.367 0 145 GLN A CA  1 ? 
ATOM   1101 C C   . GLN A 1 145 ? 12.280  -2.988  4.907   1.000 49.895 0 145 GLN A C   1 ? 
ATOM   1102 O O   . GLN A 1 145 ? 12.602  -3.587  5.929   1.000 46.702 0 145 GLN A O   1 ? 
ATOM   1103 C CB  . GLN A 1 145 ? 11.052  -1.195  6.219   1.000 51.234 0 145 GLN A CB  1 ? 
ATOM   1104 C CG  . GLN A 1 145 ? 12.332  -0.422  6.527   1.000 52.744 0 145 GLN A CG  1 ? 
ATOM   1105 C CD  . GLN A 1 145 ? 12.184  1.070   6.334   1.000 54.663 0 145 GLN A CD  1 ? 
ATOM   1106 O OE1 . GLN A 1 145 ? 11.390  1.543   5.523   1.000 56.199 0 145 GLN A OE1 1 ? 
ATOM   1107 N NE2 . GLN A 1 145 ? 12.976  1.831   7.071   1.000 61.303 0 145 GLN A NE2 1 ? 
ATOM   1108 N N   . PRO A 1 146 ? 12.943  -3.201  3.746   1.000 59.265 0 146 PRO A N   1 ? 
ATOM   1109 C CA  . PRO A 1 146 ? 13.805  -4.369  3.567   1.000 60.148 0 146 PRO A CA  1 ? 
ATOM   1110 C C   . PRO A 1 146 ? 14.878  -4.422  4.649   1.000 57.639 0 146 PRO A C   1 ? 
ATOM   1111 O O   . PRO A 1 146 ? 15.467  -3.397  4.990   1.000 55.585 0 146 PRO A O   1 ? 
ATOM   1112 C CB  . PRO A 1 146 ? 14.422  -4.170  2.172   1.000 59.817 0 146 PRO A CB  1 ? 
ATOM   1113 C CG  . PRO A 1 146 ? 14.317  -2.672  1.929   1.000 55.917 0 146 PRO A CG  1 ? 
ATOM   1114 C CD  . PRO A 1 146 ? 13.040  -2.252  2.627   1.000 58.566 0 146 PRO A CD  1 ? 
ATOM   1115 N N   . ASP A 1 147 ? 15.081  -5.616  5.219   1.000 59.792 0 147 ASP A N   1 ? 
ATOM   1116 C CA  . ASP A 1 147 ? 16.167  -5.863  6.156   1.000 69.138 0 147 ASP A CA  1 ? 
ATOM   1117 C C   . ASP A 1 147 ? 15.853  -5.227  7.509   1.000 71.512 0 147 ASP A C   1 ? 
ATOM   1118 O O   . ASP A 1 147 ? 16.763  -4.950  8.286   1.000 77.684 0 147 ASP A O   1 ? 
ATOM   1119 C CB  . ASP A 1 147 ? 17.502  -5.320  5.632   1.000 70.301 0 147 ASP A CB  1 ? 
ATOM   1120 C CG  . ASP A 1 147 ? 18.025  -6.036  4.398   1.000 69.265 0 147 ASP A CG  1 ? 
ATOM   1121 O OD1 . ASP A 1 147 ? 17.760  -7.246  4.266   1.000 63.991 0 147 ASP A OD1 1 ? 
ATOM   1122 O OD2 . ASP A 1 147 ? 18.718  -5.380  3.593   1.000 69.824 0 147 ASP A OD2 1 ? 
ATOM   1123 N N   . GLU A 1 148 ? 14.564  -5.000  7.788   1.000 69.188 0 148 GLU A N   1 ? 
ATOM   1124 C CA  . GLU A 1 148 ? 14.163  -4.329  9.015   1.000 63.910 0 148 GLU A CA  1 ? 
ATOM   1125 C C   . GLU A 1 148 ? 12.781  -4.819  9.446   1.000 61.381 0 148 GLU A C   1 ? 
ATOM   1126 O O   . GLU A 1 148 ? 12.584  -5.172  10.607  1.000 54.873 0 148 GLU A O   1 ? 
ATOM   1127 C CB  . GLU A 1 148 ? 14.188  -2.812  8.824   1.000 68.767 0 148 GLU A CB  1 ? 
ATOM   1128 C CG  . GLU A 1 148 ? 15.591  -2.234  8.755   1.000 68.611 0 148 GLU A CG  1 ? 
ATOM   1129 C CD  . GLU A 1 148 ? 15.685  -0.748  9.048   1.000 74.319 0 148 GLU A CD  1 ? 
ATOM   1130 O OE1 . GLU A 1 148 ? 15.426  -0.358  10.207  1.000 75.478 0 148 GLU A OE1 1 ? 
ATOM   1131 O OE2 . GLU A 1 148 ? 16.019  0.016   8.120   1.000 80.965 0 148 GLU A OE2 1 ? 
ATOM   1132 N N   . GLY A 1 149 ? 11.829  -4.829  8.504   1.000 48.840 0 149 GLY A N   1 ? 
ATOM   1133 C CA  . GLY A 1 149 ? 10.555  -5.495  8.712   1.000 42.097 0 149 GLY A CA  1 ? 
ATOM   1134 C C   . GLY A 1 149 ? 9.405   -4.766  8.020   1.000 35.743 0 149 GLY A C   1 ? 
ATOM   1135 O O   . GLY A 1 149 ? 9.495   -4.430  6.842   1.000 38.770 0 149 GLY A O   1 ? 
ATOM   1136 N N   . VAL A 1 150 ? 8.323   -4.540  8.770   1.000 29.993 0 150 VAL A N   1 ? 
ATOM   1137 C CA  . VAL A 1 150 ? 7.067   -4.088  8.200   1.000 30.064 0 150 VAL A CA  1 ? 
ATOM   1138 C C   . VAL A 1 150 ? 6.684   -2.762  8.850   1.000 26.276 0 150 VAL A C   1 ? 
ATOM   1139 O O   . VAL A 1 150 ? 6.798   -2.601  10.065  1.000 24.887 0 150 VAL A O   1 ? 
ATOM   1140 C CB  . VAL A 1 150 ? 5.961   -5.146  8.381   1.000 33.612 0 150 VAL A CB  1 ? 
ATOM   1141 C CG1 . VAL A 1 150 ? 4.667   -4.741  7.694   1.000 37.137 0 150 VAL A CG1 1 ? 
ATOM   1142 C CG2 . VAL A 1 150 ? 6.414   -6.515  7.898   1.000 33.959 0 150 VAL A CG2 1 ? 
ATOM   1143 N N   . VAL A 1 151 ? 6.205   -1.828  8.024   1.000 24.061 0 151 VAL A N   1 ? 
ATOM   1144 C CA  . VAL A 1 151 ? 5.773   -0.523  8.491   1.000 25.313 0 151 VAL A CA  1 ? 
ATOM   1145 C C   . VAL A 1 151 ? 4.247   -0.476  8.498   1.000 28.534 0 151 VAL A C   1 ? 
ATOM   1146 O O   . VAL A 1 151 ? 3.599   -0.852  7.521   1.000 27.044 0 151 VAL A O   1 ? 
ATOM   1147 C CB  . VAL A 1 151 ? 6.367   0.609   7.629   1.000 26.848 0 151 VAL A CB  1 ? 
ATOM   1148 C CG1 . VAL A 1 151 ? 5.813   1.968   8.025   1.000 30.068 0 151 VAL A CG1 1 ? 
ATOM   1149 C CG2 . VAL A 1 151 ? 7.886   0.619   7.687   1.000 27.470 0 151 VAL A CG2 1 ? 
ATOM   1150 N N   . LEU A 1 152 ? 3.689   -0.013  9.623   1.000 29.195 0 152 LEU A N   1 ? 
ATOM   1151 C CA  . LEU A 1 152 ? 2.252   0.078   9.798   1.000 29.457 0 152 LEU A CA  1 ? 
ATOM   1152 C C   . LEU A 1 152 ? 1.863   1.544   9.974   1.000 30.104 0 152 LEU A C   1 ? 
ATOM   1153 O O   . LEU A 1 152 ? 2.345   2.213   10.886  1.000 30.303 0 152 LEU A O   1 ? 
ATOM   1154 C CB  . LEU A 1 152 ? 1.845   -0.762  11.014  1.000 33.498 0 152 LEU A CB  1 ? 
ATOM   1155 C CG  . LEU A 1 152 ? 0.342   -0.888  11.255  1.000 37.605 0 152 LEU A CG  1 ? 
ATOM   1156 C CD1 . LEU A 1 152 ? -0.012  -2.275  11.766  1.000 40.387 0 152 LEU A CD1 1 ? 
ATOM   1157 C CD2 . LEU A 1 152 ? -0.139  0.173   12.231  1.000 44.646 0 152 LEU A CD2 1 ? 
ATOM   1158 N N   . ILE A 1 153 ? 1.027   2.034   9.052   1.000 29.776 0 153 ILE A N   1 ? 
ATOM   1159 C CA  . ILE A 1 153 ? 0.487   3.385   9.113   1.000 29.851 0 153 ILE A CA  1 ? 
ATOM   1160 C C   . ILE A 1 153 ? -0.980  3.294   9.525   1.000 29.367 0 153 ILE A C   1 ? 
ATOM   1161 O O   . ILE A 1 153 ? -1.755  2.571   8.904   1.000 28.020 0 153 ILE A O   1 ? 
ATOM   1162 C CB  . ILE A 1 153 ? 0.643   4.100   7.755   1.000 27.795 0 153 ILE A CB  1 ? 
ATOM   1163 C CG1 . ILE A 1 153 ? 2.081   4.053   7.242   1.000 28.163 0 153 ILE A CG1 1 ? 
ATOM   1164 C CG2 . ILE A 1 153 ? 0.120   5.528   7.826   1.000 32.543 0 153 ILE A CG2 1 ? 
ATOM   1165 C CD1 . ILE A 1 153 ? 2.204   4.346   5.763   1.000 32.092 0 153 ILE A CD1 1 ? 
ATOM   1166 N N   . LYS A 1 154 ? -1.344  4.031   10.580  1.000 32.369 0 154 LYS A N   1 ? 
ATOM   1167 C CA  . LYS A 1 154 ? -2.738  4.235   10.933  1.000 31.614 0 154 LYS A CA  1 ? 
ATOM   1168 C C   . LYS A 1 154 ? -3.220  5.533   10.298  1.000 32.122 0 154 LYS A C   1 ? 
ATOM   1169 O O   . LYS A 1 154 ? -2.600  6.581   10.465  1.000 32.859 0 154 LYS A O   1 ? 
ATOM   1170 C CB  . LYS A 1 154 ? -2.899  4.254   12.436  1.000 36.756 0 154 LYS A CB  1 ? 
ATOM   1171 N N   . VAL A 1 155 ? -4.291  5.440   9.508   1.000 30.721 0 155 VAL A N   1 ? 
ATOM   1172 C CA  . VAL A 1 155 ? -4.753  6.585   8.748   1.000 32.061 0 155 VAL A CA  1 ? 
ATOM   1173 C C   . VAL A 1 155 ? -5.561  7.474   9.689   1.000 33.717 0 155 VAL A C   1 ? 
ATOM   1174 O O   . VAL A 1 155 ? -6.691  7.149   10.048  1.000 31.354 0 155 VAL A O   1 ? 
ATOM   1175 C CB  . VAL A 1 155 ? -5.555  6.164   7.503   1.000 31.011 0 155 VAL A CB  1 ? 
ATOM   1176 C CG1 . VAL A 1 155 ? -6.132  7.371   6.773   1.000 32.829 0 155 VAL A CG1 1 ? 
ATOM   1177 C CG2 . VAL A 1 155 ? -4.709  5.317   6.558   1.000 28.332 0 155 VAL A CG2 1 ? 
ATOM   1178 N N   . THR A 1 156 ? -4.911  8.546   10.147  1.000 35.386 0 156 THR A N   1 ? 
ATOM   1179 C CA  . THR A 1 156 ? -5.551  9.586   10.930  1.000 36.645 0 156 THR A CA  1 ? 
ATOM   1180 C C   . THR A 1 156 ? -5.640  10.856  10.091  1.000 40.962 0 156 THR A C   1 ? 
ATOM   1181 O O   . THR A 1 156 ? -4.969  10.970  9.068   1.000 37.262 0 156 THR A O   1 ? 
ATOM   1182 C CB  . THR A 1 156 ? -4.767  9.851   12.220  1.000 32.503 0 156 THR A CB  1 ? 
ATOM   1183 O OG1 . THR A 1 156 ? -3.454  10.288  11.860  1.000 34.190 0 156 THR A OG1 1 ? 
ATOM   1184 C CG2 . THR A 1 156 ? -4.676  8.632   13.113  1.000 34.418 0 156 THR A CG2 1 ? 
ATOM   1185 N N   . PRO A 1 157 ? -6.445  11.859  10.511  1.000 45.887 0 157 PRO A N   1 ? 
ATOM   1186 C CA  . PRO A 1 157 ? -6.407  13.185  9.891   1.000 41.232 0 157 PRO A CA  1 ? 
ATOM   1187 C C   . PRO A 1 157 ? -4.992  13.752  9.806   1.000 37.130 0 157 PRO A C   1 ? 
ATOM   1188 O O   . PRO A 1 157 ? -4.574  14.232  8.758   1.000 39.090 0 157 PRO A O   1 ? 
ATOM   1189 C CB  . PRO A 1 157 ? -7.306  14.030  10.808  1.000 42.366 0 157 PRO A CB  1 ? 
ATOM   1190 C CG  . PRO A 1 157 ? -8.274  13.022  11.407  1.000 42.705 0 157 PRO A CG  1 ? 
ATOM   1191 C CD  . PRO A 1 157 ? -7.458  11.756  11.575  1.000 42.844 0 157 PRO A CD  1 ? 
ATOM   1192 N N   . GLU A 1 158 ? -4.243  13.647  10.906  1.000 38.806 0 158 GLU A N   1 ? 
ATOM   1193 C CA  . GLU A 1 158 ? -2.902  14.209  10.982  1.000 40.745 0 158 GLU A CA  1 ? 
ATOM   1194 C C   . GLU A 1 158 ? -2.002  13.555  9.935   1.000 37.051 0 158 GLU A C   1 ? 
ATOM   1195 O O   . GLU A 1 158 ? -1.140  14.208  9.350   1.000 40.885 0 158 GLU A O   1 ? 
ATOM   1196 C CB  . GLU A 1 158 ? -2.330  14.019  12.389  1.000 42.767 0 158 GLU A CB  1 ? 
ATOM   1197 C CG  . GLU A 1 158 ? -0.884  14.468  12.525  1.000 48.673 0 158 GLU A CG  1 ? 
ATOM   1198 C CD  . GLU A 1 158 ? 0.148   13.350  12.486  1.000 54.136 0 158 GLU A CD  1 ? 
ATOM   1199 O OE1 . GLU A 1 158 ? -0.250  12.168  12.587  1.000 53.230 0 158 GLU A OE1 1 ? 
ATOM   1200 O OE2 . GLU A 1 158 ? 1.350   13.663  12.363  1.000 50.099 0 158 GLU A OE2 1 ? 
ATOM   1201 N N   . CYS A 1 159 ? -2.188  12.250  9.726   1.000 38.475 0 159 CYS A N   1 ? 
ATOM   1202 C CA  . CYS A 1 159 ? -1.307  11.487  8.862   1.000 38.050 0 159 CYS A CA  1 ? 
ATOM   1203 C C   . CYS A 1 159 ? -1.609  11.809  7.400   1.000 34.801 0 159 CYS A C   1 ? 
ATOM   1204 O O   . CYS A 1 159 ? -0.694  11.917  6.585   1.000 35.187 0 159 CYS A O   1 ? 
ATOM   1205 C CB  . CYS A 1 159 ? -1.444  9.993   9.114   1.000 39.147 0 159 CYS A CB  1 ? 
ATOM   1206 S SG  . CYS A 1 159 ? -0.383  8.993   8.040   1.000 44.444 0 159 CYS A SG  1 ? 
ATOM   1207 N N   . LYS A 1 160 ? -2.900  11.975  7.086   1.000 35.460 0 160 LYS A N   1 ? 
ATOM   1208 C CA  . LYS A 1 160 ? -3.322  12.441  5.773   1.000 34.761 0 160 LYS A CA  1 ? 
ATOM   1209 C C   . LYS A 1 160 ? -2.656  13.782  5.482   1.000 36.896 0 160 LYS A C   1 ? 
ATOM   1210 O O   . LYS A 1 160 ? -2.106  13.991  4.403   1.000 39.137 0 160 LYS A O   1 ? 
ATOM   1211 C CB  . LYS A 1 160 ? -4.846  12.583  5.706   1.000 32.869 0 160 LYS A CB  1 ? 
ATOM   1212 C CG  . LYS A 1 160 ? -5.620  11.278  5.571   1.000 35.742 0 160 LYS A CG  1 ? 
ATOM   1213 C CD  . LYS A 1 160 ? -7.113  11.480  5.398   1.000 35.380 0 160 LYS A CD  1 ? 
ATOM   1214 C CE  . LYS A 1 160 ? -7.891  10.184  5.341   1.000 38.161 0 160 LYS A CE  1 ? 
ATOM   1215 N NZ  . LYS A 1 160 ? -7.947  9.637   3.967   1.000 36.683 0 160 LYS A NZ  1 ? 
ATOM   1216 N N   . ARG A 1 161 ? -2.705  14.677  6.473   1.000 37.485 0 161 ARG A N   1 ? 
ATOM   1217 C CA  . ARG A 1 161 ? -2.168  16.018  6.325   1.000 40.443 0 161 ARG A CA  1 ? 
ATOM   1218 C C   . ARG A 1 161 ? -0.703  15.935  5.908   1.000 38.188 0 161 ARG A C   1 ? 
ATOM   1219 O O   . ARG A 1 161 ? -0.258  16.684  5.043   1.000 45.200 0 161 ARG A O   1 ? 
ATOM   1220 C CB  . ARG A 1 161 ? -2.340  16.804  7.629   1.000 44.422 0 161 ARG A CB  1 ? 
ATOM   1221 C CG  . ARG A 1 161 ? -3.709  17.455  7.782   1.000 49.403 0 161 ARG A CG  1 ? 
ATOM   1222 C CD  . ARG A 1 161 ? -3.678  18.664  8.703   1.000 54.002 0 161 ARG A CD  1 ? 
ATOM   1223 N NE  . ARG A 1 161 ? -3.558  18.286  10.105  1.000 56.959 0 161 ARG A NE  1 ? 
ATOM   1224 C CZ  . ARG A 1 161 ? -4.519  17.704  10.816  1.000 54.664 0 161 ARG A CZ  1 ? 
ATOM   1225 N NH1 . ARG A 1 161 ? -5.711  17.500  10.282  1.000 54.417 0 161 ARG A NH1 1 ? 
ATOM   1226 N NH2 . ARG A 1 161 ? -4.286  17.329  12.062  1.000 59.922 0 161 ARG A NH2 1 ? 
ATOM   1227 N N   . ARG A 1 162 ? 0.037   15.004  6.515   1.000 38.328 0 162 ARG A N   1 ? 
ATOM   1228 C CA  . ARG A 1 162 ? 1.480   14.951  6.346   1.000 41.928 0 162 ARG A CA  1 ? 
ATOM   1229 C C   . ARG A 1 162 ? 1.833   14.258  5.030   1.000 36.895 0 162 ARG A C   1 ? 
ATOM   1230 O O   . ARG A 1 162 ? 2.825   14.607  4.394   1.000 31.372 0 162 ARG A O   1 ? 
ATOM   1231 C CB  . ARG A 1 162 ? 2.126   14.259  7.548   1.000 49.691 0 162 ARG A CB  1 ? 
ATOM   1232 C CG  . ARG A 1 162 ? 2.314   15.177  8.747   1.000 59.700 0 162 ARG A CG  1 ? 
ATOM   1233 C CD  . ARG A 1 162 ? 2.669   14.421  10.010  1.000 68.663 0 162 ARG A CD  1 ? 
ATOM   1234 N NE  . ARG A 1 162 ? 3.733   13.451  9.792   1.000 72.773 0 162 ARG A NE  1 ? 
ATOM   1235 C CZ  . ARG A 1 162 ? 3.657   12.162  10.105  1.000 72.693 0 162 ARG A CZ  1 ? 
ATOM   1236 N NH1 . ARG A 1 162 ? 4.701   11.374  9.915   1.000 78.755 0 162 ARG A NH1 1 ? 
ATOM   1237 N NH2 . ARG A 1 162 ? 2.542   11.669  10.618  1.000 70.538 0 162 ARG A NH2 1 ? 
ATOM   1238 N N   . CYS A 1 163 ? 1.005   13.292  4.616   1.000 35.313 0 163 CYS A N   1 ? 
ATOM   1239 C CA  . CYS A 1 163 ? 1.193   12.631  3.333   1.000 36.770 0 163 CYS A CA  1 ? 
ATOM   1240 C C   . CYS A 1 163 ? 0.870   13.603  2.197   1.000 33.787 0 163 CYS A C   1 ? 
ATOM   1241 O O   . CYS A 1 163 ? 1.501   13.563  1.146   1.000 30.659 0 163 CYS A O   1 ? 
ATOM   1242 C CB  . CYS A 1 163 ? 0.348   11.364  3.228   1.000 34.422 0 163 CYS A CB  1 ? 
ATOM   1243 S SG  . CYS A 1 163 ? 1.197   9.887   3.850   1.000 39.105 0 163 CYS A SG  1 ? 
ATOM   1244 N N   . ALA A 1 164 ? -0.104  14.489  2.431   1.000 33.610 0 164 ALA A N   1 ? 
ATOM   1245 C CA  . ALA A 1 164 ? -0.449  15.516  1.465   1.000 34.229 0 164 ALA A CA  1 ? 
ATOM   1246 C C   . ALA A 1 164 ? 0.745   16.442  1.252   1.000 34.776 0 164 ALA A C   1 ? 
ATOM   1247 O O   . ALA A 1 164 ? 0.981   16.918  0.142   1.000 34.289 0 164 ALA A O   1 ? 
ATOM   1248 C CB  . ALA A 1 164 ? -1.663  16.276  1.937   1.000 36.532 0 164 ALA A CB  1 ? 
ATOM   1249 N N   . LYS A 1 165 ? 1.500   16.677  2.328   1.000 34.928 0 165 LYS A N   1 ? 
ATOM   1250 C CA  . LYS A 1 165 ? 2.672   17.534  2.271   1.000 37.108 0 165 LYS A CA  1 ? 
ATOM   1251 C C   . LYS A 1 165 ? 3.787   16.839  1.493   1.000 33.238 0 165 LYS A C   1 ? 
ATOM   1252 O O   . LYS A 1 165 ? 4.537   17.488  0.768   1.000 36.249 0 165 LYS A O   1 ? 
ATOM   1253 C CB  . LYS A 1 165 ? 3.126   17.908  3.685   1.000 40.040 0 165 LYS A CB  1 ? 
ATOM   1254 C CG  . LYS A 1 165 ? 2.252   18.943  4.379   1.000 45.863 0 165 LYS A CG  1 ? 
ATOM   1255 C CD  . LYS A 1 165 ? 2.566   19.133  5.845   1.000 51.468 0 165 LYS A CD  1 ? 
ATOM   1256 C CE  . LYS A 1 165 ? 1.871   20.343  6.436   1.000 57.378 0 165 LYS A CE  1 ? 
ATOM   1257 N NZ  . LYS A 1 165 ? 1.823   20.284  7.917   1.000 61.470 0 165 LYS A NZ  1 ? 
ATOM   1258 N N   . ILE A 1 166 ? 3.903   15.519  1.657   1.000 30.928 0 166 ILE A N   1 ? 
ATOM   1259 C CA  . ILE A 1 166 ? 4.898   14.759  0.916   1.000 31.817 0 166 ILE A CA  1 ? 
ATOM   1260 C C   . ILE A 1 166 ? 4.616   14.899  -0.579  1.000 31.085 0 166 ILE A C   1 ? 
ATOM   1261 O O   . ILE A 1 166 ? 5.524   15.140  -1.367  1.000 28.287 0 166 ILE A O   1 ? 
ATOM   1262 C CB  . ILE A 1 166 ? 4.922   13.282  1.357   1.000 33.243 0 166 ILE A CB  1 ? 
ATOM   1263 C CG1 . ILE A 1 166 ? 5.533   13.115  2.751   1.000 35.735 0 166 ILE A CG1 1 ? 
ATOM   1264 C CG2 . ILE A 1 166 ? 5.646   12.427  0.326   1.000 31.771 0 166 ILE A CG2 1 ? 
ATOM   1265 C CD1 . ILE A 1 166 ? 5.230   11.783  3.401   1.000 34.438 0 166 ILE A CD1 1 ? 
ATOM   1266 N N   . LEU A 1 167 ? 3.345   14.737  -0.958  1.000 34.124 0 167 LEU A N   1 ? 
ATOM   1267 C CA  . LEU A 1 167 ? 2.953   14.824  -2.354  1.000 36.024 0 167 LEU A CA  1 ? 
ATOM   1268 C C   . LEU A 1 167 ? 3.201   16.241  -2.865  1.000 36.740 0 167 LEU A C   1 ? 
ATOM   1269 O O   . LEU A 1 167 ? 3.706   16.427  -3.970  1.000 37.612 0 167 LEU A O   1 ? 
ATOM   1270 C CB  . LEU A 1 167 ? 1.478   14.431  -2.484  1.000 36.612 0 167 LEU A CB  1 ? 
ATOM   1271 C CG  . LEU A 1 167 ? 0.978   14.221  -3.911  1.000 35.411 0 167 LEU A CG  1 ? 
ATOM   1272 C CD1 . LEU A 1 167 ? 1.740   13.097  -4.594  1.000 35.940 0 167 LEU A CD1 1 ? 
ATOM   1273 C CD2 . LEU A 1 167 ? -0.515  13.936  -3.925  1.000 35.926 0 167 LEU A CD2 1 ? 
ATOM   1274 N N   . ALA A 1 168 ? 2.865   17.233  -2.031  1.000 37.861 0 168 ALA A N   1 ? 
ATOM   1275 C CA  . ALA A 1 168 ? 2.983   18.632  -2.406  1.000 37.862 0 168 ALA A CA  1 ? 
ATOM   1276 C C   . ALA A 1 168 ? 4.456   19.028  -2.508  1.000 36.325 0 168 ALA A C   1 ? 
ATOM   1277 O O   . ALA A 1 168 ? 4.774   20.086  -3.041  1.000 41.405 0 168 ALA A O   1 ? 
ATOM   1278 C CB  . ALA A 1 168 ? 2.236   19.496  -1.416  1.000 38.153 0 168 ALA A CB  1 ? 
ATOM   1279 N N   . SER A 1 169 ? 5.349   18.150  -2.032  1.000 34.910 0 169 SER A N   1 ? 
ATOM   1280 C CA  . SER A 1 169 ? 6.773   18.450  -1.975  1.000 36.712 0 169 SER A CA  1 ? 
ATOM   1281 C C   . SER A 1 169 ? 7.505   17.786  -3.139  1.000 38.122 0 169 SER A C   1 ? 
ATOM   1282 O O   . SER A 1 169 ? 8.707   17.978  -3.314  1.000 33.134 0 169 SER A O   1 ? 
ATOM   1283 C CB  . SER A 1 169 ? 7.368   18.018  -0.657  1.000 41.434 0 169 SER A CB  1 ? 
ATOM   1284 O OG  . SER A 1 169 ? 6.748   18.690  0.429   1.000 42.626 0 169 SER A OG  1 ? 
ATOM   1285 N N   . MET A 1 170 ? 6.777   16.973  -3.908  1.000 35.962 0 170 MET A N   1 ? 
ATOM   1286 C CA  . MET A 1 170 ? 7.354   16.281  -5.046  1.000 35.694 0 170 MET A CA  1 ? 
ATOM   1287 C C   . MET A 1 170 ? 7.353   17.209  -6.260  1.000 33.769 0 170 MET A C   1 ? 
ATOM   1288 O O   . MET A 1 170 ? 6.531   18.115  -6.361  1.000 35.975 0 170 MET A O   1 ? 
ATOM   1289 C CB  . MET A 1 170 ? 6.563   15.008  -5.370  1.000 33.823 0 170 MET A CB  1 ? 
ATOM   1290 C CG  . MET A 1 170 ? 6.810   13.875  -4.388  1.000 32.329 0 170 MET A CG  1 ? 
ATOM   1291 S SD  . MET A 1 170 ? 5.669   12.488  -4.626  1.000 34.145 0 170 MET A SD  1 ? 
ATOM   1292 C CE  . MET A 1 170 ? 6.578   11.541  -5.848  1.000 36.008 0 170 MET A CE  1 ? 
ATOM   1293 N N   . GLU A 1 171 ? 8.274   16.946  -7.186  1.000 37.333 0 171 GLU A N   1 ? 
ATOM   1294 C CA  . GLU A 1 171 ? 8.347   17.654  -8.454  1.000 42.147 0 171 GLU A CA  1 ? 
ATOM   1295 C C   . GLU A 1 171 ? 7.140   17.301  -9.326  1.000 42.004 0 171 GLU A C   1 ? 
ATOM   1296 O O   . GLU A 1 171 ? 6.845   16.127  -9.538  1.000 49.105 0 171 GLU A O   1 ? 
ATOM   1297 C CB  . GLU A 1 171 ? 9.657   17.281  -9.151  1.000 45.242 0 171 GLU A CB  1 ? 
ATOM   1298 C CG  . GLU A 1 171 ? 9.854   17.959  -10.492 1.000 55.048 0 171 GLU A CG  1 ? 
ATOM   1299 C CD  . GLU A 1 171 ? 11.008  17.396  -11.303 1.000 55.633 0 171 GLU A CD  1 ? 
ATOM   1300 O OE1 . GLU A 1 171 ? 11.834  16.662  -10.720 1.000 58.137 0 171 GLU A OE1 1 ? 
ATOM   1301 O OE2 . GLU A 1 171 ? 11.066  17.679  -12.512 1.000 62.380 0 171 GLU A OE2 1 ? 
ATOM   1302 N N   . VAL A 1 172 ? 6.459   18.333  -9.846  1.000 40.392 0 172 VAL A N   1 ? 
ATOM   1303 C CA  . VAL A 1 172 ? 5.397   18.148  -10.822 1.000 42.135 0 172 VAL A CA  1 ? 
ATOM   1304 C C   . VAL A 1 172 ? 6.016   18.110  -12.217 1.000 51.646 0 172 VAL A C   1 ? 
ATOM   1305 O O   . VAL A 1 172 ? 6.858   18.943  -12.546 1.000 54.175 0 172 VAL A O   1 ? 
ATOM   1306 C CB  . VAL A 1 172 ? 4.330   19.255  -10.716 1.000 44.819 0 172 VAL A CB  1 ? 
ATOM   1307 C CG1 . VAL A 1 172 ? 3.323   19.189  -11.854 1.000 43.388 0 172 VAL A CG1 1 ? 
ATOM   1308 C CG2 . VAL A 1 172 ? 3.615   19.226  -9.372  1.000 44.931 0 172 VAL A CG2 1 ? 
ATOM   1309 N N   . VAL A 1 173 ? 5.591   17.132  -13.026 1.000 52.566 0 173 VAL A N   1 ? 
ATOM   1310 C CA  . VAL A 1 173 ? 6.149   16.931  -14.355 1.000 51.438 0 173 VAL A CA  1 ? 
ATOM   1311 C C   . VAL A 1 173 ? 5.000   16.743  -15.342 1.000 61.060 0 173 VAL A C   1 ? 
ATOM   1312 O O   . VAL A 1 173 ? 4.272   15.753  -15.276 1.000 57.295 0 173 VAL A O   1 ? 
ATOM   1313 C CB  . VAL A 1 173 ? 7.128   15.740  -14.385 1.000 52.420 0 173 VAL A CB  1 ? 
ATOM   1314 C CG1 . VAL A 1 173 ? 7.745   15.552  -15.764 1.000 53.524 0 173 VAL A CG1 1 ? 
ATOM   1315 C CG2 . VAL A 1 173 ? 8.215   15.871  -13.329 1.000 49.224 0 173 VAL A CG2 1 ? 
ATOM   1316 N N   . ARG A 1 174 ? 4.824   17.744  -16.216 1.000 75.853 0 174 ARG A N   1 ? 
ATOM   1317 C CA  . ARG A 1 174 ? 4.043   17.616  -17.437 1.000 80.959 0 174 ARG A CA  1 ? 
ATOM   1318 C C   . ARG A 1 174 ? 2.585   17.303  -17.085 1.000 82.785 0 174 ARG A C   1 ? 
ATOM   1319 O O   . ARG A 1 174 ? 1.787   17.174  -18.038 1.000 80.373 0 174 ARG A O   1 ? 
ATOM   1320 C CB  . ARG A 1 174 ? 4.638   16.541  -18.353 1.000 83.604 0 174 ARG A CB  1 ? 
ATOM   1321 C CG  . ARG A 1 174 ? 4.195   16.652  -19.805 1.000 90.563 0 174 ARG A CG  1 ? 
ATOM   1322 C CD  . ARG A 1 174 ? 5.102   15.899  -20.762 1.000 87.816 0 174 ARG A CD  1 ? 
ATOM   1323 N NE  . ARG A 1 174 ? 5.424   14.561  -20.286 1.000 88.465 0 174 ARG A NE  1 ? 
ATOM   1324 C CZ  . ARG A 1 174 ? 4.531   13.606  -20.049 1.000 88.341 0 174 ARG A CZ  1 ? 
ATOM   1325 N NH1 . ARG A 1 174 ? 3.242   13.838  -20.229 1.000 86.607 0 174 ARG A NH1 1 ? 
ATOM   1326 N NH2 . ARG A 1 174 ? 4.932   12.416  -19.634 1.000 89.633 0 174 ARG A NH2 1 ? 
HETATM 1327 O O   . HOH B 2 .   ? 7.871   -8.414  5.214   1.000 34.148 0 201 HOH A O   1 ? 
HETATM 1328 O O   . HOH B 2 .   ? -1.466  10.297  13.654  1.000 50.927 0 202 HOH A O   1 ? 
HETATM 1329 O O   . HOH B 2 .   ? 18.672  -3.410  8.612   0.500 43.777 0 203 HOH A O   1 ? 
HETATM 1330 O O   . HOH B 2 .   ? -8.946  -4.725  -14.714 1.000 30.985 0 204 HOH A O   1 ? 
HETATM 1331 O O   . HOH B 2 .   ? 5.552   -6.290  -5.336  1.000 28.754 0 205 HOH A O   1 ? 
HETATM 1332 O O   . HOH B 2 .   ? 5.337   -4.855  -15.812 1.000 46.765 0 206 HOH A O   1 ? 
HETATM 1333 O O   . HOH B 2 .   ? -0.899  17.309  -1.523  1.000 41.833 0 207 HOH A O   1 ? 
HETATM 1334 O O   . HOH B 2 .   ? -11.840 2.631   8.969   1.000 41.798 0 208 HOH A O   1 ? 
HETATM 1335 O O   . HOH B 2 .   ? 10.202  3.824   4.950   1.000 37.712 0 209 HOH A O   1 ? 
HETATM 1336 O O   . HOH B 2 .   ? -8.819  -6.179  8.230   1.000 43.045 0 210 HOH A O   1 ? 
HETATM 1337 O O   . HOH B 2 .   ? 6.485   -3.405  0.464   1.000 32.056 0 211 HOH A O   1 ? 
HETATM 1338 O O   . HOH B 2 .   ? 9.991   -10.763 16.806  1.000 49.365 0 212 HOH A O   1 ? 
HETATM 1339 O O   . HOH B 2 .   ? -10.476 7.434   -10.164 1.000 46.796 0 213 HOH A O   1 ? 
HETATM 1340 O O   . HOH B 2 .   ? 1.905   3.575   13.096  1.000 44.219 0 214 HOH A O   1 ? 
HETATM 1341 O O   . HOH B 2 .   ? -8.825  -5.654  5.378   1.000 30.955 0 215 HOH A O   1 ? 
HETATM 1342 O O   . HOH B 2 .   ? 7.889   -3.719  -7.246  1.000 41.009 0 216 HOH A O   1 ? 
HETATM 1343 O O   . HOH B 2 .   ? 3.914   18.380  -5.856  1.000 42.708 0 217 HOH A O   1 ? 
HETATM 1344 O O   . HOH B 2 .   ? 10.985  17.913  -1.525  1.000 43.303 0 218 HOH A O   1 ? 
HETATM 1345 O O   . HOH B 2 .   ? -13.075 2.654   0.730   1.000 42.928 0 219 HOH A O   1 ? 
HETATM 1346 O O   . HOH B 2 .   ? 6.570   -4.379  -13.065 1.000 31.855 0 220 HOH A O   1 ? 
HETATM 1347 O O   . HOH B 2 .   ? -14.835 2.699   -7.979  1.000 35.937 0 221 HOH A O   1 ? 
HETATM 1348 O O   . HOH B 2 .   ? 1.013   5.884   -15.890 1.000 50.498 0 222 HOH A O   1 ? 
HETATM 1349 O O   . HOH B 2 .   ? 16.166  16.632  -6.216  1.000 49.932 0 223 HOH A O   1 ? 
HETATM 1350 O O   . HOH B 2 .   ? 7.221   -14.322 2.736   1.000 37.613 0 224 HOH A O   1 ? 
HETATM 1351 O O   . HOH B 2 .   ? 13.826  6.332   -1.061  1.000 48.342 0 225 HOH A O   1 ? 
HETATM 1352 O O   . HOH B 2 .   ? -1.806  18.918  4.487   1.000 52.800 0 226 HOH A O   1 ? 
HETATM 1353 O O   . HOH B 2 .   ? 6.382   3.725   -6.529  1.000 31.920 0 227 HOH A O   1 ? 
HETATM 1354 O O   . HOH B 2 .   ? -14.686 -4.039  0.793   1.000 48.711 0 228 HOH A O   1 ? 
HETATM 1355 O O   . HOH B 2 .   ? -1.472  2.898   -16.392 1.000 32.415 0 229 HOH A O   1 ? 
HETATM 1356 O O   . HOH B 2 .   ? -11.521 -10.979 -1.955  1.000 41.359 0 230 HOH A O   1 ? 
HETATM 1357 O O   . HOH B 2 .   ? -10.195 10.726  2.686   1.000 51.639 0 231 HOH A O   1 ? 
HETATM 1358 O O   . HOH B 2 .   ? -9.597  -9.744  6.888   1.000 41.260 0 232 HOH A O   1 ? 
HETATM 1359 O O   . HOH B 2 .   ? -7.694  -9.202  -1.046  1.000 42.347 0 233 HOH A O   1 ? 
HETATM 1360 O O   . HOH B 2 .   ? 2.558   -14.344 7.556   1.000 26.325 0 234 HOH A O   1 ? 
HETATM 1361 O O   . HOH B 2 .   ? -0.590  -20.126 -3.903  1.000 50.111 0 235 HOH A O   1 ? 
HETATM 1362 O O   . HOH B 2 .   ? -14.204 -8.833  -2.892  1.000 32.908 0 236 HOH A O   1 ? 
HETATM 1363 O O   . HOH B 2 .   ? 7.996   21.292  0.538   1.000 43.469 0 237 HOH A O   1 ? 
HETATM 1364 O O   . HOH B 2 .   ? -4.978  13.037  13.643  1.000 44.811 0 238 HOH A O   1 ? 
HETATM 1365 O O   . HOH B 2 .   ? -11.298 7.931   -1.635  1.000 53.538 0 239 HOH A O   1 ? 
HETATM 1366 O O   . HOH B 2 .   ? 0.833   5.584   11.879  1.000 45.530 0 240 HOH A O   1 ? 
HETATM 1367 O O   . HOH B 2 .   ? -11.319 1.109   11.614  1.000 46.287 0 241 HOH A O   1 ? 
HETATM 1368 O O   . HOH B 2 .   ? -7.273  -2.345  -14.921 1.000 33.105 0 242 HOH A O   1 ? 
HETATM 1369 O O   . HOH B 2 .   ? -0.525  8.652   -15.477 1.000 41.266 0 243 HOH A O   1 ? 
HETATM 1370 O O   . HOH B 2 .   ? -6.593  -14.733 3.553   1.000 50.082 0 244 HOH A O   1 ? 
HETATM 1371 O O   . HOH B 2 .   ? 12.769  -12.389 7.347   1.000 44.107 0 245 HOH A O   1 ? 
HETATM 1372 O O   . HOH B 2 .   ? 6.494   -6.626  0.079   1.000 32.417 0 246 HOH A O   1 ? 
HETATM 1373 O O   . HOH B 2 .   ? 6.758   -2.372  -2.432  1.000 56.436 0 247 HOH A O   1 ? 
HETATM 1374 O O   . HOH B 2 .   ? -12.958 -2.423  -13.522 1.000 44.641 0 248 HOH A O   1 ? 
HETATM 1375 O O   . HOH B 2 .   ? 9.150   -7.019  2.697   1.000 48.740 0 249 HOH A O   1 ? 
# 
